data_4MRV
#
_entry.id   4MRV
#
_cell.length_a   322.438
_cell.length_b   95.625
_cell.length_c   78.906
_cell.angle_alpha   90.00
_cell.angle_beta   101.52
_cell.angle_gamma   90.00
#
_symmetry.space_group_name_H-M   'C 1 2 1'
#
loop_
_entity.id
_entity.type
_entity.pdbx_description
1 polymer 'ABC transporter related protein'
2 non-polymer 'mercury bis(L-gamma-glutamyl-3-sulfido-L-alanylglycine)'
3 non-polymer 'LAURYL DIMETHYLAMINE-N-OXIDE'
4 non-polymer 'PHOSPHATE ION'
5 water water
#
_entity_poly.entity_id   1
_entity_poly.type   'polypeptide(L)'
_entity_poly.pdbx_seq_one_letter_code
;(MSE)PPETATNPKDARHDGWQTLKRFLPYLWPADNAVLRRRVVGAIL(MSE)VLLGKATTLALPFAYKKAVDA(MSE)T
LGGGAQPALTVALAFVLAYALGRFSGVLFDNLRNIVFERVGQDATRHLAENVFARLHKLSLRFHLARRTGEVTKVIERGT
KSIDT(MSE)LYFLLFNIAPTVIELTAVIVIFWLNFGLGLVTATILAVIAYVWTTRTITEWRTHLREK(MSE)NRLDGQA
LARAVDSLLNYETVKYFGAESREEARYASAARAYADAAVKSENSLGLLNIAQALIVNLL(MSE)AGA(MSE)AWTVYGWS
QGKLTVGDLVFVNTYLTQLFRPLD(MSE)LG(MSE)VYRTIRQGLID(MSE)AE(MSE)FRLIDTHIEVADVPNAPALVV
NRPSVTFDNVVFGYDRDREILHGLSFEVAAGSRVAIVGPSGAGKSTIARLLFRFYDPWEGRILIDGQDIAHVTQTSLRAA
LGIVPQDSVLFNDTIGYNIAYGRDGASRAEVDAAAKGAAIADFIARLPQGYDTEVGERGLKLSGGEKQRVAIARTLVKNP
PILLFDEATSALDTRTEQDILST(MSE)RAVASHRTTISIAHRLSTIADSDTILVLDQGRLAEQGSHLDLLRRDGLYAE
(MSE)WARQAAESAEVSEAAEHHHHHH
;
_entity_poly.pdbx_strand_id   A,B
#
loop_
_chem_comp.id
_chem_comp.type
_chem_comp.name
_chem_comp.formula
HGD non-polymer 'mercury bis(L-gamma-glutamyl-3-sulfido-L-alanylglycine)' 'C20 H32 Hg N6 O12 S2'
LDA non-polymer 'LAURYL DIMETHYLAMINE-N-OXIDE' 'C14 H31 N O'
PO4 non-polymer 'PHOSPHATE ION' 'O4 P -3'
#
# COMPACT_ATOMS: atom_id res chain seq x y z
N ASN A 8 -12.52 31.12 21.84
CA ASN A 8 -12.35 29.72 21.47
C ASN A 8 -11.51 29.66 20.21
N PRO A 9 -10.43 28.86 20.24
CA PRO A 9 -9.55 28.66 19.08
C PRO A 9 -10.30 27.99 17.92
N LYS A 10 -11.32 27.18 18.23
CA LYS A 10 -12.15 26.55 17.19
C LYS A 10 -13.02 27.59 16.47
N ASP A 11 -13.26 28.72 17.13
CA ASP A 11 -14.02 29.81 16.55
C ASP A 11 -13.13 30.72 15.72
N ALA A 12 -12.74 30.23 14.54
CA ALA A 12 -11.83 30.95 13.69
C ALA A 12 -11.98 30.45 12.27
N ARG A 13 -11.32 31.12 11.35
CA ARG A 13 -11.32 30.74 9.94
C ARG A 13 -10.62 29.38 9.85
N HIS A 14 -11.10 28.52 8.96
CA HIS A 14 -10.55 27.18 8.81
C HIS A 14 -9.37 27.19 7.84
N ASP A 15 -8.24 27.77 8.26
CA ASP A 15 -7.05 27.72 7.42
C ASP A 15 -5.87 27.02 8.10
N GLY A 16 -4.71 27.05 7.44
CA GLY A 16 -3.51 26.43 7.94
C GLY A 16 -3.07 26.99 9.28
N TRP A 17 -3.29 28.28 9.50
CA TRP A 17 -2.88 28.91 10.75
C TRP A 17 -3.61 28.30 11.92
N GLN A 18 -4.91 28.07 11.74
CA GLN A 18 -5.70 27.46 12.81
C GLN A 18 -5.25 26.04 13.11
N THR A 19 -4.96 25.29 12.04
CA THR A 19 -4.53 23.91 12.17
C THR A 19 -3.26 23.87 12.99
N LEU A 20 -2.32 24.78 12.66
CA LEU A 20 -1.05 24.86 13.37
C LEU A 20 -1.22 25.24 14.82
N LYS A 21 -2.07 26.22 15.09
CA LYS A 21 -2.35 26.66 16.45
C LYS A 21 -2.96 25.53 17.26
N ARG A 22 -3.79 24.70 16.62
CA ARG A 22 -4.31 23.51 17.26
C ARG A 22 -3.20 22.52 17.58
N PHE A 23 -2.25 22.35 16.67
CA PHE A 23 -1.15 21.45 16.94
C PHE A 23 -0.17 21.92 18.01
N LEU A 24 -0.13 23.23 18.26
CA LEU A 24 0.93 23.80 19.12
C LEU A 24 0.98 23.22 20.54
N PRO A 25 -0.17 22.97 21.18
CA PRO A 25 -0.11 22.34 22.50
C PRO A 25 0.56 20.95 22.51
N TYR A 26 0.55 20.21 21.39
CA TYR A 26 1.29 18.95 21.31
C TYR A 26 2.79 19.17 21.34
N LEU A 27 3.25 20.20 20.64
CA LEU A 27 4.66 20.59 20.64
C LEU A 27 5.13 21.21 21.96
N TRP A 28 4.23 21.90 22.66
CA TRP A 28 4.54 22.57 23.92
C TRP A 28 3.61 22.05 24.99
N PRO A 29 3.85 20.81 25.44
CA PRO A 29 2.85 20.01 26.16
C PRO A 29 2.32 20.61 27.48
N ALA A 30 3.20 21.13 28.33
CA ALA A 30 2.82 21.63 29.66
C ALA A 30 2.47 20.44 30.57
N ASP A 31 2.73 19.24 30.06
CA ASP A 31 2.56 17.99 30.77
C ASP A 31 3.89 17.32 31.01
N ASN A 32 4.73 17.36 29.97
CA ASN A 32 5.98 16.61 29.92
C ASN A 32 7.23 17.34 30.40
N ALA A 33 7.33 18.63 30.09
CA ALA A 33 8.44 19.48 30.57
C ALA A 33 9.80 19.16 29.95
N VAL A 34 10.14 17.87 29.89
CA VAL A 34 11.41 17.45 29.34
C VAL A 34 11.37 17.86 27.88
N LEU A 35 10.22 17.60 27.26
CA LEU A 35 10.04 17.95 25.87
C LEU A 35 10.10 19.47 25.67
N ARG A 36 9.60 20.23 26.65
CA ARG A 36 9.65 21.70 26.55
C ARG A 36 11.11 22.15 26.55
N ARG A 37 11.92 21.51 27.39
CA ARG A 37 13.34 21.80 27.44
C ARG A 37 13.95 21.50 26.08
N ARG A 38 13.55 20.37 25.49
CA ARG A 38 14.11 19.98 24.20
C ARG A 38 13.77 21.02 23.14
N VAL A 39 12.56 21.56 23.23
CA VAL A 39 12.10 22.57 22.29
C VAL A 39 12.94 23.85 22.42
N VAL A 40 13.22 24.24 23.67
CA VAL A 40 14.04 25.41 23.93
C VAL A 40 15.44 25.18 23.37
N GLY A 41 16.00 24.00 23.66
CA GLY A 41 17.33 23.66 23.23
C GLY A 41 17.41 23.67 21.72
N ALA A 42 16.36 23.16 21.07
CA ALA A 42 16.32 23.12 19.62
C ALA A 42 16.31 24.54 19.05
N ILE A 43 15.53 25.41 19.67
CA ILE A 43 15.45 26.80 19.24
C ILE A 43 16.82 27.48 19.38
N LEU A 44 17.50 27.16 20.48
CA LEU A 44 18.85 27.67 20.70
C LEU A 44 19.82 27.18 19.63
N MSE A 45 19.66 25.94 19.18
CA MSE A 45 20.48 25.44 18.10
C MSE A 45 20.18 26.17 16.80
O MSE A 45 21.09 26.36 15.98
CB MSE A 45 20.30 23.93 17.89
CG MSE A 45 20.79 23.08 19.04
SE MSE A 45 22.42 23.76 19.83
CE MSE A 45 23.70 22.60 19.03
N VAL A 46 18.93 26.58 16.60
CA VAL A 46 18.58 27.35 15.41
C VAL A 46 19.33 28.66 15.44
N LEU A 47 19.28 29.32 16.59
CA LEU A 47 19.93 30.60 16.75
C LEU A 47 21.44 30.52 16.62
N LEU A 48 22.06 29.53 17.25
CA LEU A 48 23.52 29.37 17.13
C LEU A 48 23.86 29.14 15.67
N GLY A 49 23.09 28.26 15.03
CA GLY A 49 23.36 27.86 13.66
C GLY A 49 23.28 29.02 12.70
N LYS A 50 22.27 29.87 12.93
CA LYS A 50 22.12 31.09 12.13
C LYS A 50 23.22 32.12 12.37
N ALA A 51 23.58 32.28 13.64
CA ALA A 51 24.63 33.22 14.02
C ALA A 51 25.90 32.77 13.33
N THR A 52 26.16 31.47 13.36
CA THR A 52 27.34 30.92 12.72
C THR A 52 27.34 31.11 11.21
N THR A 53 26.23 30.78 10.56
CA THR A 53 26.24 30.92 9.10
C THR A 53 26.33 32.37 8.64
N LEU A 54 25.74 33.28 9.39
CA LEU A 54 25.85 34.69 9.09
C LEU A 54 27.28 35.24 9.35
N ALA A 55 27.90 34.74 10.41
CA ALA A 55 29.27 35.10 10.82
C ALA A 55 30.34 34.59 9.85
N LEU A 56 30.18 33.38 9.33
CA LEU A 56 31.26 32.79 8.55
C LEU A 56 31.68 33.52 7.23
N PRO A 57 30.72 34.18 6.53
CA PRO A 57 31.14 34.95 5.35
C PRO A 57 32.01 36.16 5.70
N PHE A 58 31.77 36.75 6.88
CA PHE A 58 32.62 37.85 7.33
C PHE A 58 34.06 37.36 7.50
N ALA A 59 34.23 36.14 8.01
CA ALA A 59 35.56 35.61 8.15
C ALA A 59 36.19 35.47 6.77
N TYR A 60 35.37 35.11 5.80
CA TYR A 60 35.85 35.02 4.43
C TYR A 60 36.22 36.41 3.89
N LYS A 61 35.36 37.40 4.16
CA LYS A 61 35.58 38.76 3.68
C LYS A 61 36.88 39.29 4.24
N LYS A 62 37.07 39.05 5.52
CA LYS A 62 38.26 39.53 6.20
C LYS A 62 39.52 38.90 5.64
N ALA A 63 39.47 37.62 5.33
CA ALA A 63 40.62 36.92 4.80
C ALA A 63 41.07 37.56 3.49
N VAL A 64 40.10 37.96 2.67
CA VAL A 64 40.37 38.60 1.39
C VAL A 64 40.96 40.00 1.59
N ASP A 65 40.42 40.69 2.58
CA ASP A 65 40.80 42.05 2.90
C ASP A 65 42.27 42.07 3.35
N ALA A 66 42.64 41.09 4.16
CA ALA A 66 44.01 40.97 4.65
C ALA A 66 44.97 40.74 3.48
N MSE A 67 44.50 40.08 2.44
CA MSE A 67 45.32 39.86 1.27
C MSE A 67 45.38 41.07 0.33
O MSE A 67 46.30 41.19 -0.46
CB MSE A 67 44.89 38.62 0.50
CG MSE A 67 44.88 37.37 1.37
SE MSE A 67 44.06 35.73 0.58
CE MSE A 67 42.46 36.53 -0.03
N THR A 68 44.41 41.99 0.41
CA THR A 68 44.41 43.08 -0.58
C THR A 68 44.64 44.47 0.00
N LEU A 69 44.43 44.59 1.31
CA LEU A 69 44.79 45.76 2.10
C LEU A 69 45.59 45.22 3.26
N GLY A 70 46.79 44.74 2.97
CA GLY A 70 47.62 44.15 3.99
C GLY A 70 48.37 45.21 4.76
N GLY A 71 47.81 46.42 4.88
CA GLY A 71 48.58 47.49 5.48
C GLY A 71 48.39 47.53 6.98
N GLY A 72 47.17 47.26 7.40
CA GLY A 72 46.87 47.26 8.81
C GLY A 72 46.76 45.85 9.33
N ALA A 73 46.77 44.89 8.41
CA ALA A 73 46.55 43.52 8.81
C ALA A 73 47.78 42.65 8.52
N GLN A 74 48.68 42.62 9.50
CA GLN A 74 49.99 41.99 9.35
C GLN A 74 50.39 41.23 10.60
N PRO A 75 51.21 40.18 10.44
CA PRO A 75 51.61 39.62 9.13
C PRO A 75 50.38 39.14 8.35
N ALA A 76 50.22 39.61 7.12
CA ALA A 76 49.01 39.33 6.34
C ALA A 76 48.78 37.84 6.14
N LEU A 77 49.86 37.07 6.04
CA LEU A 77 49.77 35.64 5.90
C LEU A 77 49.06 35.06 7.12
N THR A 78 49.47 35.53 8.30
CA THR A 78 48.89 35.05 9.55
C THR A 78 47.41 35.44 9.67
N VAL A 79 47.10 36.69 9.34
CA VAL A 79 45.74 37.22 9.45
C VAL A 79 44.79 36.46 8.50
N ALA A 80 45.25 36.28 7.26
CA ALA A 80 44.47 35.57 6.25
C ALA A 80 44.28 34.11 6.64
N LEU A 81 45.33 33.47 7.15
CA LEU A 81 45.24 32.08 7.57
C LEU A 81 44.22 31.92 8.70
N ALA A 82 44.31 32.79 9.69
CA ALA A 82 43.45 32.69 10.87
C ALA A 82 42.02 32.81 10.41
N PHE A 83 41.77 33.75 9.49
CA PHE A 83 40.43 33.93 8.97
C PHE A 83 39.90 32.76 8.11
N VAL A 84 40.79 32.18 7.30
CA VAL A 84 40.43 31.06 6.46
C VAL A 84 40.01 29.87 7.35
N LEU A 85 40.79 29.64 8.40
CA LEU A 85 40.51 28.57 9.35
C LEU A 85 39.23 28.87 10.08
N ALA A 86 38.99 30.16 10.38
CA ALA A 86 37.78 30.57 11.06
C ALA A 86 36.55 30.25 10.21
N TYR A 87 36.67 30.52 8.92
CA TYR A 87 35.60 30.30 7.98
C TYR A 87 35.25 28.80 7.87
N ALA A 88 36.28 27.97 7.71
CA ALA A 88 36.08 26.53 7.61
C ALA A 88 35.46 25.97 8.89
N LEU A 89 35.99 26.42 10.02
CA LEU A 89 35.48 25.99 11.31
C LEU A 89 34.02 26.39 11.44
N GLY A 90 33.69 27.56 10.88
CA GLY A 90 32.33 28.06 10.89
C GLY A 90 31.39 27.20 10.08
N ARG A 91 31.85 26.72 8.93
CA ARG A 91 31.01 25.89 8.08
C ARG A 91 30.67 24.60 8.83
N PHE A 92 31.72 23.98 9.34
CA PHE A 92 31.52 22.73 10.04
C PHE A 92 30.57 23.00 11.20
N SER A 93 30.76 24.14 11.85
CA SER A 93 29.98 24.44 13.03
C SER A 93 28.49 24.64 12.77
N GLY A 94 28.15 25.29 11.66
CA GLY A 94 26.76 25.47 11.31
C GLY A 94 26.09 24.14 11.03
N VAL A 95 26.81 23.26 10.35
CA VAL A 95 26.28 21.93 10.12
C VAL A 95 26.03 21.22 11.46
N LEU A 96 26.98 21.38 12.37
CA LEU A 96 26.89 20.73 13.68
C LEU A 96 25.67 21.19 14.45
N PHE A 97 25.45 22.50 14.43
CA PHE A 97 24.30 23.05 15.14
C PHE A 97 23.01 22.54 14.53
N ASP A 98 22.97 22.49 13.20
CA ASP A 98 21.74 22.09 12.52
C ASP A 98 21.32 20.65 12.84
N ASN A 99 22.29 19.76 12.78
CA ASN A 99 22.02 18.38 13.11
C ASN A 99 21.73 18.18 14.59
N LEU A 100 22.40 18.93 15.45
CA LEU A 100 22.10 18.82 16.87
C LEU A 100 20.67 19.27 17.11
N ARG A 101 20.25 20.26 16.35
CA ARG A 101 18.89 20.74 16.45
C ARG A 101 17.90 19.65 16.05
N ASN A 102 18.21 18.97 14.96
CA ASN A 102 17.34 17.89 14.49
C ASN A 102 17.23 16.77 15.50
N ILE A 103 18.38 16.38 16.02
CA ILE A 103 18.48 15.32 17.01
C ILE A 103 17.70 15.68 18.26
N VAL A 104 17.90 16.88 18.78
CA VAL A 104 17.23 17.32 19.99
C VAL A 104 15.72 17.41 19.81
N PHE A 105 15.29 17.89 18.64
CA PHE A 105 13.86 18.00 18.38
C PHE A 105 13.13 16.67 18.15
N GLU A 106 13.85 15.69 17.59
CA GLU A 106 13.19 14.56 16.95
C GLU A 106 12.21 13.83 17.89
N ARG A 107 12.58 13.75 19.17
CA ARG A 107 11.74 13.17 20.19
C ARG A 107 10.47 14.00 20.36
N VAL A 108 10.61 15.31 20.25
CA VAL A 108 9.48 16.20 20.40
C VAL A 108 8.49 15.93 19.26
N GLY A 109 9.03 15.85 18.05
CA GLY A 109 8.18 15.61 16.89
C GLY A 109 7.43 14.29 16.95
N GLN A 110 8.17 13.24 17.29
CA GLN A 110 7.62 11.91 17.35
C GLN A 110 6.56 11.84 18.43
N ASP A 111 6.83 12.45 19.57
CA ASP A 111 5.82 12.44 20.62
C ASP A 111 4.56 13.17 20.24
N ALA A 112 4.70 14.34 19.64
CA ALA A 112 3.56 15.17 19.31
C ALA A 112 2.67 14.49 18.33
N THR A 113 3.27 13.95 17.27
CA THR A 113 2.47 13.24 16.28
C THR A 113 1.87 11.94 16.83
N ARG A 114 2.59 11.27 17.73
CA ARG A 114 2.06 10.06 18.36
C ARG A 114 0.80 10.41 19.15
N HIS A 115 0.85 11.48 19.92
CA HIS A 115 -0.32 11.90 20.70
C HIS A 115 -1.49 12.33 19.84
N LEU A 116 -1.19 12.97 18.73
CA LEU A 116 -2.27 13.35 17.86
C LEU A 116 -2.93 12.07 17.36
N ALA A 117 -2.11 11.09 16.97
CA ALA A 117 -2.59 9.82 16.45
C ALA A 117 -3.44 9.05 17.49
N GLU A 118 -2.95 9.03 18.73
CA GLU A 118 -3.66 8.39 19.83
C GLU A 118 -5.02 9.08 20.13
N ASN A 119 -5.06 10.42 20.05
CA ASN A 119 -6.31 11.14 20.27
C ASN A 119 -7.35 10.80 19.20
N VAL A 120 -6.89 10.74 17.95
CA VAL A 120 -7.78 10.38 16.86
C VAL A 120 -8.28 8.92 16.99
N PHE A 121 -7.38 8.02 17.38
CA PHE A 121 -7.71 6.60 17.52
C PHE A 121 -8.78 6.42 18.58
N ALA A 122 -8.57 7.08 19.71
CA ALA A 122 -9.53 7.00 20.81
C ALA A 122 -10.85 7.54 20.32
N ARG A 123 -10.78 8.63 19.55
CA ARG A 123 -12.02 9.19 19.04
C ARG A 123 -12.78 8.24 18.15
N LEU A 124 -12.06 7.59 17.26
CA LEU A 124 -12.69 6.73 16.29
C LEU A 124 -13.44 5.64 17.01
N HIS A 125 -12.86 5.17 18.11
CA HIS A 125 -13.58 4.18 18.91
C HIS A 125 -14.82 4.76 19.58
N LYS A 126 -14.75 6.03 19.99
CA LYS A 126 -15.94 6.67 20.55
C LYS A 126 -17.10 6.98 19.57
N LEU A 127 -16.80 7.14 18.28
CA LEU A 127 -17.86 7.54 17.33
C LEU A 127 -18.91 6.45 17.04
N SER A 128 -20.03 6.83 16.44
CA SER A 128 -21.15 5.91 16.24
C SER A 128 -20.83 4.81 15.22
N LEU A 129 -21.49 3.68 15.37
CA LEU A 129 -21.33 2.55 14.46
C LEU A 129 -21.74 2.92 13.03
N ARG A 130 -22.58 3.94 12.89
CA ARG A 130 -23.18 4.25 11.60
C ARG A 130 -22.14 4.76 10.59
N PHE A 131 -20.94 5.06 11.07
CA PHE A 131 -19.84 5.37 10.16
C PHE A 131 -19.28 4.08 9.58
N HIS A 132 -19.91 2.96 9.97
CA HIS A 132 -19.74 1.65 9.35
C HIS A 132 -18.27 1.33 9.11
N LEU A 133 -17.49 1.32 10.20
CA LEU A 133 -16.05 1.19 10.10
C LEU A 133 -15.61 -0.25 9.83
N ALA A 134 -15.99 -0.74 8.65
CA ALA A 134 -15.50 -1.99 8.10
C ALA A 134 -15.38 -1.82 6.59
N ARG A 135 -14.15 -1.86 6.10
CA ARG A 135 -13.80 -1.49 4.73
C ARG A 135 -12.47 -2.15 4.44
N ARG A 136 -11.79 -1.78 3.36
CA ARG A 136 -10.60 -2.52 2.96
C ARG A 136 -9.30 -2.09 3.63
N THR A 137 -8.59 -3.10 4.16
CA THR A 137 -7.38 -2.91 4.95
C THR A 137 -6.26 -2.23 4.16
N GLY A 138 -6.07 -2.66 2.92
CA GLY A 138 -5.01 -2.14 2.08
C GLY A 138 -5.16 -0.66 1.76
N GLU A 139 -6.38 -0.25 1.41
CA GLU A 139 -6.66 1.13 1.08
C GLU A 139 -6.43 2.02 2.30
N VAL A 140 -6.99 1.61 3.43
CA VAL A 140 -6.88 2.37 4.67
C VAL A 140 -5.43 2.53 5.04
N THR A 141 -4.71 1.42 4.99
CA THR A 141 -3.32 1.40 5.40
C THR A 141 -2.44 2.29 4.53
N LYS A 142 -2.65 2.22 3.22
CA LYS A 142 -1.90 3.05 2.30
C LYS A 142 -2.23 4.54 2.53
N VAL A 143 -3.51 4.86 2.76
CA VAL A 143 -3.93 6.24 3.05
C VAL A 143 -3.27 6.79 4.31
N ILE A 144 -3.31 6.00 5.39
CA ILE A 144 -2.73 6.40 6.66
C ILE A 144 -1.21 6.51 6.57
N GLU A 145 -0.58 5.62 5.80
CA GLU A 145 0.87 5.69 5.60
C GLU A 145 1.22 6.99 4.88
N ARG A 146 0.38 7.30 3.90
CA ARG A 146 0.50 8.49 3.08
C ARG A 146 0.35 9.74 3.93
N GLY A 147 -0.65 9.73 4.82
CA GLY A 147 -0.89 10.84 5.73
C GLY A 147 0.20 11.04 6.74
N THR A 148 0.75 9.95 7.26
CA THR A 148 1.81 10.01 8.25
C THR A 148 3.05 10.65 7.65
N LYS A 149 3.42 10.15 6.46
CA LYS A 149 4.58 10.68 5.78
C LYS A 149 4.35 12.16 5.49
N SER A 150 3.12 12.47 5.11
CA SER A 150 2.74 13.83 4.77
C SER A 150 2.88 14.82 5.92
N ILE A 151 2.31 14.48 7.06
CA ILE A 151 2.37 15.34 8.24
C ILE A 151 3.80 15.50 8.78
N ASP A 152 4.55 14.41 8.82
CA ASP A 152 5.91 14.46 9.32
C ASP A 152 6.72 15.41 8.41
N THR A 153 6.56 15.24 7.11
CA THR A 153 7.34 16.06 6.19
C THR A 153 6.98 17.53 6.35
N MSE A 154 5.68 17.85 6.43
CA MSE A 154 5.36 19.27 6.62
C MSE A 154 5.93 19.80 7.93
O MSE A 154 6.38 20.95 7.94
CB MSE A 154 3.87 19.62 6.46
CG MSE A 154 3.05 19.26 7.68
SE MSE A 154 2.22 20.73 8.69
CE MSE A 154 3.81 21.63 9.08
N LEU A 155 5.89 19.04 9.02
CA LEU A 155 6.44 19.54 10.28
C LEU A 155 7.88 19.89 10.13
N TYR A 156 8.64 18.97 9.53
CA TYR A 156 10.06 19.22 9.41
C TYR A 156 10.34 20.45 8.55
N PHE A 157 9.66 20.56 7.41
CA PHE A 157 9.86 21.71 6.55
C PHE A 157 9.44 23.01 7.24
N LEU A 158 8.35 23.00 7.98
CA LEU A 158 7.95 24.22 8.66
C LEU A 158 8.95 24.66 9.69
N LEU A 159 9.29 23.77 10.59
CA LEU A 159 10.16 24.13 11.70
C LEU A 159 11.60 24.42 11.25
N PHE A 160 12.12 23.60 10.36
CA PHE A 160 13.54 23.61 10.04
C PHE A 160 13.94 24.04 8.62
N ASN A 161 12.98 24.55 7.84
CA ASN A 161 13.29 25.13 6.53
C ASN A 161 12.70 26.53 6.39
N ILE A 162 11.38 26.63 6.52
CA ILE A 162 10.71 27.91 6.37
C ILE A 162 11.13 28.92 7.45
N ALA A 163 11.03 28.53 8.71
CA ALA A 163 11.31 29.45 9.80
C ALA A 163 12.78 29.92 9.86
N PRO A 164 13.75 28.97 9.76
CA PRO A 164 15.15 29.41 9.78
C PRO A 164 15.39 30.37 8.62
N THR A 165 14.80 30.10 7.47
CA THR A 165 14.93 30.96 6.31
C THR A 165 14.32 32.34 6.55
N VAL A 166 13.25 32.41 7.33
CA VAL A 166 12.69 33.72 7.67
C VAL A 166 13.69 34.52 8.54
N ILE A 167 14.28 33.83 9.52
CA ILE A 167 15.25 34.47 10.40
C ILE A 167 16.45 34.96 9.56
N GLU A 168 16.95 34.08 8.71
CA GLU A 168 18.06 34.43 7.85
C GLU A 168 17.72 35.57 6.90
N LEU A 169 16.53 35.55 6.32
CA LEU A 169 16.15 36.56 5.35
C LEU A 169 16.09 37.93 6.02
N THR A 170 15.51 37.98 7.21
CA THR A 170 15.44 39.25 7.94
C THR A 170 16.86 39.73 8.28
N ALA A 171 17.68 38.79 8.76
CA ALA A 171 19.04 39.12 9.19
C ALA A 171 19.82 39.69 8.02
N VAL A 172 19.68 39.04 6.88
CA VAL A 172 20.34 39.47 5.66
C VAL A 172 19.81 40.85 5.27
N ILE A 173 18.53 41.12 5.49
CA ILE A 173 17.99 42.46 5.20
C ILE A 173 18.60 43.56 6.11
N VAL A 174 18.69 43.29 7.41
CA VAL A 174 19.27 44.21 8.37
C VAL A 174 20.76 44.48 8.07
N ILE A 175 21.48 43.40 7.77
CA ILE A 175 22.91 43.49 7.46
C ILE A 175 23.16 44.24 6.14
N PHE A 176 22.44 43.87 5.08
CA PHE A 176 22.56 44.53 3.78
C PHE A 176 22.17 46.00 3.97
N TRP A 177 21.29 46.23 4.94
CA TRP A 177 20.84 47.57 5.27
C TRP A 177 21.98 48.40 5.87
N LEU A 178 22.56 47.91 6.95
CA LEU A 178 23.60 48.61 7.69
C LEU A 178 24.86 48.82 6.84
N ASN A 179 25.19 47.85 6.01
CA ASN A 179 26.48 47.92 5.32
C ASN A 179 26.50 48.14 3.81
N PHE A 180 25.35 48.30 3.17
CA PHE A 180 25.35 48.48 1.73
C PHE A 180 24.10 49.22 1.28
N GLY A 181 23.96 49.34 -0.04
CA GLY A 181 22.70 49.75 -0.63
C GLY A 181 22.22 51.14 -0.28
N LEU A 182 20.96 51.26 0.14
CA LEU A 182 20.08 50.16 0.48
C LEU A 182 19.33 49.70 -0.76
N GLY A 183 19.85 50.07 -1.92
CA GLY A 183 19.32 49.59 -3.18
C GLY A 183 19.43 48.08 -3.16
N LEU A 184 20.50 47.58 -2.52
CA LEU A 184 20.77 46.15 -2.42
C LEU A 184 19.64 45.44 -1.66
N VAL A 185 19.19 46.07 -0.57
CA VAL A 185 18.14 45.52 0.27
C VAL A 185 16.88 45.34 -0.58
N THR A 186 16.55 46.40 -1.31
CA THR A 186 15.37 46.40 -2.17
C THR A 186 15.50 45.34 -3.25
N ALA A 187 16.69 45.22 -3.83
CA ALA A 187 16.90 44.29 -4.93
C ALA A 187 16.70 42.83 -4.50
N THR A 188 17.31 42.48 -3.37
CA THR A 188 17.17 41.12 -2.86
C THR A 188 15.73 40.83 -2.42
N ILE A 189 15.08 41.81 -1.78
CA ILE A 189 13.70 41.61 -1.36
C ILE A 189 12.75 41.42 -2.56
N LEU A 190 12.97 42.20 -3.61
CA LEU A 190 12.21 42.08 -4.84
C LEU A 190 12.44 40.69 -5.41
N ALA A 191 13.69 40.24 -5.31
CA ALA A 191 14.11 38.95 -5.85
C ALA A 191 13.41 37.78 -5.13
N VAL A 192 13.38 37.86 -3.80
CA VAL A 192 12.75 36.84 -2.98
C VAL A 192 11.25 36.82 -3.28
N ILE A 193 10.66 38.00 -3.45
CA ILE A 193 9.23 38.09 -3.73
C ILE A 193 8.92 37.44 -5.08
N ALA A 194 9.73 37.76 -6.09
CA ALA A 194 9.52 37.17 -7.40
C ALA A 194 9.70 35.65 -7.32
N TYR A 195 10.70 35.22 -6.54
CA TYR A 195 11.06 33.82 -6.44
C TYR A 195 9.90 33.02 -5.83
N VAL A 196 9.38 33.52 -4.72
CA VAL A 196 8.26 32.88 -4.05
C VAL A 196 7.06 32.84 -4.96
N TRP A 197 6.72 33.97 -5.56
CA TRP A 197 5.52 34.01 -6.38
C TRP A 197 5.61 33.04 -7.58
N THR A 198 6.75 33.06 -8.27
CA THR A 198 6.98 32.21 -9.44
C THR A 198 6.93 30.74 -9.05
N THR A 199 7.60 30.42 -7.95
CA THR A 199 7.67 29.05 -7.47
C THR A 199 6.27 28.56 -7.18
N ARG A 200 5.49 29.36 -6.48
CA ARG A 200 4.14 28.96 -6.07
C ARG A 200 3.21 28.76 -7.27
N THR A 201 3.18 29.73 -8.18
CA THR A 201 2.28 29.59 -9.32
C THR A 201 2.66 28.40 -10.18
N ILE A 202 3.97 28.20 -10.40
CA ILE A 202 4.41 27.00 -11.14
C ILE A 202 4.07 25.69 -10.41
N THR A 203 4.24 25.71 -9.10
CA THR A 203 4.00 24.54 -8.25
C THR A 203 2.56 24.06 -8.29
N GLU A 204 1.59 24.99 -8.34
CA GLU A 204 0.20 24.54 -8.38
C GLU A 204 -0.08 23.72 -9.64
N TRP A 205 0.43 24.24 -10.76
CA TRP A 205 0.32 23.56 -12.04
C TRP A 205 1.01 22.20 -12.01
N ARG A 206 2.22 22.18 -11.45
CA ARG A 206 3.01 20.97 -11.39
C ARG A 206 2.34 19.89 -10.55
N THR A 207 1.74 20.30 -9.43
CA THR A 207 1.06 19.41 -8.51
C THR A 207 -0.14 18.76 -9.22
N HIS A 208 -0.82 19.55 -10.03
CA HIS A 208 -1.91 18.97 -10.81
C HIS A 208 -1.39 17.88 -11.78
N LEU A 209 -0.28 18.18 -12.46
CA LEU A 209 0.32 17.19 -13.39
C LEU A 209 0.75 15.92 -12.64
N ARG A 210 1.23 16.11 -11.42
CA ARG A 210 1.65 15.04 -10.56
C ARG A 210 0.47 14.14 -10.25
N GLU A 211 -0.67 14.73 -9.93
CA GLU A 211 -1.86 13.96 -9.61
C GLU A 211 -2.28 13.12 -10.81
N LYS A 212 -2.28 13.73 -12.00
CA LYS A 212 -2.69 12.98 -13.18
C LYS A 212 -1.77 11.78 -13.44
N MSE A 213 -0.47 12.05 -13.36
CA MSE A 213 0.56 11.02 -13.47
C MSE A 213 0.28 9.87 -12.51
O MSE A 213 0.22 8.70 -12.90
CB MSE A 213 1.92 11.62 -13.18
CG MSE A 213 3.05 10.63 -13.15
SE MSE A 213 4.71 11.38 -12.45
CE MSE A 213 4.27 11.25 -10.55
N ASN A 214 0.10 10.19 -11.23
CA ASN A 214 -0.10 9.18 -10.21
C ASN A 214 -1.33 8.32 -10.52
N ARG A 215 -2.41 8.96 -10.94
CA ARG A 215 -3.64 8.23 -11.23
C ARG A 215 -3.44 7.24 -12.40
N LEU A 216 -2.72 7.69 -13.42
CA LEU A 216 -2.41 6.81 -14.56
C LEU A 216 -1.51 5.63 -14.16
N ASP A 217 -0.58 5.90 -13.24
CA ASP A 217 0.30 4.85 -12.77
C ASP A 217 -0.50 3.76 -12.07
N GLY A 218 -1.43 4.18 -11.21
CA GLY A 218 -2.25 3.23 -10.49
C GLY A 218 -3.07 2.40 -11.46
N GLN A 219 -3.59 3.05 -12.50
CA GLN A 219 -4.38 2.31 -13.48
C GLN A 219 -3.56 1.23 -14.20
N ALA A 220 -2.33 1.57 -14.59
CA ALA A 220 -1.45 0.61 -15.27
C ALA A 220 -1.10 -0.58 -14.36
N LEU A 221 -0.77 -0.25 -13.12
CA LEU A 221 -0.42 -1.25 -12.14
C LEU A 221 -1.57 -2.20 -11.86
N ALA A 222 -2.78 -1.64 -11.76
CA ALA A 222 -3.98 -2.42 -11.52
C ALA A 222 -4.28 -3.36 -12.68
N ARG A 223 -4.10 -2.91 -13.92
CA ARG A 223 -4.31 -3.83 -15.03
C ARG A 223 -3.33 -4.99 -14.94
N ALA A 224 -2.06 -4.66 -14.73
CA ALA A 224 -1.06 -5.72 -14.63
C ALA A 224 -1.37 -6.73 -13.52
N VAL A 225 -1.72 -6.20 -12.34
CA VAL A 225 -2.00 -7.05 -11.21
C VAL A 225 -3.25 -7.89 -11.42
N ASP A 226 -4.28 -7.31 -12.06
CA ASP A 226 -5.50 -8.10 -12.28
C ASP A 226 -5.16 -9.28 -13.20
N SER A 227 -4.34 -9.01 -14.21
CA SER A 227 -3.93 -10.04 -15.15
C SER A 227 -3.12 -11.19 -14.48
N LEU A 228 -2.13 -10.78 -13.69
CA LEU A 228 -1.26 -11.74 -13.01
C LEU A 228 -1.99 -12.56 -11.98
N LEU A 229 -2.91 -11.95 -11.25
CA LEU A 229 -3.67 -12.72 -10.29
C LEU A 229 -4.67 -13.60 -11.03
N ASN A 230 -4.90 -13.33 -12.32
CA ASN A 230 -5.83 -14.13 -13.12
C ASN A 230 -5.16 -14.93 -14.23
N TYR A 231 -3.95 -15.39 -13.95
CA TYR A 231 -3.14 -16.13 -14.91
C TYR A 231 -3.91 -17.35 -15.48
N GLU A 232 -4.69 -18.05 -14.65
CA GLU A 232 -5.47 -19.22 -15.12
C GLU A 232 -6.50 -18.88 -16.19
N THR A 233 -7.31 -17.85 -15.93
CA THR A 233 -8.35 -17.41 -16.84
C THR A 233 -7.73 -16.86 -18.11
N VAL A 234 -6.60 -16.13 -17.95
CA VAL A 234 -5.90 -15.60 -19.11
C VAL A 234 -5.40 -16.75 -19.99
N LYS A 235 -4.94 -17.82 -19.34
CA LYS A 235 -4.57 -19.03 -20.05
C LYS A 235 -5.71 -19.72 -20.75
N TYR A 236 -6.85 -19.82 -20.07
CA TYR A 236 -8.02 -20.54 -20.57
C TYR A 236 -8.54 -19.96 -21.86
N PHE A 237 -8.35 -18.65 -22.01
CA PHE A 237 -8.87 -17.98 -23.17
C PHE A 237 -7.82 -17.51 -24.14
N GLY A 238 -6.59 -17.97 -23.90
CA GLY A 238 -5.47 -17.66 -24.76
C GLY A 238 -5.31 -16.15 -24.88
N ALA A 239 -5.49 -15.43 -23.78
CA ALA A 239 -5.62 -13.98 -23.83
C ALA A 239 -4.31 -13.21 -23.48
N GLU A 240 -3.16 -13.89 -23.58
CA GLU A 240 -1.87 -13.30 -23.18
C GLU A 240 -1.47 -12.05 -23.95
N SER A 241 -1.57 -12.11 -25.27
CA SER A 241 -1.27 -10.96 -26.11
C SER A 241 -2.23 -9.83 -25.82
N ARG A 242 -3.47 -10.20 -25.57
CA ARG A 242 -4.50 -9.22 -25.32
C ARG A 242 -4.14 -8.48 -24.03
N GLU A 243 -3.79 -9.24 -23.00
CA GLU A 243 -3.43 -8.66 -21.71
C GLU A 243 -2.16 -7.84 -21.78
N GLU A 244 -1.22 -8.28 -22.61
CA GLU A 244 0.01 -7.54 -22.82
C GLU A 244 -0.26 -6.18 -23.45
N ALA A 245 -1.10 -6.16 -24.47
CA ALA A 245 -1.44 -4.92 -25.15
C ALA A 245 -2.18 -3.98 -24.21
N ARG A 246 -3.04 -4.59 -23.41
CA ARG A 246 -3.83 -3.87 -22.43
C ARG A 246 -2.90 -3.24 -21.37
N TYR A 247 -1.86 -3.95 -20.95
CA TYR A 247 -0.89 -3.31 -20.06
C TYR A 247 -0.14 -2.21 -20.77
N ALA A 248 0.29 -2.48 -21.99
CA ALA A 248 1.16 -1.55 -22.71
C ALA A 248 0.49 -0.19 -22.93
N SER A 249 -0.80 -0.22 -23.21
CA SER A 249 -1.56 1.00 -23.47
C SER A 249 -1.57 1.92 -22.25
N ALA A 250 -1.84 1.32 -21.09
CA ALA A 250 -1.88 2.04 -19.82
C ALA A 250 -0.48 2.51 -19.47
N ALA A 251 0.50 1.69 -19.77
CA ALA A 251 1.87 1.99 -19.44
C ALA A 251 2.35 3.20 -20.26
N ARG A 252 1.96 3.26 -21.51
CA ARG A 252 2.27 4.42 -22.33
C ARG A 252 1.57 5.67 -21.83
N ALA A 253 0.30 5.53 -21.43
CA ALA A 253 -0.41 6.69 -20.90
C ALA A 253 0.33 7.24 -19.67
N TYR A 254 0.77 6.32 -18.81
CA TYR A 254 1.52 6.72 -17.62
C TYR A 254 2.84 7.41 -17.98
N ALA A 255 3.57 6.83 -18.93
CA ALA A 255 4.87 7.36 -19.31
C ALA A 255 4.72 8.78 -19.87
N ASP A 256 3.66 9.02 -20.66
CA ASP A 256 3.42 10.34 -21.21
C ASP A 256 3.20 11.32 -20.07
N ALA A 257 2.36 10.92 -19.13
CA ALA A 257 2.08 11.82 -18.02
C ALA A 257 3.34 12.14 -17.19
N ALA A 258 4.17 11.12 -16.97
CA ALA A 258 5.40 11.25 -16.20
C ALA A 258 6.37 12.18 -16.92
N VAL A 259 6.45 12.06 -18.23
CA VAL A 259 7.34 12.90 -19.02
C VAL A 259 6.92 14.36 -18.85
N LYS A 260 5.62 14.63 -18.93
CA LYS A 260 5.14 16.00 -18.75
C LYS A 260 5.45 16.55 -17.35
N SER A 261 5.22 15.72 -16.35
CA SER A 261 5.41 16.15 -14.97
C SER A 261 6.91 16.49 -14.72
N GLU A 262 7.80 15.60 -15.16
CA GLU A 262 9.24 15.82 -15.00
C GLU A 262 9.74 17.00 -15.82
N ASN A 263 9.17 17.21 -16.99
CA ASN A 263 9.55 18.35 -17.80
C ASN A 263 9.22 19.66 -17.06
N SER A 264 8.03 19.68 -16.46
CA SER A 264 7.62 20.90 -15.77
C SER A 264 8.59 21.19 -14.63
N LEU A 265 9.16 20.13 -14.05
CA LEU A 265 10.18 20.37 -13.01
C LEU A 265 11.33 21.20 -13.56
N GLY A 266 11.74 20.89 -14.79
CA GLY A 266 12.80 21.61 -15.48
C GLY A 266 12.43 23.08 -15.65
N LEU A 267 11.16 23.32 -15.99
CA LEU A 267 10.72 24.70 -16.10
C LEU A 267 10.81 25.48 -14.77
N LEU A 268 10.37 24.87 -13.67
CA LEU A 268 10.48 25.58 -12.39
C LEU A 268 11.94 25.87 -12.02
N ASN A 269 12.80 24.89 -12.27
CA ASN A 269 14.19 25.06 -11.91
C ASN A 269 14.85 26.19 -12.73
N ILE A 270 14.55 26.21 -14.02
CA ILE A 270 15.06 27.26 -14.90
C ILE A 270 14.55 28.65 -14.49
N ALA A 271 13.27 28.75 -14.16
CA ALA A 271 12.75 30.05 -13.74
C ALA A 271 13.46 30.50 -12.47
N GLN A 272 13.66 29.58 -11.53
CA GLN A 272 14.32 29.92 -10.28
C GLN A 272 15.76 30.42 -10.52
N ALA A 273 16.49 29.73 -11.41
CA ALA A 273 17.85 30.07 -11.73
C ALA A 273 17.94 31.44 -12.41
N LEU A 274 16.96 31.74 -13.24
CA LEU A 274 16.94 33.04 -13.88
C LEU A 274 16.81 34.12 -12.83
N ILE A 275 15.84 33.97 -11.92
CA ILE A 275 15.67 35.02 -10.90
C ILE A 275 16.93 35.18 -10.01
N VAL A 276 17.43 34.05 -9.52
CA VAL A 276 18.56 34.04 -8.61
C VAL A 276 19.76 34.70 -9.30
N ASN A 277 20.05 34.28 -10.52
CA ASN A 277 21.22 34.77 -11.22
C ASN A 277 21.15 36.23 -11.74
N LEU A 278 19.94 36.71 -12.02
CA LEU A 278 19.81 38.13 -12.31
C LEU A 278 20.22 38.88 -11.04
N LEU A 279 19.71 38.41 -9.90
CA LEU A 279 20.05 39.09 -8.65
C LEU A 279 21.56 39.04 -8.40
N MSE A 280 22.14 37.87 -8.61
CA MSE A 280 23.58 37.69 -8.46
C MSE A 280 24.36 38.68 -9.33
O MSE A 280 25.34 39.29 -8.88
CB MSE A 280 23.96 36.27 -8.87
CG MSE A 280 25.32 35.82 -8.32
SE MSE A 280 25.27 35.70 -6.37
CE MSE A 280 23.84 34.39 -6.18
N ALA A 281 23.94 38.82 -10.58
CA ALA A 281 24.63 39.69 -11.52
C ALA A 281 24.60 41.12 -10.99
N GLY A 282 23.39 41.57 -10.64
CA GLY A 282 23.22 42.94 -10.19
C GLY A 282 23.97 43.24 -8.92
N ALA A 283 23.88 42.34 -7.95
CA ALA A 283 24.49 42.57 -6.65
C ALA A 283 26.00 42.60 -6.81
N MSE A 284 26.57 41.67 -7.58
CA MSE A 284 28.02 41.62 -7.71
C MSE A 284 28.56 42.82 -8.50
O MSE A 284 29.61 43.38 -8.16
CB MSE A 284 28.48 40.28 -8.28
CG MSE A 284 28.04 39.08 -7.43
SE MSE A 284 28.80 37.38 -8.00
CE MSE A 284 30.52 37.46 -7.07
N ALA A 285 27.81 43.24 -9.52
CA ALA A 285 28.14 44.46 -10.26
C ALA A 285 28.15 45.69 -9.33
N TRP A 286 27.08 45.82 -8.55
CA TRP A 286 26.95 46.94 -7.63
C TRP A 286 28.07 46.94 -6.61
N THR A 287 28.44 45.76 -6.13
CA THR A 287 29.50 45.64 -5.15
C THR A 287 30.87 46.02 -5.72
N VAL A 288 31.17 45.56 -6.93
CA VAL A 288 32.45 45.89 -7.54
C VAL A 288 32.55 47.40 -7.85
N TYR A 289 31.45 47.96 -8.35
CA TYR A 289 31.39 49.39 -8.66
C TYR A 289 31.55 50.19 -7.36
N GLY A 290 30.99 49.67 -6.26
CA GLY A 290 31.16 50.28 -4.96
C GLY A 290 32.62 50.23 -4.54
N TRP A 291 33.30 49.16 -4.90
CA TRP A 291 34.75 49.06 -4.67
C TRP A 291 35.52 50.08 -5.50
N SER A 292 35.00 50.41 -6.67
CA SER A 292 35.66 51.38 -7.54
C SER A 292 35.80 52.73 -6.86
N GLN A 293 34.82 53.06 -6.04
CA GLN A 293 34.73 54.36 -5.38
C GLN A 293 35.39 54.37 -4.01
N GLY A 294 36.10 53.29 -3.69
CA GLY A 294 36.81 53.24 -2.43
C GLY A 294 35.86 53.04 -1.28
N LYS A 295 34.57 52.89 -1.62
CA LYS A 295 33.54 52.53 -0.65
C LYS A 295 33.69 51.13 -0.11
N LEU A 296 34.01 50.19 -0.97
CA LEU A 296 33.93 48.79 -0.56
C LEU A 296 35.22 48.04 -0.77
N THR A 297 35.51 47.16 0.16
CA THR A 297 36.64 46.26 0.01
C THR A 297 36.35 45.18 -1.04
N VAL A 298 37.40 44.57 -1.57
CA VAL A 298 37.25 43.43 -2.47
C VAL A 298 36.69 42.22 -1.72
N GLY A 299 36.90 42.17 -0.41
CA GLY A 299 36.33 41.11 0.41
C GLY A 299 34.82 41.19 0.42
N ASP A 300 34.30 42.39 0.18
CA ASP A 300 32.88 42.64 0.18
C ASP A 300 32.18 41.89 -0.96
N LEU A 301 32.88 41.73 -2.08
CA LEU A 301 32.32 41.01 -3.22
C LEU A 301 32.05 39.55 -2.86
N VAL A 302 33.06 38.96 -2.23
CA VAL A 302 32.97 37.61 -1.74
C VAL A 302 31.89 37.48 -0.66
N PHE A 303 31.81 38.49 0.19
CA PHE A 303 30.85 38.51 1.29
C PHE A 303 29.41 38.49 0.76
N VAL A 304 29.13 39.39 -0.19
CA VAL A 304 27.79 39.52 -0.75
C VAL A 304 27.40 38.25 -1.51
N ASN A 305 28.34 37.72 -2.29
CA ASN A 305 28.09 36.52 -3.08
C ASN A 305 27.74 35.35 -2.14
N THR A 306 28.55 35.20 -1.10
CA THR A 306 28.35 34.14 -0.13
C THR A 306 26.98 34.28 0.54
N TYR A 307 26.65 35.52 0.91
CA TYR A 307 25.38 35.77 1.58
C TYR A 307 24.21 35.37 0.69
N LEU A 308 24.26 35.73 -0.59
CA LEU A 308 23.18 35.41 -1.50
C LEU A 308 22.99 33.90 -1.75
N THR A 309 24.10 33.17 -1.96
CA THR A 309 24.01 31.73 -2.16
C THR A 309 23.47 31.02 -0.92
N GLN A 310 23.93 31.46 0.25
CA GLN A 310 23.41 30.92 1.51
C GLN A 310 21.91 31.20 1.65
N LEU A 311 21.49 32.38 1.23
CA LEU A 311 20.09 32.78 1.34
C LEU A 311 19.19 31.91 0.44
N PHE A 312 19.67 31.64 -0.78
CA PHE A 312 18.83 30.96 -1.76
C PHE A 312 18.99 29.43 -1.79
N ARG A 313 19.86 28.87 -0.94
CA ARG A 313 19.97 27.40 -0.90
C ARG A 313 18.73 26.66 -0.34
N PRO A 314 18.21 27.09 0.83
CA PRO A 314 16.98 26.40 1.27
C PRO A 314 15.78 26.65 0.35
N LEU A 315 15.83 27.69 -0.48
CA LEU A 315 14.71 28.01 -1.36
C LEU A 315 14.86 27.23 -2.66
N ASP A 316 15.93 26.46 -2.78
CA ASP A 316 16.07 25.59 -3.92
C ASP A 316 15.02 24.49 -3.84
N MSE A 317 14.61 24.17 -2.62
CA MSE A 317 13.58 23.17 -2.39
C MSE A 317 12.18 23.77 -2.34
O MSE A 317 11.22 23.03 -2.16
CB MSE A 317 13.84 22.45 -1.07
CG MSE A 317 14.83 21.30 -1.19
SE MSE A 317 15.41 20.67 0.55
CE MSE A 317 16.96 19.64 -0.04
N LEU A 318 12.04 25.08 -2.52
CA LEU A 318 10.79 25.76 -2.19
C LEU A 318 9.50 25.13 -2.77
N GLY A 319 9.57 24.63 -4.00
CA GLY A 319 8.41 24.07 -4.66
C GLY A 319 7.87 22.84 -3.94
N MSE A 320 8.69 21.80 -3.87
CA MSE A 320 8.38 20.63 -3.08
C MSE A 320 7.94 20.99 -1.67
O MSE A 320 6.87 20.56 -1.24
CB MSE A 320 9.60 19.73 -2.99
CG MSE A 320 9.48 18.71 -1.89
SE MSE A 320 11.20 17.88 -1.62
CE MSE A 320 11.50 17.32 -3.46
N VAL A 321 8.76 21.73 -0.96
CA VAL A 321 8.40 22.24 0.35
C VAL A 321 6.97 22.77 0.37
N TYR A 322 6.64 23.62 -0.62
CA TYR A 322 5.32 24.22 -0.67
C TYR A 322 4.26 23.13 -0.86
N ARG A 323 4.50 22.24 -1.79
CA ARG A 323 3.54 21.17 -2.04
C ARG A 323 3.37 20.36 -0.76
N THR A 324 4.46 20.08 -0.05
CA THR A 324 4.34 19.18 1.08
C THR A 324 3.61 19.81 2.26
N ILE A 325 3.99 21.04 2.59
CA ILE A 325 3.42 21.72 3.74
C ILE A 325 1.91 21.86 3.53
N ARG A 326 1.53 22.16 2.29
CA ARG A 326 0.13 22.35 1.97
C ARG A 326 -0.59 21.06 2.31
N GLN A 327 -0.09 19.96 1.76
CA GLN A 327 -0.72 18.65 1.92
C GLN A 327 -0.73 18.27 3.38
N GLY A 328 0.37 18.56 4.08
CA GLY A 328 0.44 18.18 5.47
C GLY A 328 -0.68 18.87 6.21
N LEU A 329 -0.87 20.16 5.93
CA LEU A 329 -1.88 20.92 6.66
C LEU A 329 -3.28 20.38 6.38
N ILE A 330 -3.52 19.99 5.14
CA ILE A 330 -4.81 19.44 4.78
C ILE A 330 -5.04 18.16 5.59
N ASP A 331 -4.04 17.28 5.58
CA ASP A 331 -4.18 16.01 6.28
C ASP A 331 -4.40 16.25 7.76
N MSE A 332 -3.72 17.28 8.30
CA MSE A 332 -3.77 17.48 9.72
C MSE A 332 -5.14 17.98 10.08
O MSE A 332 -5.71 17.62 11.12
CB MSE A 332 -2.72 18.46 10.21
CG MSE A 332 -2.66 18.52 11.74
SE MSE A 332 -1.17 19.60 12.47
CE MSE A 332 0.29 18.43 11.98
N ALA A 333 -5.71 18.78 9.18
CA ALA A 333 -7.02 19.36 9.41
C ALA A 333 -8.00 18.21 9.47
N GLU A 334 -7.78 17.24 8.59
CA GLU A 334 -8.67 16.09 8.55
C GLU A 334 -8.63 15.42 9.91
N MSE A 335 -7.42 15.29 10.47
CA MSE A 335 -7.30 14.71 11.80
C MSE A 335 -8.17 15.48 12.80
O MSE A 335 -9.01 14.90 13.48
CB MSE A 335 -5.83 14.63 12.28
CG MSE A 335 -4.95 13.60 11.55
SE MSE A 335 -5.69 11.76 11.47
CE MSE A 335 -6.72 11.82 9.82
N PHE A 336 -8.05 16.80 12.82
CA PHE A 336 -8.75 17.58 13.83
C PHE A 336 -10.25 17.48 13.60
N ARG A 337 -10.66 17.35 12.34
CA ARG A 337 -12.09 17.23 12.05
C ARG A 337 -12.68 15.98 12.76
N LEU A 338 -11.96 14.86 12.72
CA LEU A 338 -12.42 13.66 13.40
C LEU A 338 -12.51 13.90 14.90
N ILE A 339 -11.49 14.54 15.44
CA ILE A 339 -11.48 14.79 16.87
C ILE A 339 -12.67 15.68 17.24
N ASP A 340 -13.04 16.58 16.32
CA ASP A 340 -14.12 17.51 16.56
C ASP A 340 -15.51 16.90 16.50
N THR A 341 -15.66 15.85 15.70
CA THR A 341 -16.96 15.24 15.46
C THR A 341 -17.61 14.76 16.75
N HIS A 342 -18.90 15.06 16.91
CA HIS A 342 -19.56 14.80 18.17
C HIS A 342 -19.99 13.36 18.34
N ILE A 343 -20.05 12.94 19.59
CA ILE A 343 -20.31 11.55 19.95
C ILE A 343 -21.80 11.29 20.14
N GLU A 344 -22.35 10.39 19.33
CA GLU A 344 -23.77 10.10 19.39
C GLU A 344 -24.18 9.45 20.73
N VAL A 345 -23.42 8.45 21.17
CA VAL A 345 -23.78 7.74 22.40
C VAL A 345 -22.73 7.95 23.46
N ALA A 346 -23.12 8.62 24.54
CA ALA A 346 -22.19 8.98 25.59
C ALA A 346 -22.76 8.61 26.94
N ASP A 347 -21.87 8.36 27.89
CA ASP A 347 -22.29 8.18 29.26
C ASP A 347 -22.83 9.52 29.73
N VAL A 348 -23.85 9.51 30.56
CA VAL A 348 -24.31 10.73 31.17
C VAL A 348 -23.22 11.19 32.17
N PRO A 349 -23.24 12.47 32.56
CA PRO A 349 -22.23 12.93 33.52
C PRO A 349 -22.31 12.12 34.82
N ASN A 350 -21.18 11.71 35.36
CA ASN A 350 -21.13 11.03 36.65
C ASN A 350 -22.00 9.76 36.69
N ALA A 351 -22.06 9.05 35.56
CA ALA A 351 -22.93 7.89 35.43
C ALA A 351 -22.52 6.80 36.38
N PRO A 352 -23.51 6.20 37.06
CA PRO A 352 -23.23 5.08 37.94
C PRO A 352 -22.98 3.81 37.11
N ALA A 353 -22.35 2.83 37.74
CA ALA A 353 -22.14 1.53 37.12
C ALA A 353 -23.48 0.85 37.10
N LEU A 354 -23.71 0.00 36.10
CA LEU A 354 -24.87 -0.89 36.12
C LEU A 354 -24.59 -1.98 37.16
N VAL A 355 -25.58 -2.26 38.00
CA VAL A 355 -25.41 -3.33 38.98
C VAL A 355 -26.43 -4.44 38.82
N VAL A 356 -25.95 -5.58 38.33
CA VAL A 356 -26.79 -6.70 37.99
C VAL A 356 -26.79 -7.72 39.12
N ASN A 357 -27.89 -7.76 39.85
CA ASN A 357 -28.10 -8.73 40.91
C ASN A 357 -29.08 -9.82 40.48
N ARG A 358 -30.17 -9.43 39.83
CA ARG A 358 -31.06 -10.36 39.16
C ARG A 358 -31.17 -9.92 37.71
N PRO A 359 -30.65 -10.73 36.77
CA PRO A 359 -30.45 -10.25 35.39
C PRO A 359 -31.67 -10.30 34.46
N SER A 360 -32.67 -9.48 34.76
CA SER A 360 -33.83 -9.35 33.90
C SER A 360 -33.54 -8.34 32.80
N VAL A 361 -34.26 -8.45 31.70
CA VAL A 361 -34.19 -7.46 30.63
C VAL A 361 -35.56 -6.92 30.27
N THR A 362 -35.69 -5.60 30.30
CA THR A 362 -36.97 -4.96 29.96
C THR A 362 -36.82 -4.04 28.76
N PHE A 363 -37.71 -4.21 27.79
CA PHE A 363 -37.88 -3.25 26.74
C PHE A 363 -39.18 -2.53 27.09
N ASP A 364 -39.07 -1.23 27.26
CA ASP A 364 -40.18 -0.41 27.68
C ASP A 364 -40.56 0.59 26.59
N ASN A 365 -41.54 0.21 25.78
CA ASN A 365 -42.13 1.10 24.81
C ASN A 365 -41.09 1.73 23.88
N VAL A 366 -40.26 0.88 23.30
CA VAL A 366 -39.10 1.34 22.55
C VAL A 366 -39.44 1.72 21.13
N VAL A 367 -39.12 2.97 20.80
CA VAL A 367 -39.29 3.50 19.45
C VAL A 367 -37.89 3.76 18.91
N PHE A 368 -37.57 3.16 17.77
CA PHE A 368 -36.25 3.23 17.22
C PHE A 368 -36.18 3.04 15.71
N GLY A 369 -35.17 3.63 15.08
CA GLY A 369 -34.79 3.30 13.72
C GLY A 369 -33.35 3.78 13.54
N TYR A 370 -32.61 3.23 12.58
CA TYR A 370 -31.25 3.70 12.34
C TYR A 370 -31.27 5.13 11.84
N ASP A 371 -32.23 5.45 10.99
CA ASP A 371 -32.38 6.79 10.46
C ASP A 371 -33.74 7.38 10.78
N ARG A 372 -33.78 8.70 10.91
CA ARG A 372 -35.01 9.36 11.34
C ARG A 372 -36.19 9.28 10.38
N ASP A 373 -35.94 8.97 9.12
CA ASP A 373 -37.05 8.85 8.18
C ASP A 373 -37.52 7.39 8.02
N ARG A 374 -36.92 6.46 8.75
CA ARG A 374 -37.40 5.10 8.74
C ARG A 374 -37.45 4.49 10.13
N GLU A 375 -38.63 4.48 10.72
CA GLU A 375 -38.83 3.93 12.06
C GLU A 375 -39.07 2.42 11.96
N ILE A 376 -38.32 1.63 12.74
CA ILE A 376 -38.41 0.17 12.74
C ILE A 376 -39.15 -0.40 13.94
N LEU A 377 -38.78 0.03 15.13
CA LEU A 377 -39.52 -0.37 16.32
C LEU A 377 -40.55 0.75 16.58
N HIS A 378 -41.80 0.35 16.80
CA HIS A 378 -42.91 1.27 16.87
C HIS A 378 -43.52 1.31 18.27
N GLY A 379 -42.73 0.99 19.28
CA GLY A 379 -43.27 0.97 20.62
C GLY A 379 -43.17 -0.45 21.15
N LEU A 380 -41.98 -1.03 21.02
CA LEU A 380 -41.76 -2.43 21.41
C LEU A 380 -41.61 -2.59 22.92
N SER A 381 -42.44 -3.45 23.50
CA SER A 381 -42.35 -3.74 24.92
C SER A 381 -42.27 -5.23 25.22
N PHE A 382 -41.31 -5.63 26.06
CA PHE A 382 -41.25 -7.00 26.57
C PHE A 382 -40.43 -7.16 27.86
N GLU A 383 -40.64 -8.26 28.55
CA GLU A 383 -39.89 -8.58 29.76
C GLU A 383 -39.23 -9.92 29.59
N VAL A 384 -37.92 -9.99 29.82
CA VAL A 384 -37.21 -11.28 29.85
C VAL A 384 -36.82 -11.60 31.28
N ALA A 385 -37.37 -12.69 31.82
CA ALA A 385 -37.13 -13.02 33.21
C ALA A 385 -35.70 -13.46 33.48
N ALA A 386 -35.19 -13.09 34.66
CA ALA A 386 -33.84 -13.45 35.03
C ALA A 386 -33.77 -14.97 35.07
N GLY A 387 -32.74 -15.48 34.37
CA GLY A 387 -32.41 -16.88 34.31
C GLY A 387 -33.14 -17.66 33.25
N SER A 388 -34.12 -17.04 32.61
CA SER A 388 -34.92 -17.68 31.57
C SER A 388 -34.21 -17.78 30.22
N ARG A 389 -34.65 -18.72 29.40
CA ARG A 389 -34.17 -18.83 28.04
C ARG A 389 -35.29 -18.47 27.06
N VAL A 390 -35.14 -17.33 26.37
CA VAL A 390 -36.21 -16.85 25.51
C VAL A 390 -35.70 -16.63 24.10
N ALA A 391 -36.60 -16.75 23.14
CA ALA A 391 -36.26 -16.49 21.75
C ALA A 391 -37.09 -15.32 21.26
N ILE A 392 -36.53 -14.57 20.32
CA ILE A 392 -37.22 -13.53 19.61
C ILE A 392 -37.20 -13.86 18.12
N VAL A 393 -38.39 -14.01 17.55
CA VAL A 393 -38.54 -14.37 16.14
C VAL A 393 -39.59 -13.45 15.55
N GLY A 394 -39.58 -13.32 14.23
CA GLY A 394 -40.62 -12.58 13.56
C GLY A 394 -40.33 -12.66 12.08
N PRO A 395 -41.25 -12.12 11.27
CA PRO A 395 -41.11 -11.97 9.81
C PRO A 395 -40.22 -10.77 9.47
N SER A 396 -40.12 -10.44 8.19
CA SER A 396 -39.10 -9.55 7.67
C SER A 396 -39.08 -8.11 8.20
N GLY A 397 -40.24 -7.58 8.58
CA GLY A 397 -40.29 -6.22 9.08
C GLY A 397 -40.40 -6.08 10.58
N ALA A 398 -40.18 -7.17 11.29
CA ALA A 398 -40.43 -7.21 12.72
C ALA A 398 -39.51 -6.27 13.49
N GLY A 399 -38.27 -6.13 13.01
CA GLY A 399 -37.28 -5.32 13.68
C GLY A 399 -36.36 -6.04 14.66
N LYS A 400 -36.34 -7.37 14.65
CA LYS A 400 -35.52 -8.10 15.62
C LYS A 400 -34.00 -7.91 15.46
N SER A 401 -33.57 -7.59 14.26
CA SER A 401 -32.16 -7.41 14.03
C SER A 401 -31.61 -6.15 14.76
N THR A 402 -32.50 -5.39 15.37
CA THR A 402 -32.08 -4.21 16.11
C THR A 402 -31.82 -4.52 17.58
N ILE A 403 -32.37 -5.62 18.06
CA ILE A 403 -32.41 -5.85 19.51
C ILE A 403 -31.01 -5.86 20.18
N ALA A 404 -30.10 -6.70 19.67
CA ALA A 404 -28.78 -6.80 20.25
C ALA A 404 -28.09 -5.45 20.17
N ARG A 405 -28.26 -4.77 19.03
CA ARG A 405 -27.60 -3.47 18.88
C ARG A 405 -28.12 -2.46 19.88
N LEU A 406 -29.42 -2.52 20.18
CA LEU A 406 -29.95 -1.68 21.22
C LEU A 406 -29.42 -2.09 22.59
N LEU A 407 -29.29 -3.38 22.85
CA LEU A 407 -28.83 -3.85 24.16
C LEU A 407 -27.40 -3.44 24.52
N PHE A 408 -26.54 -3.45 23.51
CA PHE A 408 -25.16 -3.11 23.72
C PHE A 408 -24.99 -1.60 23.62
N ARG A 409 -26.11 -0.91 23.43
CA ARG A 409 -26.13 0.55 23.30
C ARG A 409 -25.21 1.05 22.20
N PHE A 410 -25.21 0.38 21.06
CA PHE A 410 -24.64 0.93 19.84
C PHE A 410 -25.48 2.14 19.43
N TYR A 411 -26.77 2.14 19.76
CA TYR A 411 -27.69 3.27 19.51
C TYR A 411 -28.64 3.47 20.67
N ASP A 412 -29.24 4.66 20.74
CA ASP A 412 -30.25 4.94 21.76
C ASP A 412 -31.67 4.87 21.19
N PRO A 413 -32.64 4.51 22.04
CA PRO A 413 -34.02 4.59 21.55
C PRO A 413 -34.37 6.04 21.29
N TRP A 414 -35.19 6.27 20.25
CA TRP A 414 -35.74 7.57 20.01
C TRP A 414 -36.73 7.91 21.15
N GLU A 415 -37.53 6.93 21.54
CA GLU A 415 -38.47 7.06 22.64
C GLU A 415 -38.42 5.73 23.33
N GLY A 416 -38.81 5.69 24.59
CA GLY A 416 -38.77 4.47 25.36
C GLY A 416 -37.40 4.27 25.95
N ARG A 417 -37.23 3.14 26.63
CA ARG A 417 -35.98 2.87 27.31
C ARG A 417 -35.79 1.39 27.45
N ILE A 418 -34.56 1.00 27.75
CA ILE A 418 -34.21 -0.38 28.02
C ILE A 418 -33.61 -0.51 29.41
N LEU A 419 -34.04 -1.56 30.13
CA LEU A 419 -33.62 -1.77 31.50
C LEU A 419 -32.98 -3.13 31.67
N ILE A 420 -31.91 -3.18 32.45
CA ILE A 420 -31.37 -4.42 32.90
C ILE A 420 -31.43 -4.38 34.42
N ASP A 421 -32.06 -5.37 35.04
CA ASP A 421 -32.27 -5.35 36.49
C ASP A 421 -32.89 -4.05 36.98
N GLY A 422 -33.85 -3.50 36.24
CA GLY A 422 -34.51 -2.30 36.72
C GLY A 422 -33.76 -1.00 36.49
N GLN A 423 -32.64 -1.06 35.79
CA GLN A 423 -31.82 0.12 35.57
C GLN A 423 -31.80 0.46 34.09
N ASP A 424 -32.13 1.71 33.77
CA ASP A 424 -32.14 2.21 32.41
C ASP A 424 -30.71 2.24 31.89
N ILE A 425 -30.48 1.46 30.83
CA ILE A 425 -29.12 1.32 30.33
C ILE A 425 -28.53 2.60 29.75
N ALA A 426 -29.40 3.57 29.44
CA ALA A 426 -29.02 4.87 28.90
C ALA A 426 -28.28 5.73 29.91
N HIS A 427 -28.52 5.44 31.20
CA HIS A 427 -28.03 6.24 32.29
C HIS A 427 -26.87 5.61 33.07
N VAL A 428 -26.36 4.49 32.60
CA VAL A 428 -25.25 3.83 33.27
C VAL A 428 -23.97 3.95 32.47
N THR A 429 -22.87 3.52 33.04
CA THR A 429 -21.64 3.55 32.24
C THR A 429 -21.71 2.47 31.18
N GLN A 430 -21.24 2.82 29.99
CA GLN A 430 -21.28 1.90 28.90
C GLN A 430 -20.46 0.64 29.20
N THR A 431 -19.31 0.79 29.87
CA THR A 431 -18.44 -0.36 30.13
C THR A 431 -19.07 -1.39 31.07
N SER A 432 -19.77 -0.93 32.10
CA SER A 432 -20.45 -1.84 33.00
C SER A 432 -21.62 -2.59 32.31
N LEU A 433 -22.36 -1.83 31.50
CA LEU A 433 -23.45 -2.41 30.75
C LEU A 433 -22.90 -3.50 29.86
N ARG A 434 -21.86 -3.20 29.11
CA ARG A 434 -21.35 -4.19 28.17
C ARG A 434 -20.71 -5.37 28.90
N ALA A 435 -20.23 -5.10 30.11
CA ALA A 435 -19.71 -6.17 30.94
C ALA A 435 -20.82 -7.15 31.28
N ALA A 436 -22.07 -6.68 31.34
CA ALA A 436 -23.17 -7.61 31.66
C ALA A 436 -23.62 -8.50 30.50
N LEU A 437 -23.10 -8.26 29.31
CA LEU A 437 -23.64 -8.89 28.11
C LEU A 437 -22.66 -9.75 27.33
N GLY A 438 -23.14 -10.91 26.93
CA GLY A 438 -22.39 -11.77 26.04
C GLY A 438 -23.12 -11.84 24.71
N ILE A 439 -22.38 -11.96 23.63
CA ILE A 439 -22.97 -12.08 22.31
C ILE A 439 -22.24 -13.11 21.46
N VAL A 440 -22.98 -13.96 20.76
CA VAL A 440 -22.43 -14.73 19.66
C VAL A 440 -23.21 -14.21 18.46
N PRO A 441 -22.56 -13.39 17.62
CA PRO A 441 -23.20 -12.79 16.45
C PRO A 441 -23.17 -13.74 15.27
N GLN A 442 -23.88 -13.36 14.21
CA GLN A 442 -23.96 -14.18 13.02
C GLN A 442 -22.61 -14.41 12.34
N ASP A 443 -21.87 -13.34 12.11
CA ASP A 443 -20.52 -13.47 11.56
C ASP A 443 -19.54 -13.05 12.61
N SER A 444 -18.84 -14.00 13.23
CA SER A 444 -17.85 -13.59 14.19
C SER A 444 -16.57 -13.28 13.47
N VAL A 445 -15.84 -12.32 14.01
CA VAL A 445 -14.62 -11.85 13.38
C VAL A 445 -13.49 -12.11 14.30
N LEU A 446 -12.34 -12.45 13.72
CA LEU A 446 -11.12 -12.76 14.46
C LEU A 446 -10.10 -11.67 14.25
N PHE A 447 -9.40 -11.30 15.31
CA PHE A 447 -8.28 -10.40 15.18
C PHE A 447 -7.12 -11.07 14.46
N ASN A 448 -6.25 -10.27 13.87
CA ASN A 448 -5.07 -10.78 13.19
C ASN A 448 -4.00 -11.15 14.19
N ASP A 449 -4.17 -12.29 14.84
CA ASP A 449 -3.31 -12.64 15.95
C ASP A 449 -3.59 -14.14 16.22
N THR A 450 -3.04 -14.71 17.28
CA THR A 450 -3.21 -16.14 17.51
C THR A 450 -4.63 -16.44 17.97
N ILE A 451 -5.04 -17.69 17.82
CA ILE A 451 -6.36 -18.14 18.24
C ILE A 451 -6.50 -18.03 19.77
N GLY A 452 -5.40 -18.27 20.49
CA GLY A 452 -5.41 -18.12 21.93
C GLY A 452 -5.69 -16.68 22.36
N TYR A 453 -5.13 -15.73 21.62
CA TYR A 453 -5.40 -14.31 21.90
C TYR A 453 -6.88 -13.97 21.69
N ASN A 454 -7.43 -14.50 20.60
CA ASN A 454 -8.83 -14.29 20.25
C ASN A 454 -9.76 -14.85 21.31
N ILE A 455 -9.44 -16.01 21.86
CA ILE A 455 -10.22 -16.53 22.98
C ILE A 455 -10.00 -15.73 24.28
N ALA A 456 -8.77 -15.31 24.53
CA ALA A 456 -8.45 -14.62 25.79
C ALA A 456 -9.13 -13.25 25.82
N TYR A 457 -9.50 -12.77 24.63
CA TYR A 457 -10.03 -11.42 24.46
C TYR A 457 -11.28 -11.20 25.28
N GLY A 458 -11.95 -12.28 25.68
CA GLY A 458 -13.20 -12.20 26.43
C GLY A 458 -13.06 -11.45 27.74
N ARG A 459 -11.89 -11.53 28.36
CA ARG A 459 -11.64 -10.76 29.58
C ARG A 459 -10.19 -10.27 29.53
N ASP A 460 -9.93 -9.09 30.08
CA ASP A 460 -8.64 -8.43 29.89
C ASP A 460 -7.45 -9.22 30.46
N GLY A 461 -7.57 -9.71 31.69
CA GLY A 461 -6.44 -10.38 32.31
C GLY A 461 -6.41 -11.90 32.17
N ALA A 462 -7.09 -12.42 31.15
CA ALA A 462 -7.44 -13.84 31.08
C ALA A 462 -6.21 -14.74 31.11
N SER A 463 -6.26 -15.73 32.01
CA SER A 463 -5.18 -16.67 32.21
C SER A 463 -5.23 -17.79 31.19
N ARG A 464 -4.12 -18.53 31.11
CA ARG A 464 -3.97 -19.65 30.21
C ARG A 464 -5.01 -20.74 30.56
N ALA A 465 -5.27 -20.87 31.87
CA ALA A 465 -6.26 -21.80 32.39
C ALA A 465 -7.68 -21.46 31.97
N GLU A 466 -8.03 -20.17 32.08
CA GLU A 466 -9.37 -19.70 31.73
C GLU A 466 -9.62 -19.93 30.24
N VAL A 467 -8.60 -19.67 29.44
CA VAL A 467 -8.69 -19.89 27.99
C VAL A 467 -8.92 -21.36 27.72
N ASP A 468 -8.20 -22.22 28.45
CA ASP A 468 -8.34 -23.66 28.27
C ASP A 468 -9.77 -24.13 28.63
N ALA A 469 -10.28 -23.65 29.75
CA ALA A 469 -11.62 -24.02 30.21
C ALA A 469 -12.69 -23.56 29.20
N ALA A 470 -12.53 -22.34 28.71
CA ALA A 470 -13.46 -21.82 27.72
C ALA A 470 -13.41 -22.64 26.43
N ALA A 471 -12.19 -22.99 25.99
CA ALA A 471 -12.04 -23.75 24.75
C ALA A 471 -12.70 -25.10 24.89
N LYS A 472 -12.59 -25.69 26.08
CA LYS A 472 -13.23 -26.96 26.35
C LYS A 472 -14.76 -26.81 26.32
N GLY A 473 -15.28 -25.79 26.99
CA GLY A 473 -16.70 -25.52 27.04
C GLY A 473 -17.28 -25.24 25.66
N ALA A 474 -16.43 -24.75 24.77
CA ALA A 474 -16.86 -24.42 23.42
C ALA A 474 -16.64 -25.60 22.50
N ALA A 475 -16.06 -26.67 23.06
CA ALA A 475 -15.73 -27.87 22.31
C ALA A 475 -14.83 -27.55 21.12
N ILE A 476 -13.87 -26.66 21.36
CA ILE A 476 -12.89 -26.31 20.34
C ILE A 476 -11.46 -26.69 20.79
N ALA A 477 -11.38 -27.22 22.01
CA ALA A 477 -10.10 -27.57 22.62
C ALA A 477 -9.34 -28.67 21.83
N ASP A 478 -10.09 -29.68 21.39
CA ASP A 478 -9.49 -30.77 20.62
C ASP A 478 -8.94 -30.28 19.29
N PHE A 479 -9.70 -29.41 18.63
CA PHE A 479 -9.28 -28.86 17.35
C PHE A 479 -7.98 -28.05 17.48
N ILE A 480 -7.90 -27.24 18.53
CA ILE A 480 -6.71 -26.43 18.79
C ILE A 480 -5.52 -27.35 19.10
N ALA A 481 -5.80 -28.45 19.79
CA ALA A 481 -4.72 -29.37 20.17
C ALA A 481 -4.06 -29.91 18.90
N ARG A 482 -4.87 -30.17 17.88
CA ARG A 482 -4.40 -30.75 16.62
C ARG A 482 -3.75 -29.71 15.71
N LEU A 483 -3.74 -28.46 16.15
CA LEU A 483 -3.02 -27.43 15.42
C LEU A 483 -1.56 -27.63 15.78
N PRO A 484 -0.67 -27.36 14.81
CA PRO A 484 0.77 -27.56 15.00
C PRO A 484 1.24 -26.69 16.15
N GLN A 485 0.83 -25.43 16.07
CA GLN A 485 1.23 -24.40 17.00
C GLN A 485 0.25 -24.13 18.12
N GLY A 486 -0.78 -24.97 18.22
CA GLY A 486 -1.75 -24.88 19.28
C GLY A 486 -2.39 -23.50 19.44
N TYR A 487 -2.36 -23.01 20.66
CA TYR A 487 -2.93 -21.71 20.97
C TYR A 487 -2.17 -20.55 20.32
N ASP A 488 -0.96 -20.81 19.85
CA ASP A 488 -0.15 -19.78 19.23
C ASP A 488 -0.31 -19.79 17.72
N THR A 489 -1.27 -20.57 17.25
CA THR A 489 -1.58 -20.59 15.83
C THR A 489 -2.20 -19.25 15.40
N GLU A 490 -1.58 -18.60 14.44
CA GLU A 490 -2.09 -17.32 14.01
C GLU A 490 -3.33 -17.54 13.13
N VAL A 491 -4.35 -16.70 13.33
CA VAL A 491 -5.61 -16.85 12.63
C VAL A 491 -6.10 -15.53 12.06
N GLY A 492 -7.22 -15.62 11.34
CA GLY A 492 -7.79 -14.49 10.63
C GLY A 492 -7.10 -14.27 9.30
N GLU A 493 -7.24 -13.06 8.77
CA GLU A 493 -6.51 -12.65 7.58
C GLU A 493 -5.05 -12.82 7.95
N ARG A 494 -4.21 -13.21 6.99
CA ARG A 494 -2.77 -13.35 7.22
C ARG A 494 -2.55 -14.55 8.13
N GLY A 495 -3.54 -15.42 8.20
CA GLY A 495 -3.51 -16.52 9.14
C GLY A 495 -4.25 -17.75 8.68
N LEU A 496 -4.31 -18.74 9.55
CA LEU A 496 -5.04 -19.96 9.26
C LEU A 496 -6.52 -19.62 9.07
N LYS A 497 -7.17 -20.28 8.11
CA LYS A 497 -8.58 -20.03 7.85
C LYS A 497 -9.41 -21.00 8.66
N LEU A 498 -10.39 -20.46 9.38
CA LEU A 498 -11.26 -21.29 10.17
C LEU A 498 -12.61 -21.38 9.49
N SER A 499 -13.28 -22.51 9.71
CA SER A 499 -14.62 -22.72 9.23
C SER A 499 -15.58 -21.84 10.03
N GLY A 500 -16.82 -21.71 9.55
CA GLY A 500 -17.80 -20.89 10.22
C GLY A 500 -18.08 -21.43 11.61
N GLY A 501 -18.20 -22.76 11.71
CA GLY A 501 -18.43 -23.42 12.98
C GLY A 501 -17.28 -23.23 13.94
N GLU A 502 -16.05 -23.29 13.42
CA GLU A 502 -14.85 -23.04 14.21
C GLU A 502 -14.80 -21.61 14.76
N LYS A 503 -15.13 -20.64 13.91
CA LYS A 503 -15.21 -19.24 14.35
C LYS A 503 -16.30 -19.01 15.39
N GLN A 504 -17.45 -19.65 15.20
CA GLN A 504 -18.55 -19.52 16.14
C GLN A 504 -18.16 -20.13 17.49
N ARG A 505 -17.44 -21.24 17.42
CA ARG A 505 -16.93 -21.88 18.63
C ARG A 505 -15.90 -21.00 19.34
N VAL A 506 -15.04 -20.31 18.59
CA VAL A 506 -14.15 -19.34 19.23
C VAL A 506 -14.96 -18.23 19.92
N ALA A 507 -16.01 -17.75 19.26
CA ALA A 507 -16.87 -16.72 19.85
C ALA A 507 -17.54 -17.19 21.15
N ILE A 508 -18.05 -18.42 21.12
CA ILE A 508 -18.61 -19.01 22.32
C ILE A 508 -17.54 -19.08 23.39
N ALA A 509 -16.31 -19.41 23.00
CA ALA A 509 -15.25 -19.49 23.98
C ALA A 509 -14.92 -18.11 24.60
N ARG A 510 -14.94 -17.04 23.80
CA ARG A 510 -14.71 -15.68 24.33
C ARG A 510 -15.78 -15.35 25.34
N THR A 511 -17.02 -15.63 24.98
CA THR A 511 -18.07 -15.32 25.93
C THR A 511 -17.91 -16.15 27.20
N LEU A 512 -17.40 -17.37 27.06
CA LEU A 512 -17.12 -18.16 28.23
C LEU A 512 -16.04 -17.53 29.11
N VAL A 513 -15.00 -16.98 28.49
CA VAL A 513 -13.98 -16.29 29.25
C VAL A 513 -14.58 -15.09 30.00
N LYS A 514 -15.45 -14.36 29.30
CA LYS A 514 -16.17 -13.25 29.88
C LYS A 514 -17.10 -13.65 31.01
N ASN A 515 -17.80 -14.77 30.85
CA ASN A 515 -18.77 -15.21 31.86
C ASN A 515 -19.83 -14.15 32.20
N PRO A 516 -20.59 -13.68 31.20
CA PRO A 516 -21.59 -12.65 31.48
C PRO A 516 -22.88 -13.24 32.07
N PRO A 517 -23.59 -12.44 32.87
CA PRO A 517 -24.89 -12.82 33.45
C PRO A 517 -25.98 -13.01 32.40
N ILE A 518 -25.91 -12.26 31.30
CA ILE A 518 -26.90 -12.30 30.24
C ILE A 518 -26.21 -12.64 28.92
N LEU A 519 -26.79 -13.54 28.13
CA LEU A 519 -26.17 -13.99 26.90
C LEU A 519 -27.08 -13.80 25.67
N LEU A 520 -26.50 -13.33 24.57
CA LEU A 520 -27.26 -13.10 23.36
C LEU A 520 -26.76 -13.94 22.21
N PHE A 521 -27.64 -14.78 21.66
CA PHE A 521 -27.33 -15.44 20.42
C PHE A 521 -28.05 -14.65 19.35
N ASP A 522 -27.28 -13.95 18.54
CA ASP A 522 -27.83 -13.05 17.56
C ASP A 522 -27.64 -13.66 16.18
N GLU A 523 -28.64 -14.41 15.72
CA GLU A 523 -28.53 -15.18 14.48
C GLU A 523 -27.26 -16.03 14.49
N ALA A 524 -26.99 -16.67 15.63
CA ALA A 524 -25.72 -17.37 15.83
C ALA A 524 -25.46 -18.54 14.87
N THR A 525 -26.50 -19.26 14.48
CA THR A 525 -26.32 -20.39 13.58
C THR A 525 -26.78 -20.10 12.15
N SER A 526 -27.18 -18.88 11.91
CA SER A 526 -27.79 -18.48 10.63
C SER A 526 -26.84 -18.57 9.44
N ALA A 527 -25.53 -18.50 9.67
CA ALA A 527 -24.56 -18.64 8.59
C ALA A 527 -24.00 -20.04 8.42
N LEU A 528 -24.42 -20.97 9.26
CA LEU A 528 -23.91 -22.33 9.25
C LEU A 528 -24.72 -23.33 8.40
N ASP A 529 -24.06 -24.39 7.94
CA ASP A 529 -24.77 -25.48 7.30
C ASP A 529 -25.53 -26.26 8.36
N THR A 530 -26.42 -27.14 7.91
CA THR A 530 -27.34 -27.83 8.79
C THR A 530 -26.68 -28.67 9.89
N ARG A 531 -25.74 -29.53 9.50
CA ARG A 531 -25.09 -30.38 10.49
C ARG A 531 -24.28 -29.60 11.50
N THR A 532 -23.55 -28.60 11.01
CA THR A 532 -22.76 -27.71 11.85
C THR A 532 -23.66 -27.01 12.85
N GLU A 533 -24.84 -26.58 12.37
CA GLU A 533 -25.82 -25.88 13.17
C GLU A 533 -26.32 -26.78 14.29
N GLN A 534 -26.61 -28.04 13.94
CA GLN A 534 -27.10 -29.01 14.91
C GLN A 534 -26.04 -29.33 15.96
N ASP A 535 -24.78 -29.41 15.53
CA ASP A 535 -23.70 -29.64 16.47
C ASP A 535 -23.57 -28.47 17.43
N ILE A 536 -23.48 -27.26 16.89
CA ILE A 536 -23.22 -26.11 17.72
C ILE A 536 -24.37 -25.80 18.67
N LEU A 537 -25.58 -26.19 18.32
CA LEU A 537 -26.72 -25.90 19.18
C LEU A 537 -26.65 -26.54 20.58
N SER A 538 -26.14 -27.77 20.65
CA SER A 538 -25.99 -28.42 21.96
C SER A 538 -24.94 -27.70 22.82
N THR A 539 -23.87 -27.24 22.19
CA THR A 539 -22.84 -26.47 22.86
C THR A 539 -23.51 -25.19 23.38
N MSE A 540 -24.27 -24.52 22.51
CA MSE A 540 -24.94 -23.28 22.89
C MSE A 540 -25.87 -23.46 24.08
O MSE A 540 -25.89 -22.64 25.00
CB MSE A 540 -25.67 -22.65 21.70
CG MSE A 540 -24.73 -21.97 20.72
SE MSE A 540 -25.57 -21.70 18.99
CE MSE A 540 -27.23 -20.88 19.62
N ARG A 541 -26.62 -24.55 24.06
CA ARG A 541 -27.52 -24.88 25.16
C ARG A 541 -26.81 -25.17 26.44
N ALA A 542 -25.66 -25.84 26.35
CA ALA A 542 -24.86 -26.08 27.53
C ALA A 542 -24.34 -24.76 28.12
N VAL A 543 -23.86 -23.86 27.26
CA VAL A 543 -23.32 -22.58 27.76
C VAL A 543 -24.40 -21.62 28.26
N ALA A 544 -25.66 -21.94 27.93
CA ALA A 544 -26.79 -21.10 28.27
C ALA A 544 -27.38 -21.48 29.63
N SER A 545 -26.63 -22.29 30.37
CA SER A 545 -27.19 -23.07 31.47
C SER A 545 -27.83 -22.25 32.59
N HIS A 546 -27.09 -21.31 33.14
CA HIS A 546 -27.61 -20.54 34.25
C HIS A 546 -27.56 -19.05 33.97
N ARG A 547 -27.78 -18.71 32.71
CA ARG A 547 -27.77 -17.32 32.32
C ARG A 547 -29.12 -16.95 31.76
N THR A 548 -29.37 -15.66 31.71
CA THR A 548 -30.48 -15.16 30.96
C THR A 548 -29.98 -15.25 29.53
N THR A 549 -30.72 -15.98 28.69
CA THR A 549 -30.32 -16.17 27.31
C THR A 549 -31.40 -15.66 26.38
N ILE A 550 -31.00 -14.82 25.44
CA ILE A 550 -31.91 -14.29 24.43
C ILE A 550 -31.42 -14.73 23.05
N SER A 551 -32.23 -15.53 22.37
CA SER A 551 -31.83 -16.03 21.07
C SER A 551 -32.68 -15.38 19.97
N ILE A 552 -32.02 -14.71 19.04
CA ILE A 552 -32.72 -14.07 17.94
C ILE A 552 -32.46 -14.96 16.75
N ALA A 553 -33.51 -15.60 16.24
CA ALA A 553 -33.36 -16.65 15.24
C ALA A 553 -34.33 -16.54 14.06
N HIS A 554 -33.81 -16.76 12.86
CA HIS A 554 -34.60 -16.88 11.65
C HIS A 554 -35.37 -18.20 11.57
N ARG A 555 -34.70 -19.28 11.94
CA ARG A 555 -35.26 -20.61 11.78
C ARG A 555 -35.82 -21.09 13.10
N LEU A 556 -37.16 -21.19 13.13
CA LEU A 556 -37.90 -21.44 14.36
C LEU A 556 -37.58 -22.76 15.03
N SER A 557 -37.26 -23.78 14.23
CA SER A 557 -36.99 -25.11 14.79
C SER A 557 -35.78 -25.02 15.72
N THR A 558 -34.84 -24.11 15.43
CA THR A 558 -33.62 -23.95 16.27
C THR A 558 -33.91 -23.33 17.64
N ILE A 559 -35.11 -22.78 17.83
CA ILE A 559 -35.42 -22.16 19.12
C ILE A 559 -36.65 -22.72 19.80
N ALA A 560 -37.16 -23.83 19.27
CA ALA A 560 -38.45 -24.37 19.73
C ALA A 560 -38.50 -24.76 21.20
N ASP A 561 -37.34 -25.05 21.78
CA ASP A 561 -37.30 -25.50 23.17
C ASP A 561 -37.19 -24.37 24.19
N SER A 562 -37.40 -23.15 23.74
CA SER A 562 -37.24 -22.01 24.63
C SER A 562 -38.26 -22.03 25.75
N ASP A 563 -37.92 -21.42 26.88
CA ASP A 563 -38.84 -21.29 28.00
C ASP A 563 -40.05 -20.48 27.52
N THR A 564 -39.74 -19.44 26.77
CA THR A 564 -40.77 -18.67 26.10
C THR A 564 -40.27 -18.05 24.79
N ILE A 565 -41.21 -17.75 23.90
CA ILE A 565 -40.87 -17.18 22.61
C ILE A 565 -41.62 -15.88 22.41
N LEU A 566 -40.87 -14.86 21.98
CA LEU A 566 -41.44 -13.57 21.66
C LEU A 566 -41.52 -13.43 20.15
N VAL A 567 -42.73 -13.16 19.66
CA VAL A 567 -42.95 -13.02 18.23
C VAL A 567 -43.17 -11.57 17.91
N LEU A 568 -42.31 -11.01 17.08
CA LEU A 568 -42.45 -9.61 16.71
C LEU A 568 -43.10 -9.53 15.35
N ASP A 569 -43.99 -8.56 15.22
CA ASP A 569 -44.51 -8.21 13.93
C ASP A 569 -44.54 -6.71 13.85
N GLN A 570 -43.98 -6.17 12.77
CA GLN A 570 -44.09 -4.73 12.53
C GLN A 570 -43.63 -3.86 13.72
N GLY A 571 -42.49 -4.23 14.31
CA GLY A 571 -41.90 -3.39 15.34
C GLY A 571 -42.63 -3.46 16.66
N ARG A 572 -43.50 -4.47 16.81
CA ARG A 572 -44.23 -4.67 18.08
C ARG A 572 -44.32 -6.13 18.49
N LEU A 573 -44.70 -6.35 19.75
CA LEU A 573 -44.87 -7.72 20.23
C LEU A 573 -46.25 -8.25 19.85
N ALA A 574 -46.27 -9.14 18.87
CA ALA A 574 -47.53 -9.72 18.40
C ALA A 574 -48.00 -10.89 19.27
N GLU A 575 -47.11 -11.84 19.52
CA GLU A 575 -47.45 -13.06 20.21
C GLU A 575 -46.38 -13.41 21.23
N GLN A 576 -46.79 -14.13 22.26
CA GLN A 576 -45.90 -14.58 23.32
C GLN A 576 -46.31 -15.94 23.85
N GLY A 577 -45.32 -16.80 24.10
CA GLY A 577 -45.63 -18.07 24.75
C GLY A 577 -44.74 -19.21 24.35
N SER A 578 -45.02 -20.39 24.90
CA SER A 578 -44.24 -21.60 24.61
C SER A 578 -44.50 -22.01 23.18
N HIS A 579 -43.62 -22.82 22.62
CA HIS A 579 -43.71 -23.22 21.22
C HIS A 579 -45.06 -23.89 20.96
N LEU A 580 -45.49 -24.72 21.92
CA LEU A 580 -46.77 -25.39 21.86
C LEU A 580 -47.98 -24.45 22.00
N ASP A 581 -47.93 -23.49 22.93
CA ASP A 581 -49.00 -22.51 23.11
C ASP A 581 -49.18 -21.78 21.79
N LEU A 582 -48.05 -21.44 21.19
CA LEU A 582 -48.03 -20.71 19.94
C LEU A 582 -48.54 -21.50 18.75
N LEU A 583 -48.25 -22.81 18.69
CA LEU A 583 -48.82 -23.61 17.61
C LEU A 583 -50.34 -23.72 17.80
N ARG A 584 -50.74 -23.84 19.07
CA ARG A 584 -52.15 -23.96 19.45
C ARG A 584 -52.96 -22.75 19.04
N ARG A 585 -52.36 -21.57 19.17
CA ARG A 585 -53.06 -20.32 18.82
C ARG A 585 -53.38 -20.21 17.34
N ASP A 586 -52.64 -20.94 16.52
CA ASP A 586 -52.80 -20.86 15.06
C ASP A 586 -52.64 -19.41 14.58
N GLY A 587 -51.67 -18.71 15.17
CA GLY A 587 -51.37 -17.33 14.82
C GLY A 587 -50.15 -17.16 13.93
N LEU A 588 -49.44 -16.06 14.14
CA LEU A 588 -48.28 -15.72 13.30
C LEU A 588 -47.12 -16.72 13.43
N TYR A 589 -46.84 -17.15 14.65
CA TYR A 589 -45.80 -18.12 14.85
C TYR A 589 -46.17 -19.42 14.16
N ALA A 590 -47.44 -19.81 14.29
CA ALA A 590 -47.92 -21.07 13.71
C ALA A 590 -47.77 -21.08 12.19
N GLU A 591 -48.16 -19.97 11.58
CA GLU A 591 -48.06 -19.84 10.14
C GLU A 591 -46.60 -19.99 9.71
N MSE A 592 -45.74 -19.23 10.37
CA MSE A 592 -44.31 -19.24 10.12
C MSE A 592 -43.79 -20.65 10.25
O MSE A 592 -43.08 -21.16 9.36
CB MSE A 592 -43.59 -18.35 11.12
CG MSE A 592 -43.84 -16.87 10.91
SE MSE A 592 -42.91 -15.70 12.18
CE MSE A 592 -41.17 -15.83 11.30
N TRP A 593 -44.20 -21.31 11.34
CA TRP A 593 -43.67 -22.63 11.60
C TRP A 593 -44.02 -23.51 10.41
N ALA A 594 -45.30 -23.45 10.05
CA ALA A 594 -45.83 -24.31 9.01
C ALA A 594 -45.02 -24.06 7.75
N ARG A 595 -44.84 -22.80 7.41
CA ARG A 595 -44.15 -22.48 6.18
C ARG A 595 -42.73 -22.99 6.19
N GLN A 596 -42.04 -22.80 7.31
CA GLN A 596 -40.64 -23.19 7.34
C GLN A 596 -40.59 -24.69 7.17
N ALA A 597 -41.53 -25.40 7.80
CA ALA A 597 -41.52 -26.86 7.72
C ALA A 597 -41.67 -27.24 6.26
N ALA A 598 -42.58 -26.55 5.59
CA ALA A 598 -42.88 -26.88 4.21
C ALA A 598 -41.60 -26.72 3.42
N GLU A 599 -40.91 -25.60 3.61
CA GLU A 599 -39.71 -25.34 2.82
C GLU A 599 -38.67 -26.41 3.04
N SER A 600 -38.48 -26.83 4.30
CA SER A 600 -37.43 -27.79 4.55
C SER A 600 -37.75 -29.08 3.80
N ALA A 601 -39.03 -29.48 3.84
CA ALA A 601 -39.46 -30.69 3.16
C ALA A 601 -39.19 -30.55 1.67
N GLU A 602 -39.47 -29.38 1.11
CA GLU A 602 -39.28 -29.17 -0.32
C GLU A 602 -37.81 -29.37 -0.64
N VAL A 603 -36.95 -28.82 0.22
CA VAL A 603 -35.51 -28.94 0.03
C VAL A 603 -35.13 -30.42 0.16
N SER A 604 -35.79 -31.11 1.09
CA SER A 604 -35.56 -32.54 1.28
C SER A 604 -35.98 -33.30 0.03
N GLU A 605 -36.99 -32.78 -0.67
CA GLU A 605 -37.48 -33.38 -1.91
C GLU A 605 -36.39 -33.58 -2.95
N ALA A 606 -35.52 -32.59 -3.12
CA ALA A 606 -34.51 -32.68 -4.15
C ALA A 606 -33.38 -33.53 -3.59
N ALA A 607 -33.45 -34.82 -3.93
CA ALA A 607 -32.50 -35.84 -3.53
C ALA A 607 -32.91 -37.14 -4.20
N PRO B 9 28.30 -12.94 -21.36
CA PRO B 9 26.94 -12.44 -21.16
C PRO B 9 26.46 -12.62 -19.71
N LYS B 10 25.55 -13.57 -19.50
CA LYS B 10 25.05 -13.97 -18.19
C LYS B 10 26.13 -14.70 -17.39
N ASP B 11 27.16 -15.13 -18.11
CA ASP B 11 28.30 -15.81 -17.55
C ASP B 11 29.24 -14.73 -16.99
N ALA B 12 28.89 -14.19 -15.82
CA ALA B 12 29.60 -13.06 -15.24
C ALA B 12 29.43 -13.04 -13.72
N ARG B 13 30.15 -12.13 -13.07
CA ARG B 13 30.21 -12.08 -11.59
C ARG B 13 28.87 -11.86 -10.87
N HIS B 14 27.81 -11.55 -11.62
CA HIS B 14 26.50 -11.21 -11.02
C HIS B 14 26.61 -10.12 -9.95
N ASP B 15 27.05 -8.96 -10.39
CA ASP B 15 27.13 -7.79 -9.53
C ASP B 15 26.28 -6.68 -10.13
N GLY B 16 26.41 -5.46 -9.59
CA GLY B 16 25.66 -4.34 -10.11
C GLY B 16 26.03 -4.14 -11.57
N TRP B 17 27.30 -4.40 -11.89
CA TRP B 17 27.78 -4.19 -13.24
C TRP B 17 27.03 -5.06 -14.24
N GLN B 18 26.79 -6.32 -13.89
CA GLN B 18 26.10 -7.18 -14.82
C GLN B 18 24.66 -6.75 -15.06
N THR B 19 23.97 -6.37 -13.97
CA THR B 19 22.59 -5.94 -14.03
C THR B 19 22.50 -4.71 -14.93
N LEU B 20 23.42 -3.78 -14.72
CA LEU B 20 23.49 -2.57 -15.50
C LEU B 20 23.77 -2.80 -16.98
N LYS B 21 24.73 -3.67 -17.25
CA LYS B 21 25.09 -3.97 -18.64
C LYS B 21 23.92 -4.60 -19.35
N ARG B 22 23.19 -5.42 -18.58
CA ARG B 22 21.98 -6.05 -19.05
C ARG B 22 20.93 -4.99 -19.39
N PHE B 23 20.81 -3.96 -18.56
CA PHE B 23 19.87 -2.87 -18.85
C PHE B 23 20.26 -1.99 -20.02
N LEU B 24 21.54 -1.99 -20.36
CA LEU B 24 22.02 -1.00 -21.33
C LEU B 24 21.34 -1.02 -22.71
N PRO B 25 21.01 -2.21 -23.24
CA PRO B 25 20.32 -2.24 -24.54
C PRO B 25 18.96 -1.53 -24.54
N TYR B 26 18.29 -1.44 -23.39
CA TYR B 26 17.04 -0.69 -23.30
C TYR B 26 17.25 0.80 -23.50
N LEU B 27 18.33 1.34 -22.94
CA LEU B 27 18.70 2.74 -23.12
C LEU B 27 19.21 3.05 -24.53
N TRP B 28 19.80 2.06 -25.19
CA TRP B 28 20.34 2.24 -26.53
C TRP B 28 19.71 1.18 -27.40
N PRO B 29 18.42 1.35 -27.73
CA PRO B 29 17.53 0.29 -28.22
C PRO B 29 17.96 -0.42 -29.49
N ALA B 30 18.45 0.34 -30.48
CA ALA B 30 18.83 -0.19 -31.79
C ALA B 30 17.60 -0.58 -32.62
N ASP B 31 16.43 -0.21 -32.12
CA ASP B 31 15.20 -0.33 -32.86
C ASP B 31 14.80 1.10 -33.14
N ASN B 32 14.88 1.89 -32.08
CA ASN B 32 14.43 3.28 -32.07
C ASN B 32 15.58 4.25 -32.31
N ALA B 33 15.55 4.94 -33.44
CA ALA B 33 16.57 5.94 -33.74
C ALA B 33 16.42 7.19 -32.85
N VAL B 34 15.18 7.62 -32.68
CA VAL B 34 14.87 8.85 -31.97
C VAL B 34 15.42 8.81 -30.54
N LEU B 35 15.25 7.69 -29.86
CA LEU B 35 15.74 7.54 -28.50
C LEU B 35 17.26 7.61 -28.46
N ARG B 36 17.90 7.05 -29.48
CA ARG B 36 19.36 7.08 -29.57
C ARG B 36 19.82 8.54 -29.71
N ARG B 37 19.08 9.30 -30.50
CA ARG B 37 19.36 10.73 -30.67
C ARG B 37 19.21 11.43 -29.34
N ARG B 38 18.16 11.09 -28.60
CA ARG B 38 17.91 11.70 -27.30
C ARG B 38 19.02 11.40 -26.30
N VAL B 39 19.53 10.17 -26.34
CA VAL B 39 20.62 9.81 -25.47
C VAL B 39 21.84 10.64 -25.82
N VAL B 40 22.10 10.81 -27.11
CA VAL B 40 23.24 11.60 -27.53
C VAL B 40 23.08 13.05 -27.04
N GLY B 41 21.90 13.62 -27.27
CA GLY B 41 21.63 15.00 -26.90
C GLY B 41 21.79 15.20 -25.41
N ALA B 42 21.34 14.22 -24.64
CA ALA B 42 21.45 14.30 -23.20
C ALA B 42 22.92 14.27 -22.78
N ILE B 43 23.72 13.44 -23.45
CA ILE B 43 25.15 13.38 -23.15
C ILE B 43 25.85 14.71 -23.45
N LEU B 44 25.46 15.33 -24.56
CA LEU B 44 25.98 16.63 -24.96
C LEU B 44 25.62 17.66 -23.90
N MSE B 45 24.42 17.50 -23.35
CA MSE B 45 23.95 18.41 -22.32
C MSE B 45 24.77 18.25 -21.07
O MSE B 45 25.04 19.22 -20.35
CB MSE B 45 22.48 18.15 -22.05
CG MSE B 45 21.58 18.71 -23.13
SE MSE B 45 22.11 20.51 -23.64
CE MSE B 45 20.39 21.16 -24.26
N VAL B 46 25.18 17.02 -20.78
CA VAL B 46 26.07 16.76 -19.67
C VAL B 46 27.44 17.42 -19.87
N LEU B 47 28.01 17.24 -21.06
CA LEU B 47 29.33 17.81 -21.33
C LEU B 47 29.32 19.34 -21.30
N LEU B 48 28.30 19.94 -21.90
CA LEU B 48 28.13 21.38 -21.86
C LEU B 48 27.98 21.86 -20.43
N GLY B 49 27.15 21.17 -19.66
CA GLY B 49 26.88 21.61 -18.31
C GLY B 49 28.13 21.56 -17.44
N LYS B 50 28.90 20.48 -17.56
CA LYS B 50 30.15 20.38 -16.82
C LYS B 50 31.17 21.41 -17.28
N ALA B 51 31.24 21.63 -18.59
CA ALA B 51 32.17 22.59 -19.14
C ALA B 51 31.85 23.95 -18.53
N THR B 52 30.56 24.28 -18.50
CA THR B 52 30.10 25.56 -17.99
C THR B 52 30.43 25.73 -16.52
N THR B 53 30.10 24.72 -15.72
CA THR B 53 30.34 24.82 -14.27
C THR B 53 31.82 24.85 -13.92
N LEU B 54 32.64 24.17 -14.71
CA LEU B 54 34.09 24.23 -14.50
C LEU B 54 34.63 25.61 -14.90
N ALA B 55 34.08 26.19 -15.98
CA ALA B 55 34.47 27.50 -16.45
C ALA B 55 34.11 28.64 -15.51
N LEU B 56 32.91 28.62 -14.96
CA LEU B 56 32.44 29.80 -14.21
C LEU B 56 33.25 30.22 -12.97
N PRO B 57 33.88 29.27 -12.26
CA PRO B 57 34.78 29.68 -11.17
C PRO B 57 36.02 30.43 -11.67
N PHE B 58 36.49 30.13 -12.88
CA PHE B 58 37.59 30.87 -13.48
C PHE B 58 37.18 32.33 -13.68
N ALA B 59 35.92 32.54 -14.07
CA ALA B 59 35.38 33.88 -14.27
C ALA B 59 35.39 34.67 -12.95
N TYR B 60 35.12 33.96 -11.87
CA TYR B 60 35.15 34.55 -10.54
C TYR B 60 36.59 34.95 -10.15
N LYS B 61 37.54 34.07 -10.48
CA LYS B 61 38.95 34.26 -10.16
C LYS B 61 39.47 35.55 -10.82
N LYS B 62 39.13 35.73 -12.10
CA LYS B 62 39.59 36.86 -12.87
C LYS B 62 39.07 38.18 -12.31
N ALA B 63 37.81 38.20 -11.92
CA ALA B 63 37.19 39.42 -11.42
C ALA B 63 37.92 39.87 -10.15
N VAL B 64 38.26 38.88 -9.33
CA VAL B 64 39.01 39.12 -8.11
C VAL B 64 40.42 39.56 -8.49
N ASP B 65 40.99 38.91 -9.50
CA ASP B 65 42.36 39.21 -9.94
C ASP B 65 42.46 40.63 -10.48
N ALA B 66 41.47 41.04 -11.27
CA ALA B 66 41.45 42.39 -11.82
C ALA B 66 41.38 43.46 -10.74
N MSE B 67 40.61 43.22 -9.69
CA MSE B 67 40.51 44.18 -8.59
C MSE B 67 41.79 44.20 -7.73
O MSE B 67 42.02 45.15 -6.99
CB MSE B 67 39.30 43.87 -7.68
CG MSE B 67 37.94 44.08 -8.33
SE MSE B 67 36.64 42.75 -7.76
CE MSE B 67 36.01 43.55 -6.07
N THR B 68 42.59 43.15 -7.85
CA THR B 68 43.81 43.02 -7.05
C THR B 68 45.09 43.20 -7.88
N LEU B 69 44.92 43.25 -9.20
CA LEU B 69 46.03 43.58 -10.08
C LEU B 69 45.70 44.79 -10.96
N GLY B 70 45.60 45.98 -10.36
CA GLY B 70 45.56 46.15 -8.91
C GLY B 70 46.39 47.26 -8.27
N GLY B 71 46.65 48.31 -9.04
CA GLY B 71 47.43 49.46 -8.61
C GLY B 71 46.54 50.61 -8.14
N GLY B 72 45.22 50.42 -8.12
CA GLY B 72 44.28 51.46 -7.72
C GLY B 72 42.90 51.36 -8.40
N ALA B 73 42.48 52.44 -9.06
CA ALA B 73 41.15 52.55 -9.71
C ALA B 73 41.38 52.66 -11.20
N GLN B 74 41.18 51.56 -11.92
CA GLN B 74 41.81 51.38 -13.24
C GLN B 74 40.77 50.83 -14.24
N PRO B 75 41.19 50.37 -15.45
CA PRO B 75 40.19 49.67 -16.28
C PRO B 75 39.69 48.38 -15.62
N ALA B 76 40.18 48.14 -14.40
CA ALA B 76 39.85 46.96 -13.64
C ALA B 76 38.34 46.94 -13.42
N LEU B 77 37.72 48.13 -13.35
CA LEU B 77 36.28 48.19 -13.18
C LEU B 77 35.54 47.50 -14.32
N THR B 78 35.95 47.79 -15.56
CA THR B 78 35.31 47.21 -16.72
C THR B 78 35.50 45.70 -16.75
N VAL B 79 36.73 45.26 -16.51
CA VAL B 79 37.07 43.83 -16.52
C VAL B 79 36.35 43.03 -15.42
N ALA B 80 36.34 43.58 -14.21
CA ALA B 80 35.68 42.95 -13.07
C ALA B 80 34.18 42.86 -13.35
N LEU B 81 33.62 43.92 -13.92
CA LEU B 81 32.21 43.93 -14.27
C LEU B 81 31.93 42.81 -15.26
N ALA B 82 32.77 42.73 -16.29
CA ALA B 82 32.56 41.77 -17.36
C ALA B 82 32.61 40.36 -16.81
N PHE B 83 33.58 40.12 -15.92
CA PHE B 83 33.74 38.81 -15.33
C PHE B 83 32.65 38.41 -14.34
N VAL B 84 32.17 39.33 -13.51
CA VAL B 84 31.07 38.96 -12.62
C VAL B 84 29.84 38.61 -13.48
N LEU B 85 29.60 39.39 -14.54
CA LEU B 85 28.47 39.11 -15.42
C LEU B 85 28.64 37.75 -16.09
N ALA B 86 29.87 37.43 -16.47
CA ALA B 86 30.14 36.14 -17.09
C ALA B 86 29.83 35.02 -16.08
N TYR B 87 30.22 35.23 -14.84
CA TYR B 87 30.04 34.23 -13.81
C TYR B 87 28.56 33.97 -13.55
N ALA B 88 27.77 35.02 -13.38
CA ALA B 88 26.34 34.87 -13.14
C ALA B 88 25.65 34.20 -14.33
N LEU B 89 25.99 34.66 -15.53
CA LEU B 89 25.43 34.06 -16.72
C LEU B 89 25.81 32.58 -16.80
N GLY B 90 27.01 32.25 -16.37
CA GLY B 90 27.49 30.88 -16.39
C GLY B 90 26.68 30.02 -15.44
N ARG B 91 26.38 30.57 -14.26
CA ARG B 91 25.59 29.87 -13.26
C ARG B 91 24.23 29.54 -13.81
N PHE B 92 23.57 30.54 -14.39
CA PHE B 92 22.26 30.27 -14.94
C PHE B 92 22.35 29.25 -16.06
N SER B 93 23.38 29.38 -16.88
CA SER B 93 23.53 28.53 -18.05
C SER B 93 23.73 27.04 -17.72
N GLY B 94 24.49 26.77 -16.67
CA GLY B 94 24.72 25.39 -16.26
C GLY B 94 23.43 24.74 -15.82
N VAL B 95 22.62 25.49 -15.09
CA VAL B 95 21.32 25.04 -14.64
C VAL B 95 20.43 24.75 -15.84
N LEU B 96 20.48 25.64 -16.83
CA LEU B 96 19.67 25.45 -18.03
C LEU B 96 20.10 24.16 -18.72
N PHE B 97 21.41 23.92 -18.78
CA PHE B 97 21.91 22.70 -19.41
C PHE B 97 21.50 21.45 -18.66
N ASP B 98 21.58 21.52 -17.34
CA ASP B 98 21.25 20.37 -16.49
C ASP B 98 19.76 19.99 -16.60
N ASN B 99 18.91 20.99 -16.53
CA ASN B 99 17.48 20.76 -16.70
C ASN B 99 17.13 20.35 -18.13
N LEU B 100 17.84 20.88 -19.11
CA LEU B 100 17.62 20.43 -20.48
C LEU B 100 18.04 18.97 -20.65
N ARG B 101 19.13 18.57 -19.99
CA ARG B 101 19.57 17.18 -20.05
C ARG B 101 18.48 16.31 -19.44
N ASN B 102 17.92 16.74 -18.32
CA ASN B 102 16.90 15.95 -17.66
C ASN B 102 15.70 15.74 -18.56
N ILE B 103 15.28 16.85 -19.17
CA ILE B 103 14.13 16.86 -20.05
C ILE B 103 14.32 15.98 -21.26
N VAL B 104 15.46 16.11 -21.94
CA VAL B 104 15.74 15.32 -23.14
C VAL B 104 15.80 13.84 -22.79
N PHE B 105 16.40 13.52 -21.65
CA PHE B 105 16.51 12.13 -21.26
C PHE B 105 15.23 11.45 -20.79
N GLU B 106 14.31 12.21 -20.18
CA GLU B 106 13.23 11.62 -19.39
C GLU B 106 12.40 10.66 -20.23
N ARG B 107 12.26 10.98 -21.50
CA ARG B 107 11.56 10.12 -22.43
C ARG B 107 12.31 8.80 -22.59
N VAL B 108 13.64 8.87 -22.63
CA VAL B 108 14.45 7.68 -22.77
C VAL B 108 14.28 6.78 -21.55
N GLY B 109 14.36 7.40 -20.39
CA GLY B 109 14.24 6.61 -19.18
C GLY B 109 12.89 5.94 -19.08
N GLN B 110 11.83 6.71 -19.38
CA GLN B 110 10.48 6.20 -19.29
C GLN B 110 10.24 5.04 -20.27
N ASP B 111 10.72 5.20 -21.50
CA ASP B 111 10.56 4.12 -22.47
C ASP B 111 11.33 2.86 -22.10
N ALA B 112 12.55 3.05 -21.64
CA ALA B 112 13.41 1.90 -21.30
C ALA B 112 12.83 1.11 -20.14
N THR B 113 12.39 1.80 -19.09
CA THR B 113 11.79 1.07 -17.98
C THR B 113 10.45 0.44 -18.35
N ARG B 114 9.71 1.08 -19.27
CA ARG B 114 8.46 0.47 -19.76
C ARG B 114 8.73 -0.82 -20.49
N HIS B 115 9.71 -0.81 -21.39
CA HIS B 115 10.03 -2.00 -22.15
C HIS B 115 10.52 -3.12 -21.23
N LEU B 116 11.29 -2.75 -20.20
CA LEU B 116 11.70 -3.78 -19.24
C LEU B 116 10.49 -4.39 -18.54
N ALA B 117 9.54 -3.53 -18.14
CA ALA B 117 8.35 -4.02 -17.45
C ALA B 117 7.53 -4.94 -18.34
N GLU B 118 7.36 -4.54 -19.60
CA GLU B 118 6.60 -5.30 -20.57
C GLU B 118 7.21 -6.67 -20.81
N ASN B 119 8.54 -6.71 -20.88
CA ASN B 119 9.24 -7.98 -21.04
C ASN B 119 9.01 -8.90 -19.84
N VAL B 120 9.07 -8.32 -18.65
CA VAL B 120 8.82 -9.11 -17.43
C VAL B 120 7.39 -9.62 -17.42
N PHE B 121 6.46 -8.79 -17.85
CA PHE B 121 5.03 -9.11 -17.84
C PHE B 121 4.77 -10.30 -18.76
N ALA B 122 5.33 -10.21 -19.96
CA ALA B 122 5.18 -11.26 -20.96
C ALA B 122 5.76 -12.55 -20.46
N ARG B 123 6.95 -12.48 -19.86
CA ARG B 123 7.55 -13.69 -19.37
C ARG B 123 6.73 -14.35 -18.25
N LEU B 124 6.23 -13.53 -17.32
CA LEU B 124 5.46 -14.03 -16.19
C LEU B 124 4.25 -14.79 -16.75
N HIS B 125 3.69 -14.32 -17.87
CA HIS B 125 2.64 -15.09 -18.52
C HIS B 125 3.12 -16.40 -19.17
N LYS B 126 4.33 -16.39 -19.71
CA LYS B 126 4.91 -17.62 -20.25
C LYS B 126 5.30 -18.66 -19.19
N LEU B 127 5.57 -18.23 -17.97
CA LEU B 127 6.06 -19.10 -16.91
C LEU B 127 4.97 -20.03 -16.40
N SER B 128 5.38 -21.01 -15.59
CA SER B 128 4.49 -22.06 -15.11
C SER B 128 3.41 -21.62 -14.13
N LEU B 129 2.29 -22.34 -14.14
CA LEU B 129 1.22 -22.07 -13.21
C LEU B 129 1.67 -22.34 -11.80
N ARG B 130 2.62 -23.26 -11.65
CA ARG B 130 3.01 -23.73 -10.33
C ARG B 130 3.69 -22.63 -9.52
N PHE B 131 3.98 -21.52 -10.18
CA PHE B 131 4.47 -20.31 -9.52
C PHE B 131 3.42 -19.56 -8.73
N HIS B 132 2.33 -20.25 -8.43
CA HIS B 132 1.38 -19.82 -7.41
C HIS B 132 0.94 -18.38 -7.58
N LEU B 133 0.40 -18.06 -8.76
CA LEU B 133 -0.05 -16.71 -9.00
C LEU B 133 -1.44 -16.54 -8.37
N ALA B 134 -1.46 -16.67 -7.03
CA ALA B 134 -2.64 -16.40 -6.22
C ALA B 134 -2.21 -15.79 -4.89
N ARG B 135 -2.51 -14.52 -4.73
CA ARG B 135 -1.97 -13.69 -3.65
C ARG B 135 -2.80 -12.42 -3.49
N ARG B 136 -2.27 -11.50 -2.71
CA ARG B 136 -2.99 -10.29 -2.35
C ARG B 136 -2.77 -9.13 -3.31
N THR B 137 -3.86 -8.50 -3.71
CA THR B 137 -3.79 -7.41 -4.68
C THR B 137 -2.98 -6.28 -4.05
N GLY B 138 -3.27 -6.00 -2.78
CA GLY B 138 -2.59 -4.95 -2.04
C GLY B 138 -1.11 -5.17 -1.81
N GLU B 139 -0.74 -6.38 -1.42
CA GLU B 139 0.66 -6.69 -1.15
C GLU B 139 1.51 -6.65 -2.44
N VAL B 140 1.01 -7.30 -3.48
CA VAL B 140 1.69 -7.32 -4.76
C VAL B 140 1.82 -5.89 -5.25
N THR B 141 0.73 -5.13 -5.16
CA THR B 141 0.72 -3.75 -5.64
C THR B 141 1.72 -2.88 -4.91
N LYS B 142 1.80 -3.04 -3.59
CA LYS B 142 2.78 -2.31 -2.77
C LYS B 142 4.21 -2.70 -3.15
N VAL B 143 4.45 -3.99 -3.38
CA VAL B 143 5.77 -4.48 -3.76
C VAL B 143 6.20 -3.91 -5.11
N ILE B 144 5.31 -3.98 -6.07
CA ILE B 144 5.57 -3.49 -7.41
C ILE B 144 5.75 -1.97 -7.42
N GLU B 145 4.96 -1.28 -6.59
CA GLU B 145 5.08 0.17 -6.50
C GLU B 145 6.45 0.51 -5.94
N ARG B 146 6.83 -0.25 -4.91
CA ARG B 146 8.08 -0.01 -4.21
C ARG B 146 9.27 -0.23 -5.15
N GLY B 147 9.22 -1.33 -5.89
CA GLY B 147 10.27 -1.67 -6.84
C GLY B 147 10.33 -0.72 -8.02
N THR B 148 9.18 -0.24 -8.48
CA THR B 148 9.14 0.70 -9.60
C THR B 148 9.85 1.97 -9.19
N LYS B 149 9.49 2.44 -7.99
CA LYS B 149 10.08 3.65 -7.46
C LYS B 149 11.59 3.42 -7.26
N SER B 150 11.93 2.22 -6.83
CA SER B 150 13.30 1.84 -6.55
C SER B 150 14.20 1.93 -7.78
N ILE B 151 13.76 1.26 -8.83
CA ILE B 151 14.50 1.26 -10.06
C ILE B 151 14.56 2.65 -10.70
N ASP B 152 13.46 3.41 -10.63
CA ASP B 152 13.48 4.74 -11.20
C ASP B 152 14.46 5.66 -10.49
N THR B 153 14.38 5.67 -9.16
CA THR B 153 15.21 6.56 -8.37
C THR B 153 16.65 6.20 -8.65
N MSE B 154 16.96 4.89 -8.59
CA MSE B 154 18.26 4.36 -9.00
C MSE B 154 18.76 4.87 -10.35
O MSE B 154 19.86 5.40 -10.39
CB MSE B 154 18.28 2.82 -9.02
CG MSE B 154 19.64 2.20 -9.44
SE MSE B 154 19.59 1.20 -11.08
CE MSE B 154 17.77 0.39 -11.07
N LEU B 155 18.00 4.71 -11.43
CA LEU B 155 18.45 5.22 -12.74
C LEU B 155 18.79 6.68 -12.72
N TYR B 156 17.90 7.49 -12.14
CA TYR B 156 18.14 8.92 -12.13
C TYR B 156 19.42 9.24 -11.35
N PHE B 157 19.60 8.64 -10.19
CA PHE B 157 20.80 8.87 -9.40
C PHE B 157 22.06 8.44 -10.12
N LEU B 158 22.00 7.29 -10.79
CA LEU B 158 23.17 6.79 -11.49
C LEU B 158 23.60 7.70 -12.62
N LEU B 159 22.66 8.00 -13.52
CA LEU B 159 22.97 8.79 -14.71
C LEU B 159 23.28 10.26 -14.42
N PHE B 160 22.48 10.85 -13.55
CA PHE B 160 22.48 12.29 -13.40
C PHE B 160 23.01 12.81 -12.08
N ASN B 161 23.60 11.93 -11.29
CA ASN B 161 24.31 12.34 -10.07
C ASN B 161 25.71 11.75 -10.04
N ILE B 162 25.79 10.43 -10.08
CA ILE B 162 27.07 9.74 -10.04
C ILE B 162 27.97 10.00 -11.24
N ALA B 163 27.44 9.80 -12.45
CA ALA B 163 28.27 9.95 -13.63
C ALA B 163 28.82 11.38 -13.85
N PRO B 164 27.95 12.42 -13.70
CA PRO B 164 28.46 13.79 -13.83
C PRO B 164 29.53 14.04 -12.80
N THR B 165 29.34 13.54 -11.58
CA THR B 165 30.30 13.70 -10.52
C THR B 165 31.63 13.01 -10.81
N VAL B 166 31.59 11.86 -11.48
CA VAL B 166 32.85 11.22 -11.87
C VAL B 166 33.59 12.12 -12.87
N ILE B 167 32.84 12.65 -13.83
CA ILE B 167 33.41 13.55 -14.84
C ILE B 167 34.04 14.81 -14.19
N GLU B 168 33.26 15.45 -13.33
CA GLU B 168 33.67 16.64 -12.62
C GLU B 168 34.88 16.38 -11.74
N LEU B 169 34.86 15.26 -11.03
CA LEU B 169 35.95 14.94 -10.13
C LEU B 169 37.22 14.74 -10.93
N THR B 170 37.12 14.05 -12.06
CA THR B 170 38.29 13.85 -12.89
C THR B 170 38.82 15.20 -13.41
N ALA B 171 37.91 16.05 -13.87
CA ALA B 171 38.28 17.35 -14.43
C ALA B 171 38.97 18.20 -13.38
N VAL B 172 38.40 18.23 -12.17
CA VAL B 172 38.99 18.94 -11.05
C VAL B 172 40.36 18.36 -10.74
N ILE B 173 40.55 17.06 -10.87
CA ILE B 173 41.89 16.52 -10.64
C ILE B 173 42.91 17.03 -11.66
N VAL B 174 42.53 17.04 -12.93
CA VAL B 174 43.41 17.53 -14.00
C VAL B 174 43.74 19.01 -13.82
N ILE B 175 42.70 19.79 -13.51
CA ILE B 175 42.84 21.23 -13.33
C ILE B 175 43.70 21.57 -12.11
N PHE B 176 43.38 20.96 -10.96
CA PHE B 176 44.12 21.18 -9.73
C PHE B 176 45.54 20.72 -9.95
N TRP B 177 45.70 19.74 -10.84
CA TRP B 177 47.03 19.23 -11.15
C TRP B 177 47.85 20.32 -11.84
N LEU B 178 47.30 20.84 -12.93
CA LEU B 178 48.00 21.82 -13.74
C LEU B 178 48.31 23.09 -12.97
N ASN B 179 47.42 23.51 -12.07
CA ASN B 179 47.60 24.82 -11.51
C ASN B 179 48.01 24.90 -10.04
N PHE B 180 48.22 23.77 -9.39
CA PHE B 180 48.56 23.78 -7.97
C PHE B 180 49.33 22.54 -7.59
N GLY B 181 49.56 22.41 -6.30
CA GLY B 181 50.03 21.19 -5.67
C GLY B 181 51.37 20.57 -6.04
N LEU B 182 51.38 19.25 -6.25
CA LEU B 182 50.18 18.43 -6.35
C LEU B 182 49.68 18.00 -4.99
N GLY B 183 50.14 18.68 -3.95
CA GLY B 183 49.65 18.45 -2.61
C GLY B 183 48.16 18.70 -2.61
N LEU B 184 47.71 19.68 -3.39
CA LEU B 184 46.29 19.98 -3.46
C LEU B 184 45.52 18.77 -4.00
N VAL B 185 46.05 18.18 -5.07
CA VAL B 185 45.43 17.04 -5.73
C VAL B 185 45.32 15.82 -4.81
N THR B 186 46.42 15.50 -4.13
CA THR B 186 46.39 14.37 -3.20
C THR B 186 45.44 14.66 -2.04
N ALA B 187 45.44 15.89 -1.56
CA ALA B 187 44.60 16.22 -0.42
C ALA B 187 43.11 16.05 -0.79
N THR B 188 42.71 16.58 -1.93
CA THR B 188 41.33 16.43 -2.37
C THR B 188 40.96 14.97 -2.69
N ILE B 189 41.87 14.23 -3.31
CA ILE B 189 41.60 12.82 -3.60
C ILE B 189 41.42 12.00 -2.31
N LEU B 190 42.29 12.22 -1.33
CA LEU B 190 42.13 11.57 -0.03
C LEU B 190 40.85 11.99 0.62
N ALA B 191 40.49 13.26 0.46
CA ALA B 191 39.27 13.76 1.09
C ALA B 191 38.06 13.02 0.51
N VAL B 192 38.03 12.88 -0.81
CA VAL B 192 36.93 12.19 -1.48
C VAL B 192 36.89 10.73 -1.04
N ILE B 193 38.06 10.10 -0.92
CA ILE B 193 38.08 8.70 -0.56
C ILE B 193 37.53 8.49 0.86
N ALA B 194 37.98 9.35 1.77
CA ALA B 194 37.52 9.27 3.14
C ALA B 194 36.02 9.54 3.19
N TYR B 195 35.59 10.51 2.39
CA TYR B 195 34.20 10.92 2.40
C TYR B 195 33.33 9.75 1.97
N VAL B 196 33.70 9.13 0.85
CA VAL B 196 32.94 8.01 0.30
C VAL B 196 32.90 6.83 1.24
N TRP B 197 34.05 6.44 1.77
CA TRP B 197 34.13 5.29 2.64
C TRP B 197 33.30 5.49 3.93
N THR B 198 33.43 6.68 4.51
CA THR B 198 32.70 7.03 5.72
C THR B 198 31.19 7.02 5.50
N THR B 199 30.77 7.63 4.39
CA THR B 199 29.37 7.73 4.03
C THR B 199 28.85 6.32 3.88
N ARG B 200 29.64 5.48 3.24
CA ARG B 200 29.22 4.12 2.95
C ARG B 200 28.99 3.31 4.21
N THR B 201 29.98 3.27 5.10
CA THR B 201 29.84 2.44 6.30
C THR B 201 28.71 2.94 7.22
N ILE B 202 28.64 4.25 7.39
CA ILE B 202 27.58 4.80 8.21
C ILE B 202 26.23 4.46 7.58
N THR B 203 26.17 4.52 6.25
CA THR B 203 24.94 4.25 5.52
C THR B 203 24.48 2.82 5.73
N GLU B 204 25.41 1.87 5.77
CA GLU B 204 25.00 0.48 5.96
C GLU B 204 24.31 0.31 7.32
N TRP B 205 24.93 0.91 8.33
CA TRP B 205 24.31 0.91 9.66
C TRP B 205 22.92 1.59 9.67
N ARG B 206 22.83 2.74 8.99
CA ARG B 206 21.60 3.52 8.88
C ARG B 206 20.48 2.77 8.17
N THR B 207 20.82 2.03 7.13
CA THR B 207 19.87 1.22 6.41
C THR B 207 19.30 0.12 7.31
N HIS B 208 20.16 -0.48 8.15
CA HIS B 208 19.62 -1.46 9.07
C HIS B 208 18.60 -0.81 10.05
N LEU B 209 18.95 0.37 10.56
CA LEU B 209 18.04 1.10 11.48
C LEU B 209 16.71 1.49 10.81
N ARG B 210 16.83 1.86 9.55
CA ARG B 210 15.67 2.23 8.74
C ARG B 210 14.72 1.04 8.59
N GLU B 211 15.30 -0.13 8.38
CA GLU B 211 14.51 -1.35 8.21
C GLU B 211 13.73 -1.68 9.49
N LYS B 212 14.41 -1.56 10.63
CA LYS B 212 13.71 -1.83 11.89
C LYS B 212 12.56 -0.84 12.16
N MSE B 213 12.83 0.44 11.92
CA MSE B 213 11.82 1.48 12.06
C MSE B 213 10.62 1.18 11.18
O MSE B 213 9.46 1.26 11.62
CB MSE B 213 12.41 2.83 11.68
CG MSE B 213 11.35 3.88 11.42
SE MSE B 213 12.12 5.53 10.71
CE MSE B 213 12.61 4.87 8.94
N ASN B 214 10.89 0.82 9.93
CA ASN B 214 9.82 0.51 9.00
C ASN B 214 8.95 -0.67 9.46
N ARG B 215 9.61 -1.70 9.97
CA ARG B 215 8.89 -2.87 10.45
C ARG B 215 7.99 -2.52 11.65
N LEU B 216 8.53 -1.70 12.55
CA LEU B 216 7.75 -1.27 13.72
C LEU B 216 6.55 -0.41 13.36
N ASP B 217 6.74 0.44 12.36
CA ASP B 217 5.70 1.31 11.86
C ASP B 217 4.57 0.45 11.32
N GLY B 218 4.94 -0.58 10.57
CA GLY B 218 3.96 -1.49 10.03
C GLY B 218 3.18 -2.17 11.13
N GLN B 219 3.88 -2.55 12.19
CA GLN B 219 3.20 -3.22 13.29
C GLN B 219 2.19 -2.32 14.03
N ALA B 220 2.56 -1.08 14.32
CA ALA B 220 1.63 -0.20 15.02
C ALA B 220 0.41 0.04 14.12
N LEU B 221 0.70 0.31 12.85
CA LEU B 221 -0.34 0.61 11.89
C LEU B 221 -1.30 -0.57 11.71
N ALA B 222 -0.76 -1.79 11.65
CA ALA B 222 -1.56 -2.99 11.53
C ALA B 222 -2.45 -3.10 12.76
N ARG B 223 -1.91 -2.77 13.92
CA ARG B 223 -2.73 -2.83 15.12
C ARG B 223 -3.93 -1.89 15.09
N ALA B 224 -3.68 -0.64 14.69
CA ALA B 224 -4.77 0.33 14.61
C ALA B 224 -5.82 -0.12 13.61
N VAL B 225 -5.36 -0.53 12.44
CA VAL B 225 -6.29 -0.90 11.38
C VAL B 225 -7.13 -2.12 11.74
N ASP B 226 -6.50 -3.12 12.36
CA ASP B 226 -7.23 -4.33 12.75
C ASP B 226 -8.25 -3.99 13.81
N SER B 227 -7.83 -3.09 14.70
CA SER B 227 -8.72 -2.65 15.76
C SER B 227 -9.97 -1.94 15.21
N LEU B 228 -9.76 -1.00 14.28
CA LEU B 228 -10.85 -0.22 13.72
C LEU B 228 -11.78 -1.02 12.86
N LEU B 229 -11.21 -1.93 12.09
CA LEU B 229 -12.03 -2.78 11.27
C LEU B 229 -12.76 -3.78 12.16
N ASN B 230 -12.38 -3.88 13.43
CA ASN B 230 -13.10 -4.77 14.34
C ASN B 230 -13.85 -4.03 15.45
N TYR B 231 -14.41 -2.89 15.06
CA TYR B 231 -15.08 -1.96 15.97
C TYR B 231 -16.23 -2.65 16.75
N GLU B 232 -17.01 -3.48 16.04
CA GLU B 232 -18.09 -4.21 16.70
C GLU B 232 -17.56 -5.13 17.81
N THR B 233 -16.53 -5.90 17.49
CA THR B 233 -16.00 -6.85 18.44
C THR B 233 -15.41 -6.13 19.63
N VAL B 234 -14.73 -5.00 19.37
CA VAL B 234 -14.15 -4.19 20.44
C VAL B 234 -15.23 -3.63 21.36
N LYS B 235 -16.37 -3.21 20.78
CA LYS B 235 -17.50 -2.77 21.59
C LYS B 235 -18.09 -3.92 22.41
N TYR B 236 -18.19 -5.10 21.79
CA TYR B 236 -18.81 -6.26 22.41
C TYR B 236 -18.12 -6.64 23.69
N PHE B 237 -16.82 -6.37 23.74
CA PHE B 237 -16.05 -6.71 24.94
C PHE B 237 -15.59 -5.50 25.70
N GLY B 238 -16.14 -4.34 25.33
CA GLY B 238 -15.86 -3.09 26.01
C GLY B 238 -14.37 -2.82 26.09
N ALA B 239 -13.66 -3.14 25.00
CA ALA B 239 -12.20 -3.22 25.01
C ALA B 239 -11.47 -1.99 24.44
N GLU B 240 -12.13 -0.83 24.40
CA GLU B 240 -11.54 0.37 23.80
C GLU B 240 -10.23 0.79 24.46
N SER B 241 -10.25 0.80 25.80
CA SER B 241 -9.07 1.15 26.56
C SER B 241 -7.95 0.17 26.25
N ARG B 242 -8.30 -1.11 26.15
CA ARG B 242 -7.32 -2.16 25.85
C ARG B 242 -6.66 -1.94 24.51
N GLU B 243 -7.49 -1.63 23.50
CA GLU B 243 -6.99 -1.44 22.14
C GLU B 243 -6.13 -0.20 22.06
N GLU B 244 -6.48 0.83 22.84
CA GLU B 244 -5.71 2.07 22.91
C GLU B 244 -4.35 1.82 23.49
N ALA B 245 -4.30 1.05 24.57
CA ALA B 245 -3.01 0.74 25.20
C ALA B 245 -2.14 -0.11 24.27
N ARG B 246 -2.80 -1.03 23.59
CA ARG B 246 -2.19 -1.88 22.58
C ARG B 246 -1.59 -1.08 21.42
N TYR B 247 -2.34 -0.10 20.93
CA TYR B 247 -1.81 0.76 19.89
C TYR B 247 -0.64 1.60 20.42
N ALA B 248 -0.83 2.15 21.63
CA ALA B 248 0.11 3.11 22.18
C ALA B 248 1.49 2.50 22.39
N SER B 249 1.55 1.25 22.87
CA SER B 249 2.87 0.62 23.07
C SER B 249 3.56 0.41 21.72
N ALA B 250 2.82 -0.02 20.72
CA ALA B 250 3.38 -0.22 19.40
C ALA B 250 3.90 1.13 18.83
N ALA B 251 3.13 2.18 19.08
CA ALA B 251 3.42 3.51 18.60
C ALA B 251 4.69 4.01 19.25
N ARG B 252 4.86 3.70 20.53
CA ARG B 252 6.09 4.03 21.24
C ARG B 252 7.32 3.27 20.73
N ALA B 253 7.15 1.99 20.41
CA ALA B 253 8.27 1.23 19.87
C ALA B 253 8.70 1.88 18.55
N TYR B 254 7.70 2.24 17.76
CA TYR B 254 7.97 2.88 16.49
C TYR B 254 8.71 4.21 16.69
N ALA B 255 8.24 5.03 17.63
CA ALA B 255 8.83 6.36 17.82
C ALA B 255 10.28 6.27 18.27
N ASP B 256 10.58 5.27 19.09
CA ASP B 256 11.96 5.06 19.53
C ASP B 256 12.84 4.73 18.33
N ALA B 257 12.37 3.81 17.49
CA ALA B 257 13.14 3.44 16.31
C ALA B 257 13.36 4.63 15.36
N ALA B 258 12.31 5.45 15.21
CA ALA B 258 12.39 6.62 14.35
C ALA B 258 13.40 7.62 14.90
N VAL B 259 13.39 7.83 16.22
CA VAL B 259 14.35 8.75 16.82
C VAL B 259 15.78 8.25 16.53
N LYS B 260 16.00 6.94 16.70
CA LYS B 260 17.33 6.40 16.42
C LYS B 260 17.78 6.57 14.97
N SER B 261 16.91 6.24 14.04
CA SER B 261 17.26 6.29 12.63
C SER B 261 17.58 7.76 12.23
N GLU B 262 16.71 8.68 12.66
CA GLU B 262 16.90 10.09 12.33
C GLU B 262 18.17 10.68 12.98
N ASN B 263 18.48 10.27 14.21
CA ASN B 263 19.70 10.74 14.85
C ASN B 263 20.93 10.26 14.07
N SER B 264 20.89 9.01 13.62
CA SER B 264 22.04 8.44 12.91
C SER B 264 22.27 9.25 11.64
N LEU B 265 21.21 9.81 11.09
CA LEU B 265 21.38 10.73 9.96
C LEU B 265 22.24 11.97 10.34
N GLY B 266 22.02 12.49 11.55
CA GLY B 266 22.78 13.63 12.04
C GLY B 266 24.25 13.25 12.13
N LEU B 267 24.49 12.04 12.59
CA LEU B 267 25.86 11.55 12.68
C LEU B 267 26.52 11.49 11.31
N LEU B 268 25.80 10.99 10.30
CA LEU B 268 26.40 10.93 8.97
C LEU B 268 26.72 12.33 8.42
N ASN B 269 25.80 13.25 8.65
CA ASN B 269 25.97 14.60 8.16
C ASN B 269 27.17 15.31 8.76
N ILE B 270 27.31 15.14 10.07
CA ILE B 270 28.42 15.69 10.82
C ILE B 270 29.73 15.06 10.36
N ALA B 271 29.73 13.75 10.14
CA ALA B 271 30.95 13.08 9.70
C ALA B 271 31.42 13.67 8.35
N GLN B 272 30.45 13.85 7.47
CA GLN B 272 30.68 14.40 6.14
C GLN B 272 31.19 15.85 6.21
N ALA B 273 30.60 16.61 7.13
CA ALA B 273 30.95 18.01 7.30
C ALA B 273 32.39 18.16 7.77
N LEU B 274 32.79 17.26 8.67
CA LEU B 274 34.14 17.27 9.17
C LEU B 274 35.10 16.99 8.04
N ILE B 275 34.83 15.95 7.25
CA ILE B 275 35.76 15.64 6.17
C ILE B 275 35.88 16.81 5.17
N VAL B 276 34.73 17.30 4.73
CA VAL B 276 34.73 18.36 3.73
C VAL B 276 35.49 19.58 4.25
N ASN B 277 35.16 19.98 5.47
CA ASN B 277 35.73 21.17 6.05
C ASN B 277 37.20 21.11 6.45
N LEU B 278 37.71 19.93 6.80
CA LEU B 278 39.15 19.81 6.97
C LEU B 278 39.74 20.06 5.62
N LEU B 279 39.19 19.43 4.59
CA LEU B 279 39.76 19.67 3.27
C LEU B 279 39.70 21.14 2.87
N MSE B 280 38.57 21.80 3.13
CA MSE B 280 38.41 23.20 2.83
C MSE B 280 39.51 23.99 3.52
O MSE B 280 40.20 24.80 2.89
CB MSE B 280 37.06 23.69 3.37
CG MSE B 280 36.65 25.10 2.89
SE MSE B 280 36.30 25.11 0.97
CE MSE B 280 35.10 23.55 0.82
N ALA B 281 39.65 23.74 4.82
CA ALA B 281 40.59 24.46 5.68
C ALA B 281 42.00 24.32 5.12
N GLY B 282 42.41 23.09 4.85
CA GLY B 282 43.73 22.83 4.35
C GLY B 282 43.96 23.44 2.98
N ALA B 283 43.01 23.26 2.09
CA ALA B 283 43.17 23.71 0.71
C ALA B 283 43.29 25.23 0.66
N MSE B 284 42.46 25.90 1.45
CA MSE B 284 42.41 27.35 1.42
C MSE B 284 43.62 27.92 2.14
O MSE B 284 44.19 28.91 1.70
CB MSE B 284 41.11 27.85 2.05
CG MSE B 284 39.87 27.76 1.15
SE MSE B 284 38.28 28.36 2.14
CE MSE B 284 37.83 29.93 1.10
N ALA B 285 44.01 27.29 3.25
CA ALA B 285 45.21 27.70 3.98
C ALA B 285 46.43 27.60 3.08
N TRP B 286 46.54 26.46 2.41
CA TRP B 286 47.67 26.21 1.53
C TRP B 286 47.65 27.22 0.38
N THR B 287 46.46 27.53 -0.12
CA THR B 287 46.34 28.49 -1.21
C THR B 287 46.82 29.87 -0.73
N VAL B 288 46.45 30.25 0.48
CA VAL B 288 46.85 31.52 1.05
C VAL B 288 48.37 31.56 1.18
N TYR B 289 48.94 30.46 1.66
CA TYR B 289 50.38 30.38 1.83
C TYR B 289 51.11 30.51 0.50
N GLY B 290 50.55 29.91 -0.54
CA GLY B 290 51.11 30.06 -1.87
C GLY B 290 51.00 31.49 -2.38
N TRP B 291 49.90 32.16 -2.05
CA TRP B 291 49.73 33.53 -2.48
C TRP B 291 50.74 34.42 -1.79
N SER B 292 51.06 34.08 -0.54
CA SER B 292 51.98 34.88 0.26
C SER B 292 53.36 34.94 -0.42
N GLN B 293 53.71 33.91 -1.16
CA GLN B 293 55.00 33.85 -1.82
C GLN B 293 54.94 34.37 -3.26
N GLY B 294 53.79 34.89 -3.65
CA GLY B 294 53.61 35.43 -4.99
C GLY B 294 53.43 34.38 -6.07
N LYS B 295 53.42 33.10 -5.67
CA LYS B 295 53.11 32.01 -6.60
C LYS B 295 51.67 31.99 -7.13
N LEU B 296 50.71 32.32 -6.28
CA LEU B 296 49.29 32.26 -6.65
C LEU B 296 48.60 33.59 -6.42
N THR B 297 47.66 33.94 -7.28
CA THR B 297 46.85 35.14 -7.11
C THR B 297 45.83 34.97 -5.99
N VAL B 298 45.29 36.09 -5.51
CA VAL B 298 44.19 36.08 -4.55
C VAL B 298 42.94 35.46 -5.16
N GLY B 299 42.82 35.54 -6.48
CA GLY B 299 41.71 34.95 -7.18
C GLY B 299 41.73 33.44 -7.00
N ASP B 300 42.92 32.91 -6.76
CA ASP B 300 43.09 31.48 -6.63
C ASP B 300 42.38 30.89 -5.41
N LEU B 301 42.29 31.66 -4.34
CA LEU B 301 41.60 31.24 -3.12
C LEU B 301 40.12 31.07 -3.42
N VAL B 302 39.57 32.04 -4.13
CA VAL B 302 38.18 31.98 -4.54
C VAL B 302 37.97 30.79 -5.50
N PHE B 303 38.97 30.57 -6.36
CA PHE B 303 38.93 29.51 -7.36
C PHE B 303 38.85 28.12 -6.71
N VAL B 304 39.73 27.89 -5.74
CA VAL B 304 39.78 26.63 -5.02
C VAL B 304 38.51 26.43 -4.20
N ASN B 305 38.08 27.49 -3.51
CA ASN B 305 36.90 27.41 -2.67
C ASN B 305 35.66 27.03 -3.49
N THR B 306 35.49 27.71 -4.62
CA THR B 306 34.36 27.42 -5.50
C THR B 306 34.46 25.99 -6.06
N TYR B 307 35.66 25.60 -6.48
CA TYR B 307 35.84 24.28 -7.07
C TYR B 307 35.44 23.18 -6.08
N LEU B 308 35.88 23.33 -4.84
CA LEU B 308 35.58 22.34 -3.82
C LEU B 308 34.09 22.32 -3.46
N THR B 309 33.47 23.49 -3.28
CA THR B 309 32.04 23.47 -2.92
C THR B 309 31.19 22.86 -4.03
N GLN B 310 31.52 23.19 -5.27
CA GLN B 310 30.83 22.59 -6.41
C GLN B 310 31.05 21.07 -6.46
N LEU B 311 32.26 20.63 -6.14
CA LEU B 311 32.59 19.22 -6.18
C LEU B 311 31.79 18.44 -5.14
N PHE B 312 31.66 19.03 -3.96
CA PHE B 312 31.06 18.30 -2.88
C PHE B 312 29.55 18.51 -2.74
N ARG B 313 28.97 19.34 -3.61
CA ARG B 313 27.51 19.49 -3.54
C ARG B 313 26.73 18.21 -3.92
N PRO B 314 27.10 17.53 -5.02
CA PRO B 314 26.38 16.27 -5.31
C PRO B 314 26.63 15.16 -4.29
N LEU B 315 27.73 15.25 -3.55
CA LEU B 315 28.09 14.22 -2.58
C LEU B 315 27.41 14.51 -1.26
N ASP B 316 26.66 15.61 -1.21
CA ASP B 316 25.86 15.91 -0.03
C ASP B 316 24.74 14.89 0.12
N MSE B 317 24.31 14.31 -1.01
CA MSE B 317 23.24 13.33 -1.01
C MSE B 317 23.75 11.89 -0.98
O MSE B 317 22.93 10.97 -0.96
CB MSE B 317 22.38 13.50 -2.26
CG MSE B 317 21.37 14.61 -2.19
SE MSE B 317 20.35 14.81 -3.82
CE MSE B 317 21.80 15.22 -5.04
N LEU B 318 25.07 11.72 -0.96
CA LEU B 318 25.70 10.44 -1.29
C LEU B 318 25.15 9.22 -0.55
N GLY B 319 24.80 9.39 0.73
CA GLY B 319 24.34 8.29 1.54
C GLY B 319 23.06 7.71 0.96
N MSE B 320 22.02 8.55 0.92
CA MSE B 320 20.75 8.22 0.26
C MSE B 320 20.96 7.62 -1.13
O MSE B 320 20.37 6.59 -1.48
CB MSE B 320 19.87 9.45 0.19
CG MSE B 320 18.80 9.40 -0.89
SE MSE B 320 17.81 11.07 -1.06
CE MSE B 320 16.29 10.70 0.10
N VAL B 321 21.79 8.29 -1.93
CA VAL B 321 22.08 7.83 -3.28
C VAL B 321 22.54 6.39 -3.23
N TYR B 322 23.50 6.14 -2.33
CA TYR B 322 24.05 4.81 -2.21
C TYR B 322 22.92 3.83 -1.82
N ARG B 323 22.12 4.17 -0.81
CA ARG B 323 21.12 3.21 -0.38
C ARG B 323 20.24 2.93 -1.58
N THR B 324 19.88 4.00 -2.25
CA THR B 324 18.93 3.88 -3.30
C THR B 324 19.51 3.08 -4.46
N ILE B 325 20.74 3.43 -4.83
CA ILE B 325 21.32 2.78 -5.99
C ILE B 325 21.46 1.30 -5.67
N ARG B 326 21.76 1.01 -4.42
CA ARG B 326 21.93 -0.37 -4.00
C ARG B 326 20.59 -1.10 -4.18
N GLN B 327 19.53 -0.53 -3.61
CA GLN B 327 18.24 -1.20 -3.60
C GLN B 327 17.71 -1.43 -5.00
N GLY B 328 17.84 -0.41 -5.83
CA GLY B 328 17.35 -0.52 -7.18
C GLY B 328 18.08 -1.62 -7.92
N LEU B 329 19.40 -1.70 -7.72
CA LEU B 329 20.19 -2.70 -8.43
C LEU B 329 19.71 -4.08 -8.00
N ILE B 330 19.35 -4.19 -6.74
CA ILE B 330 18.84 -5.45 -6.25
C ILE B 330 17.55 -5.79 -6.99
N ASP B 331 16.63 -4.83 -7.03
CA ASP B 331 15.32 -5.03 -7.62
C ASP B 331 15.35 -5.34 -9.12
N MSE B 332 16.16 -4.59 -9.85
CA MSE B 332 16.42 -4.89 -11.25
C MSE B 332 16.93 -6.33 -11.40
O MSE B 332 16.43 -7.07 -12.25
CB MSE B 332 17.43 -3.94 -11.84
CG MSE B 332 16.90 -3.42 -13.10
SE MSE B 332 18.21 -2.60 -14.23
CE MSE B 332 17.17 -3.21 -15.72
N ALA B 333 17.87 -6.72 -10.55
CA ALA B 333 18.49 -8.03 -10.64
C ALA B 333 17.34 -9.04 -10.53
N GLU B 334 16.42 -8.73 -9.63
CA GLU B 334 15.27 -9.58 -9.43
C GLU B 334 14.45 -9.67 -10.71
N MSE B 335 14.07 -8.53 -11.27
CA MSE B 335 13.47 -8.49 -12.61
C MSE B 335 14.14 -9.48 -13.56
O MSE B 335 13.49 -10.35 -14.13
CB MSE B 335 13.48 -7.07 -13.23
CG MSE B 335 12.48 -6.07 -12.65
SE MSE B 335 10.73 -6.88 -12.20
CE MSE B 335 11.05 -7.61 -10.41
N PHE B 336 15.47 -9.41 -13.69
CA PHE B 336 16.11 -10.19 -14.73
C PHE B 336 16.08 -11.67 -14.41
N ARG B 337 16.11 -11.98 -13.12
CA ARG B 337 16.09 -13.34 -12.68
C ARG B 337 14.75 -13.95 -13.22
N LEU B 338 13.64 -13.21 -13.12
CA LEU B 338 12.39 -13.75 -13.66
C LEU B 338 12.46 -13.94 -15.16
N ILE B 339 13.03 -12.95 -15.83
CA ILE B 339 13.13 -13.05 -17.27
C ILE B 339 13.96 -14.26 -17.62
N ASP B 340 14.92 -14.56 -16.76
CA ASP B 340 15.78 -15.71 -16.97
C ASP B 340 15.16 -17.06 -16.64
N THR B 341 14.22 -17.08 -15.71
CA THR B 341 13.63 -18.35 -15.24
C THR B 341 13.05 -19.16 -16.37
N HIS B 342 13.37 -20.44 -16.36
CA HIS B 342 13.06 -21.26 -17.51
C HIS B 342 11.61 -21.72 -17.48
N ILE B 343 11.06 -21.91 -18.67
CA ILE B 343 9.65 -22.22 -18.84
C ILE B 343 9.43 -23.74 -18.84
N GLU B 344 8.67 -24.20 -17.87
CA GLU B 344 8.38 -25.62 -17.70
C GLU B 344 7.66 -26.23 -18.92
N VAL B 345 6.62 -25.55 -19.41
CA VAL B 345 5.84 -26.10 -20.52
C VAL B 345 6.01 -25.30 -21.80
N ALA B 346 6.59 -25.93 -22.82
CA ALA B 346 6.89 -25.22 -24.05
C ALA B 346 6.42 -25.97 -25.30
N ASP B 347 6.13 -25.20 -26.35
CA ASP B 347 5.85 -25.79 -27.65
C ASP B 347 7.15 -26.40 -28.16
N VAL B 348 7.07 -27.54 -28.83
CA VAL B 348 8.27 -28.12 -29.45
C VAL B 348 8.64 -27.23 -30.62
N PRO B 349 9.88 -27.32 -31.10
CA PRO B 349 10.25 -26.53 -32.27
C PRO B 349 9.34 -26.85 -33.46
N ASN B 350 8.88 -25.80 -34.14
CA ASN B 350 8.06 -25.93 -35.34
C ASN B 350 6.79 -26.72 -35.11
N ALA B 351 6.20 -26.54 -33.94
CA ALA B 351 5.01 -27.30 -33.58
C ALA B 351 3.87 -26.87 -34.49
N PRO B 352 3.13 -27.86 -35.01
CA PRO B 352 1.94 -27.65 -35.84
C PRO B 352 0.78 -27.21 -35.00
N ALA B 353 -0.22 -26.62 -35.62
CA ALA B 353 -1.45 -26.29 -34.92
C ALA B 353 -2.25 -27.57 -34.68
N LEU B 354 -3.02 -27.60 -33.60
CA LEU B 354 -3.95 -28.69 -33.41
C LEU B 354 -5.11 -28.49 -34.37
N VAL B 355 -5.51 -29.56 -35.04
CA VAL B 355 -6.68 -29.47 -35.90
C VAL B 355 -7.76 -30.42 -35.42
N VAL B 356 -8.85 -29.86 -34.93
CA VAL B 356 -9.93 -30.66 -34.38
C VAL B 356 -11.06 -30.86 -35.38
N ASN B 357 -11.04 -32.04 -35.99
CA ASN B 357 -12.06 -32.46 -36.93
C ASN B 357 -13.02 -33.45 -36.28
N ARG B 358 -12.49 -34.34 -35.45
CA ARG B 358 -13.27 -35.21 -34.58
C ARG B 358 -12.80 -35.00 -33.14
N PRO B 359 -13.66 -34.42 -32.28
CA PRO B 359 -13.16 -34.10 -30.93
C PRO B 359 -13.19 -35.23 -29.91
N SER B 360 -12.37 -36.26 -30.14
CA SER B 360 -12.16 -37.28 -29.12
C SER B 360 -11.08 -36.82 -28.16
N VAL B 361 -11.15 -37.31 -26.92
CA VAL B 361 -10.11 -37.07 -25.95
C VAL B 361 -9.61 -38.39 -25.40
N THR B 362 -8.29 -38.60 -25.51
CA THR B 362 -7.67 -39.82 -25.03
C THR B 362 -6.65 -39.55 -23.94
N PHE B 363 -6.78 -40.26 -22.84
CA PHE B 363 -5.69 -40.32 -21.88
C PHE B 363 -5.06 -41.69 -22.07
N ASP B 364 -3.76 -41.70 -22.37
CA ASP B 364 -2.99 -42.90 -22.67
C ASP B 364 -1.91 -43.13 -21.61
N ASN B 365 -2.22 -43.96 -20.60
CA ASN B 365 -1.23 -44.34 -19.60
C ASN B 365 -0.54 -43.17 -18.87
N VAL B 366 -1.36 -42.25 -18.39
CA VAL B 366 -0.85 -41.02 -17.86
C VAL B 366 -0.39 -41.17 -16.43
N VAL B 367 0.90 -40.89 -16.22
CA VAL B 367 1.53 -40.88 -14.91
C VAL B 367 1.87 -39.42 -14.61
N PHE B 368 1.35 -38.91 -13.50
CA PHE B 368 1.49 -37.51 -13.17
C PHE B 368 1.39 -37.21 -11.68
N GLY B 369 2.05 -36.14 -11.25
CA GLY B 369 1.87 -35.55 -9.94
C GLY B 369 2.38 -34.13 -10.06
N TYR B 370 1.97 -33.25 -9.14
CA TYR B 370 2.48 -31.89 -9.15
C TYR B 370 3.94 -31.85 -8.77
N ASP B 371 4.31 -32.64 -7.77
CA ASP B 371 5.69 -32.73 -7.33
C ASP B 371 6.18 -34.16 -7.43
N ARG B 372 7.47 -34.30 -7.73
CA ARG B 372 8.01 -35.61 -8.04
C ARG B 372 7.99 -36.57 -6.83
N ASP B 373 7.73 -36.05 -5.62
CA ASP B 373 7.61 -36.94 -4.47
C ASP B 373 6.17 -37.36 -4.15
N ARG B 374 5.21 -36.89 -4.93
CA ARG B 374 3.84 -37.34 -4.75
C ARG B 374 3.08 -37.62 -6.06
N GLU B 375 2.99 -38.89 -6.41
CA GLU B 375 2.40 -39.30 -7.68
C GLU B 375 0.89 -39.43 -7.49
N ILE B 376 0.14 -38.79 -8.37
CA ILE B 376 -1.32 -38.79 -8.25
C ILE B 376 -1.96 -39.74 -9.25
N LEU B 377 -1.56 -39.62 -10.51
CA LEU B 377 -2.05 -40.52 -11.53
C LEU B 377 -1.03 -41.61 -11.76
N HIS B 378 -1.50 -42.86 -11.72
CA HIS B 378 -0.61 -44.01 -11.72
C HIS B 378 -0.69 -44.83 -12.99
N GLY B 379 -1.08 -44.20 -14.08
CA GLY B 379 -1.18 -44.90 -15.34
C GLY B 379 -2.61 -44.83 -15.85
N LEU B 380 -3.18 -43.63 -15.85
CA LEU B 380 -4.58 -43.42 -16.22
C LEU B 380 -4.84 -43.49 -17.72
N SER B 381 -5.77 -44.37 -18.10
CA SER B 381 -6.18 -44.51 -19.50
C SER B 381 -7.70 -44.44 -19.66
N PHE B 382 -8.16 -43.61 -20.60
CA PHE B 382 -9.56 -43.60 -20.97
C PHE B 382 -9.79 -42.97 -22.34
N GLU B 383 -10.96 -43.28 -22.90
CA GLU B 383 -11.39 -42.72 -24.18
C GLU B 383 -12.73 -42.05 -24.05
N VAL B 384 -12.76 -40.80 -24.47
CA VAL B 384 -13.98 -40.04 -24.57
C VAL B 384 -14.34 -39.87 -26.02
N ALA B 385 -15.49 -40.44 -26.40
CA ALA B 385 -15.96 -40.36 -27.79
C ALA B 385 -16.39 -38.93 -28.16
N ALA B 386 -16.14 -38.55 -29.41
CA ALA B 386 -16.50 -37.21 -29.87
C ALA B 386 -18.02 -37.04 -29.74
N GLY B 387 -18.43 -35.93 -29.12
CA GLY B 387 -19.83 -35.58 -28.98
C GLY B 387 -20.54 -36.19 -27.79
N SER B 388 -19.86 -37.06 -27.05
CA SER B 388 -20.46 -37.68 -25.88
C SER B 388 -20.47 -36.76 -24.65
N ARG B 389 -21.38 -37.06 -23.73
CA ARG B 389 -21.44 -36.39 -22.44
C ARG B 389 -20.98 -37.37 -21.42
N VAL B 390 -19.84 -37.07 -20.83
CA VAL B 390 -19.16 -38.02 -19.98
C VAL B 390 -18.94 -37.43 -18.61
N ALA B 391 -18.94 -38.26 -17.58
CA ALA B 391 -18.63 -37.77 -16.25
C ALA B 391 -17.37 -38.48 -15.77
N ILE B 392 -16.55 -37.74 -15.02
CA ILE B 392 -15.41 -38.30 -14.32
C ILE B 392 -15.63 -38.04 -12.85
N VAL B 393 -15.74 -39.14 -12.09
CA VAL B 393 -15.97 -39.10 -10.63
C VAL B 393 -15.02 -40.08 -9.93
N GLY B 394 -14.83 -39.89 -8.62
CA GLY B 394 -14.08 -40.87 -7.87
C GLY B 394 -13.99 -40.43 -6.43
N PRO B 395 -13.46 -41.30 -5.56
CA PRO B 395 -13.23 -40.91 -4.16
C PRO B 395 -11.95 -40.09 -4.03
N SER B 396 -11.55 -39.83 -2.80
CA SER B 396 -10.54 -38.82 -2.46
C SER B 396 -9.14 -38.96 -3.07
N GLY B 397 -8.69 -40.17 -3.36
CA GLY B 397 -7.37 -40.28 -3.96
C GLY B 397 -7.38 -40.52 -5.45
N ALA B 398 -8.53 -40.32 -6.09
CA ALA B 398 -8.70 -40.72 -7.47
C ALA B 398 -7.79 -39.97 -8.45
N GLY B 399 -7.55 -38.69 -8.18
CA GLY B 399 -6.75 -37.84 -9.05
C GLY B 399 -7.52 -37.05 -10.09
N LYS B 400 -8.84 -37.01 -9.96
CA LYS B 400 -9.67 -36.34 -10.96
C LYS B 400 -9.44 -34.84 -11.08
N SER B 401 -8.99 -34.24 -9.99
CA SER B 401 -8.74 -32.80 -9.98
C SER B 401 -7.56 -32.40 -10.87
N THR B 402 -6.86 -33.39 -11.44
CA THR B 402 -5.74 -33.09 -12.31
C THR B 402 -6.18 -32.99 -13.75
N ILE B 403 -7.35 -33.53 -14.05
CA ILE B 403 -7.71 -33.73 -15.44
C ILE B 403 -7.70 -32.44 -16.25
N ALA B 404 -8.44 -31.44 -15.75
CA ALA B 404 -8.56 -30.17 -16.45
C ALA B 404 -7.17 -29.58 -16.63
N ARG B 405 -6.37 -29.61 -15.57
CA ARG B 405 -5.04 -29.00 -15.64
C ARG B 405 -4.14 -29.69 -16.64
N LEU B 406 -4.27 -31.02 -16.70
CA LEU B 406 -3.51 -31.74 -17.68
C LEU B 406 -4.03 -31.49 -19.09
N LEU B 407 -5.34 -31.41 -19.22
CA LEU B 407 -5.93 -31.25 -20.55
C LEU B 407 -5.58 -29.89 -21.21
N PHE B 408 -5.51 -28.82 -20.41
CA PHE B 408 -5.14 -27.50 -20.93
C PHE B 408 -3.62 -27.33 -20.95
N ARG B 409 -2.90 -28.41 -20.59
CA ARG B 409 -1.44 -28.42 -20.56
C ARG B 409 -0.80 -27.33 -19.68
N PHE B 410 -1.38 -27.13 -18.50
CA PHE B 410 -0.76 -26.40 -17.42
C PHE B 410 0.48 -27.16 -16.91
N TYR B 411 0.45 -28.49 -17.06
CA TYR B 411 1.58 -29.40 -16.79
C TYR B 411 1.63 -30.50 -17.84
N ASP B 412 2.79 -31.15 -17.96
CA ASP B 412 2.92 -32.31 -18.84
C ASP B 412 2.91 -33.57 -17.97
N PRO B 413 2.48 -34.71 -18.54
CA PRO B 413 2.58 -35.99 -17.82
C PRO B 413 4.04 -36.38 -17.59
N TRP B 414 4.34 -37.01 -16.46
CA TRP B 414 5.64 -37.59 -16.21
C TRP B 414 5.84 -38.70 -17.21
N GLU B 415 4.78 -39.47 -17.43
CA GLU B 415 4.78 -40.53 -18.43
C GLU B 415 3.42 -40.62 -19.12
N GLY B 416 3.43 -41.10 -20.36
CA GLY B 416 2.20 -41.22 -21.09
C GLY B 416 1.83 -39.94 -21.78
N ARG B 417 0.65 -39.91 -22.40
CA ARG B 417 0.29 -38.76 -23.20
C ARG B 417 -1.23 -38.53 -23.26
N ILE B 418 -1.62 -37.32 -23.69
CA ILE B 418 -3.02 -36.96 -23.86
C ILE B 418 -3.16 -36.63 -25.32
N LEU B 419 -4.26 -37.09 -25.90
CA LEU B 419 -4.54 -36.86 -27.31
C LEU B 419 -5.89 -36.18 -27.48
N ILE B 420 -5.96 -35.25 -28.41
CA ILE B 420 -7.24 -34.71 -28.85
C ILE B 420 -7.30 -35.03 -30.33
N ASP B 421 -8.42 -35.55 -30.80
CA ASP B 421 -8.51 -36.09 -32.16
C ASP B 421 -7.38 -37.10 -32.16
N GLY B 422 -6.52 -37.14 -33.15
CA GLY B 422 -5.49 -38.17 -33.01
C GLY B 422 -4.17 -37.72 -32.40
N GLN B 423 -4.14 -36.48 -31.92
CA GLN B 423 -2.91 -35.74 -31.71
C GLN B 423 -2.45 -35.48 -30.29
N ASP B 424 -1.17 -35.78 -30.04
CA ASP B 424 -0.53 -35.57 -28.76
C ASP B 424 -0.48 -34.05 -28.48
N ILE B 425 -1.12 -33.62 -27.41
CA ILE B 425 -1.23 -32.20 -27.11
C ILE B 425 0.13 -31.60 -26.72
N ALA B 426 1.05 -32.48 -26.33
CA ALA B 426 2.42 -32.08 -26.02
C ALA B 426 3.19 -31.63 -27.28
N HIS B 427 2.70 -32.03 -28.45
CA HIS B 427 3.40 -31.78 -29.73
C HIS B 427 2.75 -30.72 -30.61
N VAL B 428 1.69 -30.09 -30.12
CA VAL B 428 1.04 -29.01 -30.87
C VAL B 428 1.31 -27.66 -30.20
N THR B 429 0.88 -26.58 -30.85
CA THR B 429 1.03 -25.27 -30.22
C THR B 429 0.05 -25.14 -29.06
N GLN B 430 0.51 -24.52 -27.99
CA GLN B 430 -0.31 -24.36 -26.81
C GLN B 430 -1.57 -23.55 -27.13
N THR B 431 -1.41 -22.55 -28.00
CA THR B 431 -2.53 -21.70 -28.34
C THR B 431 -3.62 -22.43 -29.11
N SER B 432 -3.24 -23.29 -30.05
CA SER B 432 -4.26 -24.03 -30.78
C SER B 432 -5.02 -25.03 -29.89
N LEU B 433 -4.25 -25.65 -29.01
CA LEU B 433 -4.83 -26.57 -28.06
C LEU B 433 -5.85 -25.87 -27.17
N ARG B 434 -5.49 -24.73 -26.58
CA ARG B 434 -6.44 -24.09 -25.69
C ARG B 434 -7.62 -23.51 -26.47
N ALA B 435 -7.34 -23.23 -27.74
CA ALA B 435 -8.37 -22.78 -28.64
C ALA B 435 -9.48 -23.86 -28.81
N ALA B 436 -9.12 -25.15 -28.71
CA ALA B 436 -10.16 -26.20 -28.75
C ALA B 436 -10.92 -26.50 -27.44
N LEU B 437 -10.56 -25.85 -26.34
CA LEU B 437 -11.08 -26.25 -25.03
C LEU B 437 -11.93 -25.19 -24.37
N GLY B 438 -13.05 -25.61 -23.81
CA GLY B 438 -13.87 -24.73 -23.00
C GLY B 438 -13.81 -25.27 -21.59
N ILE B 439 -13.85 -24.38 -20.61
CA ILE B 439 -13.88 -24.78 -19.21
C ILE B 439 -14.84 -23.88 -18.44
N VAL B 440 -15.66 -24.47 -17.57
CA VAL B 440 -16.33 -23.72 -16.51
C VAL B 440 -15.77 -24.28 -15.20
N PRO B 441 -14.89 -23.52 -14.54
CA PRO B 441 -14.24 -23.97 -13.32
C PRO B 441 -15.14 -23.75 -12.11
N GLN B 442 -14.74 -24.28 -10.97
CA GLN B 442 -15.54 -24.19 -9.75
C GLN B 442 -15.76 -22.77 -9.27
N ASP B 443 -14.69 -21.99 -9.17
CA ASP B 443 -14.83 -20.57 -8.86
C ASP B 443 -14.41 -19.80 -10.08
N SER B 444 -15.38 -19.25 -10.79
CA SER B 444 -15.07 -18.48 -11.96
C SER B 444 -14.77 -17.12 -11.44
N VAL B 445 -13.90 -16.40 -12.13
CA VAL B 445 -13.49 -15.12 -11.66
C VAL B 445 -13.90 -14.06 -12.66
N LEU B 446 -14.18 -12.87 -12.15
CA LEU B 446 -14.55 -11.79 -13.03
C LEU B 446 -13.42 -10.78 -13.02
N PHE B 447 -13.07 -10.30 -14.21
CA PHE B 447 -12.15 -9.19 -14.31
C PHE B 447 -12.80 -7.93 -13.82
N ASN B 448 -11.97 -6.98 -13.43
CA ASN B 448 -12.42 -5.70 -12.91
C ASN B 448 -12.82 -4.78 -14.03
N ASP B 449 -14.03 -4.99 -14.54
CA ASP B 449 -14.45 -4.32 -15.75
C ASP B 449 -15.95 -4.62 -15.94
N THR B 450 -16.49 -4.32 -17.12
CA THR B 450 -17.92 -4.53 -17.39
C THR B 450 -18.31 -6.00 -17.61
N ILE B 451 -19.60 -6.31 -17.47
CA ILE B 451 -20.09 -7.67 -17.72
C ILE B 451 -19.86 -8.03 -19.18
N GLY B 452 -19.99 -7.04 -20.04
CA GLY B 452 -19.72 -7.22 -21.44
C GLY B 452 -18.27 -7.55 -21.72
N TYR B 453 -17.33 -6.89 -21.06
CA TYR B 453 -15.93 -7.16 -21.28
C TYR B 453 -15.64 -8.58 -20.86
N ASN B 454 -16.22 -8.95 -19.70
CA ASN B 454 -16.08 -10.27 -19.13
C ASN B 454 -16.62 -11.42 -19.98
N ILE B 455 -17.78 -11.21 -20.59
CA ILE B 455 -18.30 -12.21 -21.53
C ILE B 455 -17.52 -12.24 -22.83
N ALA B 456 -17.18 -11.06 -23.32
CA ALA B 456 -16.54 -10.91 -24.62
C ALA B 456 -15.16 -11.52 -24.58
N TYR B 457 -14.67 -11.73 -23.36
CA TYR B 457 -13.33 -12.23 -23.11
C TYR B 457 -13.13 -13.62 -23.72
N GLY B 458 -14.23 -14.33 -23.99
CA GLY B 458 -14.18 -15.69 -24.52
C GLY B 458 -13.50 -15.83 -25.88
N ARG B 459 -13.65 -14.81 -26.73
CA ARG B 459 -12.93 -14.74 -28.00
C ARG B 459 -12.51 -13.32 -28.30
N ASP B 460 -11.34 -13.14 -28.92
CA ASP B 460 -10.67 -11.86 -29.01
C ASP B 460 -11.48 -10.76 -29.70
N GLY B 461 -12.08 -11.07 -30.84
CA GLY B 461 -12.78 -10.01 -31.55
C GLY B 461 -14.28 -9.90 -31.30
N ALA B 462 -14.74 -10.47 -30.19
CA ALA B 462 -16.18 -10.73 -30.00
C ALA B 462 -17.07 -9.49 -30.11
N SER B 463 -18.10 -9.58 -30.95
CA SER B 463 -19.06 -8.50 -31.16
C SER B 463 -20.14 -8.54 -30.10
N ARG B 464 -20.88 -7.44 -29.95
CA ARG B 464 -21.97 -7.41 -28.99
C ARG B 464 -23.10 -8.37 -29.33
N ALA B 465 -23.28 -8.64 -30.61
CA ALA B 465 -24.29 -9.61 -31.02
C ALA B 465 -23.93 -10.94 -30.41
N GLU B 466 -22.64 -11.26 -30.51
CA GLU B 466 -22.10 -12.52 -29.96
C GLU B 466 -22.23 -12.59 -28.44
N VAL B 467 -21.97 -11.47 -27.78
CA VAL B 467 -22.11 -11.40 -26.34
C VAL B 467 -23.57 -11.66 -26.00
N ASP B 468 -24.49 -11.08 -26.78
CA ASP B 468 -25.91 -11.25 -26.55
C ASP B 468 -26.35 -12.69 -26.73
N ALA B 469 -25.87 -13.29 -27.81
CA ALA B 469 -26.18 -14.67 -28.11
C ALA B 469 -25.69 -15.59 -26.99
N ALA B 470 -24.47 -15.37 -26.52
CA ALA B 470 -23.91 -16.16 -25.43
C ALA B 470 -24.65 -15.94 -24.11
N ALA B 471 -24.97 -14.69 -23.81
CA ALA B 471 -25.70 -14.34 -22.59
C ALA B 471 -27.07 -15.01 -22.59
N LYS B 472 -27.69 -15.08 -23.77
CA LYS B 472 -28.95 -15.79 -23.91
C LYS B 472 -28.73 -17.28 -23.65
N GLY B 473 -27.70 -17.82 -24.30
CA GLY B 473 -27.39 -19.23 -24.17
C GLY B 473 -27.10 -19.68 -22.75
N ALA B 474 -26.58 -18.77 -21.94
CA ALA B 474 -26.29 -19.11 -20.55
C ALA B 474 -27.43 -18.68 -19.68
N ALA B 475 -28.46 -18.09 -20.31
CA ALA B 475 -29.62 -17.60 -19.57
C ALA B 475 -29.24 -16.59 -18.49
N ILE B 476 -28.34 -15.66 -18.82
CA ILE B 476 -28.05 -14.61 -17.85
C ILE B 476 -28.56 -13.30 -18.47
N ALA B 477 -29.10 -13.41 -19.68
CA ALA B 477 -29.48 -12.24 -20.46
C ALA B 477 -30.53 -11.36 -19.79
N ASP B 478 -31.55 -11.96 -19.19
CA ASP B 478 -32.60 -11.16 -18.54
C ASP B 478 -32.03 -10.37 -17.37
N PHE B 479 -31.16 -11.02 -16.60
CA PHE B 479 -30.55 -10.36 -15.46
C PHE B 479 -29.78 -9.12 -15.95
N ILE B 480 -29.05 -9.29 -17.03
CA ILE B 480 -28.27 -8.19 -17.58
C ILE B 480 -29.22 -7.09 -18.07
N ALA B 481 -30.35 -7.50 -18.65
CA ALA B 481 -31.34 -6.58 -19.20
C ALA B 481 -31.91 -5.68 -18.12
N ARG B 482 -32.07 -6.23 -16.92
CA ARG B 482 -32.62 -5.50 -15.79
C ARG B 482 -31.58 -4.64 -15.05
N LEU B 483 -30.34 -4.66 -15.49
CA LEU B 483 -29.37 -3.72 -14.98
C LEU B 483 -29.54 -2.41 -15.77
N PRO B 484 -29.36 -1.27 -15.10
CA PRO B 484 -29.51 0.03 -15.77
C PRO B 484 -28.55 0.17 -16.93
N GLN B 485 -27.27 -0.13 -16.74
CA GLN B 485 -26.30 0.02 -17.83
C GLN B 485 -26.12 -1.26 -18.61
N GLY B 486 -26.87 -2.31 -18.25
CA GLY B 486 -26.78 -3.57 -18.98
C GLY B 486 -25.37 -4.12 -19.05
N TYR B 487 -24.93 -4.42 -20.27
CA TYR B 487 -23.61 -4.96 -20.51
C TYR B 487 -22.48 -4.00 -20.13
N ASP B 488 -22.79 -2.72 -19.95
CA ASP B 488 -21.74 -1.77 -19.60
C ASP B 488 -21.66 -1.57 -18.08
N THR B 489 -22.40 -2.39 -17.36
CA THR B 489 -22.35 -2.43 -15.90
C THR B 489 -20.99 -2.93 -15.46
N GLU B 490 -20.27 -2.17 -14.63
CA GLU B 490 -18.99 -2.65 -14.13
C GLU B 490 -19.26 -3.68 -13.07
N VAL B 491 -18.42 -4.71 -13.06
CA VAL B 491 -18.52 -5.81 -12.10
C VAL B 491 -17.14 -6.10 -11.53
N GLY B 492 -17.06 -7.01 -10.56
CA GLY B 492 -15.81 -7.21 -9.81
C GLY B 492 -15.87 -6.15 -8.72
N GLU B 493 -14.73 -5.73 -8.21
CA GLU B 493 -14.76 -4.57 -7.31
C GLU B 493 -13.65 -3.56 -7.60
N ARG B 494 -13.94 -2.25 -7.48
CA ARG B 494 -15.25 -1.73 -7.07
C ARG B 494 -16.30 -1.73 -8.18
N GLY B 495 -17.12 -2.78 -8.19
CA GLY B 495 -18.12 -2.97 -9.22
C GLY B 495 -19.27 -3.75 -8.61
N LEU B 496 -20.30 -4.02 -9.40
CA LEU B 496 -21.44 -4.78 -8.91
C LEU B 496 -21.02 -6.17 -8.49
N LYS B 497 -21.56 -6.65 -7.38
CA LYS B 497 -21.24 -7.97 -6.88
C LYS B 497 -22.28 -8.93 -7.46
N LEU B 498 -21.79 -10.06 -7.97
CA LEU B 498 -22.68 -11.06 -8.53
C LEU B 498 -22.78 -12.27 -7.59
N SER B 499 -23.94 -12.93 -7.64
CA SER B 499 -24.13 -14.18 -6.89
C SER B 499 -23.29 -15.28 -7.54
N GLY B 500 -23.18 -16.42 -6.87
CA GLY B 500 -22.38 -17.49 -7.42
C GLY B 500 -22.96 -17.96 -8.75
N GLY B 501 -24.28 -18.14 -8.77
CA GLY B 501 -24.95 -18.59 -9.96
C GLY B 501 -24.79 -17.60 -11.10
N GLU B 502 -24.82 -16.32 -10.77
CA GLU B 502 -24.61 -15.28 -11.77
C GLU B 502 -23.19 -15.36 -12.35
N LYS B 503 -22.18 -15.54 -11.51
CA LYS B 503 -20.82 -15.69 -12.00
C LYS B 503 -20.62 -16.94 -12.85
N GLN B 504 -21.23 -18.06 -12.45
CA GLN B 504 -21.13 -19.29 -13.23
C GLN B 504 -21.80 -19.11 -14.58
N ARG B 505 -22.91 -18.40 -14.57
CA ARG B 505 -23.55 -18.09 -15.83
C ARG B 505 -22.67 -17.22 -16.74
N VAL B 506 -21.96 -16.24 -16.15
CA VAL B 506 -21.02 -15.43 -16.94
C VAL B 506 -19.91 -16.32 -17.50
N ALA B 507 -19.42 -17.26 -16.68
CA ALA B 507 -18.39 -18.19 -17.13
C ALA B 507 -18.87 -19.06 -18.30
N ILE B 508 -20.09 -19.59 -18.19
CA ILE B 508 -20.68 -20.36 -19.26
C ILE B 508 -20.82 -19.50 -20.51
N ALA B 509 -21.24 -18.25 -20.33
CA ALA B 509 -21.44 -17.36 -21.47
C ALA B 509 -20.11 -17.10 -22.19
N ARG B 510 -19.06 -16.96 -21.39
CA ARG B 510 -17.72 -16.71 -21.86
C ARG B 510 -17.29 -17.87 -22.75
N THR B 511 -17.55 -19.07 -22.27
CA THR B 511 -17.24 -20.24 -23.07
C THR B 511 -18.09 -20.34 -24.34
N LEU B 512 -19.33 -19.89 -24.26
CA LEU B 512 -20.21 -19.89 -25.44
C LEU B 512 -19.69 -18.93 -26.51
N VAL B 513 -19.18 -17.79 -26.08
CA VAL B 513 -18.52 -16.90 -27.03
C VAL B 513 -17.32 -17.59 -27.64
N LYS B 514 -16.54 -18.29 -26.83
CA LYS B 514 -15.43 -19.07 -27.41
C LYS B 514 -15.97 -20.13 -28.38
N ASN B 515 -17.09 -20.77 -28.03
CA ASN B 515 -17.67 -21.86 -28.85
C ASN B 515 -16.74 -23.03 -29.22
N PRO B 516 -16.17 -23.71 -28.21
CA PRO B 516 -15.23 -24.81 -28.44
C PRO B 516 -15.90 -26.18 -28.69
N PRO B 517 -15.20 -27.07 -29.42
CA PRO B 517 -15.63 -28.45 -29.68
C PRO B 517 -15.63 -29.30 -28.40
N ILE B 518 -14.73 -28.98 -27.47
CA ILE B 518 -14.61 -29.73 -26.22
C ILE B 518 -14.85 -28.81 -25.05
N LEU B 519 -15.73 -29.23 -24.15
CA LEU B 519 -16.13 -28.44 -23.01
C LEU B 519 -16.00 -29.23 -21.72
N LEU B 520 -15.36 -28.62 -20.72
CA LEU B 520 -15.11 -29.21 -19.42
C LEU B 520 -15.87 -28.47 -18.32
N PHE B 521 -16.67 -29.20 -17.56
CA PHE B 521 -17.24 -28.64 -16.35
C PHE B 521 -16.39 -29.15 -15.20
N ASP B 522 -15.63 -28.24 -14.60
CA ASP B 522 -14.66 -28.69 -13.59
C ASP B 522 -15.14 -28.31 -12.21
N GLU B 523 -15.89 -29.23 -11.61
CA GLU B 523 -16.57 -29.02 -10.33
C GLU B 523 -17.40 -27.75 -10.41
N ALA B 524 -18.09 -27.57 -11.53
CA ALA B 524 -18.77 -26.32 -11.87
C ALA B 524 -19.87 -25.91 -10.89
N THR B 525 -20.59 -26.88 -10.35
CA THR B 525 -21.69 -26.54 -9.44
C THR B 525 -21.33 -26.74 -7.95
N SER B 526 -20.08 -27.06 -7.68
CA SER B 526 -19.65 -27.44 -6.33
C SER B 526 -19.80 -26.36 -5.27
N ALA B 527 -19.71 -25.09 -5.66
CA ALA B 527 -19.82 -24.02 -4.69
C ALA B 527 -21.23 -23.45 -4.60
N LEU B 528 -22.14 -23.97 -5.42
CA LEU B 528 -23.49 -23.43 -5.47
C LEU B 528 -24.38 -24.11 -4.47
N ASP B 529 -25.45 -23.42 -4.07
CA ASP B 529 -26.47 -24.01 -3.24
C ASP B 529 -27.34 -24.95 -4.09
N THR B 530 -28.16 -25.75 -3.43
CA THR B 530 -28.92 -26.78 -4.11
C THR B 530 -29.83 -26.28 -5.24
N ARG B 531 -30.63 -25.26 -4.95
CA ARG B 531 -31.59 -24.70 -5.91
C ARG B 531 -30.86 -24.11 -7.13
N THR B 532 -29.79 -23.38 -6.84
CA THR B 532 -28.93 -22.80 -7.87
C THR B 532 -28.30 -23.91 -8.72
N GLU B 533 -27.86 -24.97 -8.06
CA GLU B 533 -27.24 -26.10 -8.74
C GLU B 533 -28.20 -26.73 -9.73
N GLN B 534 -29.44 -26.96 -9.26
CA GLN B 534 -30.47 -27.56 -10.10
C GLN B 534 -30.83 -26.71 -11.27
N ASP B 535 -30.89 -25.39 -11.05
CA ASP B 535 -31.17 -24.46 -12.15
C ASP B 535 -30.08 -24.47 -13.20
N ILE B 536 -28.84 -24.33 -12.75
CA ILE B 536 -27.71 -24.22 -13.67
C ILE B 536 -27.48 -25.53 -14.44
N LEU B 537 -27.89 -26.66 -13.87
CA LEU B 537 -27.72 -27.93 -14.54
C LEU B 537 -28.48 -28.01 -15.92
N SER B 538 -29.67 -27.42 -16.04
CA SER B 538 -30.33 -27.41 -17.37
C SER B 538 -29.59 -26.55 -18.38
N THR B 539 -29.08 -25.40 -17.93
CA THR B 539 -28.30 -24.56 -18.81
C THR B 539 -27.10 -25.35 -19.25
N MSE B 540 -26.44 -26.04 -18.32
CA MSE B 540 -25.24 -26.79 -18.66
C MSE B 540 -25.53 -27.90 -19.66
O MSE B 540 -24.73 -28.13 -20.59
CB MSE B 540 -24.54 -27.33 -17.41
CG MSE B 540 -23.78 -26.25 -16.66
SE MSE B 540 -23.34 -26.79 -14.83
CE MSE B 540 -22.46 -28.47 -15.26
N ARG B 541 -26.68 -28.54 -19.50
CA ARG B 541 -27.01 -29.68 -20.36
C ARG B 541 -27.27 -29.11 -21.76
N ALA B 542 -27.99 -28.00 -21.82
CA ALA B 542 -28.29 -27.33 -23.09
C ALA B 542 -27.04 -26.84 -23.81
N VAL B 543 -26.12 -26.28 -23.04
CA VAL B 543 -24.89 -25.76 -23.61
C VAL B 543 -23.98 -26.92 -24.04
N ALA B 544 -24.30 -28.13 -23.59
CA ALA B 544 -23.41 -29.24 -23.89
C ALA B 544 -23.75 -29.88 -25.23
N SER B 545 -24.68 -29.24 -25.95
CA SER B 545 -25.43 -29.90 -27.01
C SER B 545 -24.61 -30.51 -28.14
N HIS B 546 -23.74 -29.75 -28.78
CA HIS B 546 -23.00 -30.38 -29.88
C HIS B 546 -21.51 -30.34 -29.66
N ARG B 547 -21.13 -30.53 -28.40
CA ARG B 547 -19.74 -30.55 -28.00
C ARG B 547 -19.46 -31.86 -27.30
N THR B 548 -18.18 -32.24 -27.26
CA THR B 548 -17.71 -33.30 -26.39
C THR B 548 -17.65 -32.68 -25.01
N THR B 549 -18.35 -33.26 -24.02
CA THR B 549 -18.43 -32.66 -22.69
C THR B 549 -17.91 -33.58 -21.60
N ILE B 550 -16.99 -33.08 -20.77
CA ILE B 550 -16.42 -33.83 -19.66
C ILE B 550 -16.77 -33.13 -18.36
N SER B 551 -17.54 -33.78 -17.52
CA SER B 551 -17.95 -33.15 -16.27
C SER B 551 -17.27 -33.85 -15.11
N ILE B 552 -16.52 -33.08 -14.31
CA ILE B 552 -15.83 -33.61 -13.15
C ILE B 552 -16.60 -33.17 -11.93
N ALA B 553 -17.20 -34.12 -11.24
CA ALA B 553 -18.16 -33.77 -10.18
C ALA B 553 -17.97 -34.61 -8.94
N HIS B 554 -18.05 -33.96 -7.78
CA HIS B 554 -18.10 -34.62 -6.47
C HIS B 554 -19.43 -35.33 -6.20
N ARG B 555 -20.53 -34.68 -6.58
CA ARG B 555 -21.86 -35.19 -6.23
C ARG B 555 -22.50 -35.97 -7.38
N LEU B 556 -22.61 -37.28 -7.17
CA LEU B 556 -22.94 -38.19 -8.27
C LEU B 556 -24.30 -37.92 -8.91
N SER B 557 -25.26 -37.48 -8.10
CA SER B 557 -26.60 -37.26 -8.60
C SER B 557 -26.61 -36.21 -9.70
N THR B 558 -25.70 -35.25 -9.64
CA THR B 558 -25.61 -34.18 -10.64
C THR B 558 -25.08 -34.67 -12.01
N ILE B 559 -24.54 -35.88 -12.05
CA ILE B 559 -24.02 -36.40 -13.32
C ILE B 559 -24.62 -37.71 -13.76
N ALA B 560 -25.72 -38.13 -13.12
CA ALA B 560 -26.32 -39.44 -13.41
C ALA B 560 -26.86 -39.60 -14.82
N ASP B 561 -27.19 -38.51 -15.50
CA ASP B 561 -27.77 -38.60 -16.84
C ASP B 561 -26.72 -38.67 -17.94
N SER B 562 -25.48 -38.87 -17.55
CA SER B 562 -24.36 -38.87 -18.51
C SER B 562 -24.46 -40.05 -19.48
N ASP B 563 -23.91 -39.90 -20.68
CA ASP B 563 -23.85 -40.98 -21.63
C ASP B 563 -23.03 -42.11 -21.01
N THR B 564 -21.92 -41.73 -20.40
CA THR B 564 -21.13 -42.68 -19.66
C THR B 564 -20.37 -42.03 -18.52
N ILE B 565 -20.01 -42.83 -17.52
CA ILE B 565 -19.29 -42.30 -16.37
C ILE B 565 -17.99 -43.06 -16.18
N LEU B 566 -16.90 -42.31 -16.00
CA LEU B 566 -15.58 -42.89 -15.75
C LEU B 566 -15.37 -42.74 -14.26
N VAL B 567 -15.08 -43.85 -13.58
CA VAL B 567 -14.86 -43.85 -12.13
C VAL B 567 -13.38 -44.09 -11.86
N LEU B 568 -12.73 -43.15 -11.19
CA LEU B 568 -11.30 -43.30 -10.93
C LEU B 568 -11.09 -43.76 -9.50
N ASP B 569 -10.13 -44.67 -9.35
CA ASP B 569 -9.64 -45.04 -8.03
C ASP B 569 -8.11 -45.07 -8.08
N GLN B 570 -7.49 -44.35 -7.15
CA GLN B 570 -6.05 -44.39 -6.97
C GLN B 570 -5.28 -44.12 -8.26
N GLY B 571 -5.71 -43.10 -8.98
CA GLY B 571 -4.98 -42.64 -10.14
C GLY B 571 -5.13 -43.52 -11.35
N ARG B 572 -6.12 -44.41 -11.32
CA ARG B 572 -6.37 -45.29 -12.46
C ARG B 572 -7.88 -45.42 -12.71
N LEU B 573 -8.26 -45.89 -13.90
CA LEU B 573 -9.68 -46.06 -14.21
C LEU B 573 -10.17 -47.38 -13.59
N ALA B 574 -10.99 -47.28 -12.55
CA ALA B 574 -11.51 -48.45 -11.87
C ALA B 574 -12.76 -49.02 -12.55
N GLU B 575 -13.74 -48.17 -12.83
CA GLU B 575 -15.03 -48.61 -13.36
C GLU B 575 -15.48 -47.70 -14.50
N GLN B 576 -16.28 -48.23 -15.41
CA GLN B 576 -16.83 -47.43 -16.50
C GLN B 576 -18.23 -47.86 -16.90
N GLY B 577 -19.10 -46.90 -17.15
CA GLY B 577 -20.40 -47.20 -17.68
C GLY B 577 -21.47 -46.21 -17.28
N SER B 578 -22.68 -46.48 -17.75
CA SER B 578 -23.83 -45.63 -17.46
C SER B 578 -24.25 -45.80 -16.02
N HIS B 579 -25.05 -44.86 -15.54
CA HIS B 579 -25.41 -44.85 -14.13
C HIS B 579 -26.09 -46.16 -13.68
N LEU B 580 -27.01 -46.68 -14.51
CA LEU B 580 -27.69 -47.95 -14.19
C LEU B 580 -26.77 -49.16 -14.22
N ASP B 581 -25.89 -49.24 -15.24
CA ASP B 581 -24.90 -50.31 -15.30
C ASP B 581 -24.01 -50.28 -14.07
N LEU B 582 -23.59 -49.08 -13.67
CA LEU B 582 -22.71 -48.96 -12.51
C LEU B 582 -23.39 -49.33 -11.20
N LEU B 583 -24.68 -48.97 -11.05
CA LEU B 583 -25.41 -49.39 -9.86
C LEU B 583 -25.56 -50.92 -9.86
N ARG B 584 -25.75 -51.47 -11.06
CA ARG B 584 -25.92 -52.91 -11.26
C ARG B 584 -24.65 -53.66 -10.85
N ARG B 585 -23.48 -53.09 -11.16
CA ARG B 585 -22.21 -53.73 -10.86
C ARG B 585 -21.94 -53.90 -9.38
N ASP B 586 -22.62 -53.11 -8.55
CA ASP B 586 -22.41 -53.16 -7.11
C ASP B 586 -20.94 -52.94 -6.76
N GLY B 587 -20.29 -52.04 -7.49
CA GLY B 587 -18.89 -51.72 -7.25
C GLY B 587 -18.64 -50.43 -6.49
N LEU B 588 -17.55 -49.78 -6.85
CA LEU B 588 -17.16 -48.53 -6.18
C LEU B 588 -18.19 -47.41 -6.41
N TYR B 589 -18.68 -47.27 -7.63
CA TYR B 589 -19.66 -46.25 -7.93
C TYR B 589 -20.94 -46.50 -7.16
N ALA B 590 -21.37 -47.76 -7.09
CA ALA B 590 -22.59 -48.09 -6.38
C ALA B 590 -22.44 -47.70 -4.92
N GLU B 591 -21.30 -48.05 -4.34
CA GLU B 591 -21.07 -47.73 -2.94
C GLU B 591 -21.13 -46.23 -2.68
N MSE B 592 -20.38 -45.46 -3.45
CA MSE B 592 -20.42 -44.01 -3.39
C MSE B 592 -21.85 -43.51 -3.49
O MSE B 592 -22.28 -42.67 -2.67
CB MSE B 592 -19.59 -43.39 -4.51
CG MSE B 592 -18.10 -43.57 -4.39
SE MSE B 592 -17.16 -42.95 -6.00
CE MSE B 592 -17.20 -41.05 -5.55
N TRP B 593 -22.62 -44.06 -4.43
CA TRP B 593 -23.99 -43.61 -4.64
C TRP B 593 -24.76 -43.79 -3.35
N ALA B 594 -24.65 -44.98 -2.78
CA ALA B 594 -25.39 -45.30 -1.58
C ALA B 594 -24.97 -44.30 -0.51
N ARG B 595 -23.66 -44.10 -0.38
CA ARG B 595 -23.17 -43.26 0.69
C ARG B 595 -23.72 -41.84 0.52
N GLN B 596 -23.69 -41.33 -0.71
CA GLN B 596 -24.12 -39.96 -0.89
C GLN B 596 -25.59 -39.87 -0.54
N ALA B 597 -26.35 -40.89 -0.98
CA ALA B 597 -27.79 -40.89 -0.73
C ALA B 597 -28.00 -40.87 0.78
N ALA B 598 -27.22 -41.68 1.49
CA ALA B 598 -27.46 -41.78 2.92
C ALA B 598 -27.26 -40.42 3.54
N GLU B 599 -26.18 -39.74 3.15
CA GLU B 599 -25.87 -38.45 3.77
C GLU B 599 -26.97 -37.44 3.47
N SER B 600 -27.52 -37.49 2.26
CA SER B 600 -28.56 -36.54 1.87
C SER B 600 -29.76 -36.74 2.79
N ALA B 601 -30.04 -38.01 3.11
CA ALA B 601 -31.13 -38.32 4.01
C ALA B 601 -30.83 -37.77 5.41
N GLU B 602 -29.58 -37.93 5.85
CA GLU B 602 -29.21 -37.53 7.21
C GLU B 602 -29.43 -36.04 7.45
N VAL B 603 -29.02 -35.24 6.48
CA VAL B 603 -29.17 -33.79 6.58
C VAL B 603 -30.66 -33.47 6.64
N SER B 604 -31.46 -34.20 5.87
CA SER B 604 -32.91 -34.03 5.87
C SER B 604 -33.52 -34.43 7.20
N GLU B 605 -32.88 -35.38 7.89
CA GLU B 605 -33.36 -35.82 9.20
C GLU B 605 -33.43 -34.62 10.13
N ALA B 606 -32.31 -33.89 10.19
CA ALA B 606 -32.21 -32.72 11.06
C ALA B 606 -32.62 -31.44 10.34
N1 HGD C . 24.17 13.93 3.64
CA1 HGD C . 23.04 13.04 3.65
C1 HGD C . 23.38 11.76 2.95
OE1 HGD C . 24.49 11.64 2.34
OE2 HGD C . 22.55 10.82 2.98
CB1 HGD C . 21.84 13.68 2.91
CG1 HGD C . 21.26 14.95 3.57
CD1 HGD C . 19.78 15.08 3.15
O1 HGD C . 19.02 14.15 3.36
N2 HGD C . 19.30 16.30 2.52
CA2 HGD C . 17.91 16.45 2.09
C2 HGD C . 16.87 16.34 3.22
O2 HGD C . 16.45 15.23 3.56
CB2 HGD C . 17.65 15.42 1.01
SG2 HGD C . 19.01 15.58 -0.10
N3 HGD C . 16.39 17.55 3.86
CA3 HGD C . 16.90 18.82 3.41
C3 HGD C . 17.74 19.49 4.49
OE3 HGD C . 18.99 19.58 4.35
OE4 HGD C . 17.16 19.94 5.53
N4 HGD C . 17.44 17.81 -6.11
CA4 HGD C . 17.77 16.73 -7.03
C4 HGD C . 19.08 17.03 -7.77
OE5 HGD C . 19.68 16.11 -8.40
OE6 HGD C . 19.55 18.20 -7.75
C5 HGD C . 16.39 17.64 -5.11
O5 HGD C . 15.78 16.59 -5.06
CA5 HGD C . 16.06 18.80 -4.17
N5 HGD C . 15.96 20.04 -4.89
CB5 HGD C . 14.87 18.54 -3.23
SG5 HGD C . 15.32 17.32 -2.01
CA6 HGD C . 12.70 23.01 -7.07
C6 HGD C . 11.78 23.17 -5.82
OE7 HGD C . 11.69 24.29 -5.22
OE8 HGD C . 11.13 22.18 -5.42
N6 HGD C . 13.78 23.99 -7.01
CB6 HGD C . 13.24 21.55 -7.14
CG6 HGD C . 14.72 21.46 -6.66
CD6 HGD C . 14.89 20.17 -5.85
O6 HGD C . 14.09 19.26 -6.02
HG1 HGD C . 18.07 17.29 -2.04
N1 LDA D . -7.46 13.01 3.69
O1 LDA D . -7.03 14.18 3.81
CM1 LDA D . -8.92 13.05 3.49
CM2 LDA D . -6.86 12.42 2.48
C1 LDA D . -7.20 12.21 4.89
C2 LDA D . -5.73 11.83 5.00
C3 LDA D . -5.35 11.74 6.48
C4 LDA D . -4.28 10.71 6.82
C5 LDA D . -3.77 10.96 8.24
C6 LDA D . -2.64 10.06 8.75
C7 LDA D . -2.53 10.18 10.26
C8 LDA D . -1.10 10.24 10.80
C9 LDA D . -1.08 10.76 12.24
C10 LDA D . 0.12 11.68 12.50
C11 LDA D . 1.45 10.96 12.23
C12 LDA D . 2.51 11.85 11.57
N1 LDA E . 4.14 0.90 -13.42
O1 LDA E . 4.20 1.68 -12.44
CM1 LDA E . 5.44 0.94 -14.10
CM2 LDA E . 3.14 1.41 -14.36
C1 LDA E . 3.76 -0.43 -12.92
C2 LDA E . 4.66 -1.52 -13.52
C3 LDA E . 4.09 -2.93 -13.36
C4 LDA E . 4.57 -3.83 -14.50
C5 LDA E . 4.53 -5.32 -14.17
C6 LDA E . 5.82 -5.86 -13.58
C7 LDA E . 5.54 -7.16 -12.81
C8 LDA E . 6.65 -7.55 -11.84
C9 LDA E . 6.17 -8.66 -10.90
C10 LDA E . 7.26 -9.18 -9.98
C11 LDA E . 6.67 -9.56 -8.62
C12 LDA E . 6.86 -11.04 -8.27
P PO4 F . -35.70 -7.15 10.69
O1 PO4 F . -34.86 -7.30 9.44
O2 PO4 F . -36.81 -6.18 10.41
O3 PO4 F . -36.29 -8.48 11.09
O4 PO4 F . -34.83 -6.65 11.81
P PO4 G . 9.39 17.55 -6.80
O1 PO4 G . 8.57 16.77 -7.79
O2 PO4 G . 9.91 18.82 -7.45
O3 PO4 G . 8.54 17.95 -5.62
O4 PO4 G . 10.55 16.69 -6.35
N1 LDA H . 2.07 5.49 12.37
O1 LDA H . 2.22 4.43 13.01
CM1 LDA H . 1.83 5.17 10.94
CM2 LDA H . 3.27 6.31 12.48
C1 LDA H . 0.94 6.25 12.91
C2 LDA H . -0.35 5.53 12.51
C3 LDA H . -1.59 6.33 12.91
C4 LDA H . -2.77 5.44 13.29
C5 LDA H . -3.71 6.16 14.24
C6 LDA H . -5.15 6.15 13.74
C7 LDA H . -5.46 7.34 12.85
C8 LDA H . -6.41 6.94 11.72
C9 LDA H . -7.15 8.12 11.11
C10 LDA H . -7.31 7.97 9.61
C11 LDA H . -8.72 8.38 9.17
C12 LDA H . -9.18 7.51 8.01
N1 LDA I . 11.83 -7.38 -5.39
O1 LDA I . 11.23 -6.58 -4.64
CM1 LDA I . 11.16 -8.69 -5.32
CM2 LDA I . 13.22 -7.55 -4.92
C1 LDA I . 11.80 -6.90 -6.77
C2 LDA I . 10.53 -6.05 -6.92
C3 LDA I . 10.71 -4.99 -8.00
C4 LDA I . 9.48 -4.82 -8.90
C5 LDA I . 9.57 -3.53 -9.71
C6 LDA I . 8.97 -3.59 -11.11
C7 LDA I . 9.45 -2.39 -11.93
C8 LDA I . 9.66 -2.67 -13.42
C9 LDA I . 10.16 -1.42 -14.14
C10 LDA I . 9.05 -0.44 -14.53
C11 LDA I . 9.42 1.00 -14.12
C12 LDA I . 8.63 2.09 -14.86
P PO4 J . -7.81 -35.44 -5.70
O1 PO4 J . -8.38 -35.12 -7.06
O2 PO4 J . -6.37 -34.96 -5.58
O3 PO4 J . -8.65 -34.78 -4.63
O4 PO4 J . -7.82 -36.93 -5.53
P PO4 K . 17.29 9.72 3.92
O1 PO4 K . 15.83 9.33 3.85
O2 PO4 K . 18.08 8.96 2.88
O3 PO4 K . 17.41 11.20 3.64
O4 PO4 K . 17.85 9.42 5.28
#